data_5TBH
#
_entry.id   5TBH
#
_cell.length_a   74.647
_cell.length_b   98.529
_cell.length_c   206.403
_cell.angle_alpha   90.00
_cell.angle_beta   90.00
_cell.angle_gamma   90.00
#
_symmetry.space_group_name_H-M   'P 21 21 2'
#
loop_
_entity.id
_entity.type
_entity.pdbx_description
1 polymer 'Histone-arginine methyltransferase CARM1'
2 non-polymer 1-METHOXY-2-(2-METHOXYETHOXY)ETHANE
3 non-polymer 1,2-ETHANEDIOL
4 non-polymer 'TETRAETHYLENE GLYCOL'
5 non-polymer "5'-S-[(3S)-3-azaniumyl-3-carboxypropyl]-5'-thioadenosine"
6 non-polymer '(2~{R})-4-[[(2~{R},3~{S},4~{R},5~{R})-5-(6-aminopurin-9-yl)-3,4-bis(oxidanyl)oxolan-2-yl]methyl-[[4-azanyl-1-(methoxymethyl)-2-oxidanylidene-pyrimidin-5-yl]methyl]amino]-2-azanyl-butanoic acid'
7 water water
#
_entity_poly.entity_id   1
_entity_poly.type   'polypeptide(L)'
_entity_poly.pdbx_seq_one_letter_code
;GHMGHTLERSVFSERTEESSAVQYFQFYGYLSQQQNMMQDYVRTGTYQRAILQNHTDFKDKIVLDVGCGSGILSFFAAQA
GARKIYAVEASTMAQHAEVLVKSNNLTDRIVVIPGKVEEVSLPEQVDIIISEPMGYMLFNERMLESYLHAKKYLKPSGNM
FPTIGDVHLAPFTDEQLYMEQFTKANFWYQPSFHGVDLSALRGAAVDEYFRQPVVDTFDIRILMAKSVKYTVNFLEAKEG
DLHRIEIPFKFHMLHSGLVHGLAFWFDVAFIGSIMTVWLSTAPTEPLTHWYQVRCLFQSPLFAKAGDTLSGTCLLIANKR
QSYDISIVAQVDQTGSKSSNLLDLKNPFFRYTGTTPSPPPG
;
_entity_poly.pdbx_strand_id   A,B,C,D
#
loop_
_chem_comp.id
_chem_comp.type
_chem_comp.name
_chem_comp.formula
78K non-polymer '(2~{R})-4-[[(2~{R},3~{S},4~{R},5~{R})-5-(6-aminopurin-9-yl)-3,4-bis(oxidanyl)oxolan-2-yl]methyl-[[4-azanyl-1-(methoxymethyl)-2-oxidanylidene-pyrimidin-5-yl]methyl]amino]-2-azanyl-butanoic acid' 'C21 H30 N10 O7'
EDO non-polymer 1,2-ETHANEDIOL 'C2 H6 O2'
M2M non-polymer 1-METHOXY-2-(2-METHOXYETHOXY)ETHANE 'C6 H14 O3'
PG4 non-polymer 'TETRAETHYLENE GLYCOL' 'C8 H18 O5'
SAO non-polymer 5'-S-[(3S)-3-azaniumyl-3-carboxypropyl]-5'-thioadenosine 'C14 H21 N6 O5 S 1'
#
# COMPACT_ATOMS: atom_id res chain seq x y z
N SER A 10 -12.70 -39.48 -20.54
CA SER A 10 -13.63 -38.41 -20.92
C SER A 10 -13.23 -37.80 -22.26
N VAL A 11 -14.13 -37.02 -22.84
CA VAL A 11 -13.87 -36.35 -24.11
C VAL A 11 -12.67 -35.42 -23.95
N PHE A 12 -12.57 -34.76 -22.81
CA PHE A 12 -11.46 -33.85 -22.56
C PHE A 12 -10.12 -34.58 -22.54
N SER A 13 -10.02 -35.63 -21.73
CA SER A 13 -8.76 -36.34 -21.57
C SER A 13 -8.25 -36.95 -22.87
N GLU A 14 -9.15 -37.48 -23.70
CA GLU A 14 -8.73 -38.07 -24.97
C GLU A 14 -8.18 -37.04 -25.96
N ARG A 15 -8.62 -35.79 -25.88
CA ARG A 15 -8.17 -34.79 -26.84
C ARG A 15 -7.04 -33.92 -26.29
N THR A 16 -6.64 -34.18 -25.05
CA THR A 16 -5.66 -33.35 -24.37
C THR A 16 -4.57 -34.20 -23.72
N GLU A 17 -3.31 -33.92 -24.04
CA GLU A 17 -2.20 -34.53 -23.36
C GLU A 17 -2.13 -34.09 -21.90
N GLU A 18 -1.81 -35.05 -21.03
CA GLU A 18 -1.82 -34.83 -19.60
C GLU A 18 -0.97 -33.61 -19.26
N SER A 19 0.20 -33.59 -19.87
CA SER A 19 1.19 -32.55 -19.64
C SER A 19 0.62 -31.16 -19.92
N SER A 20 -0.11 -31.02 -21.01
CA SER A 20 -0.70 -29.73 -21.40
C SER A 20 -1.82 -29.31 -20.44
N ALA A 21 -2.67 -30.26 -20.07
CA ALA A 21 -3.81 -29.99 -19.19
C ALA A 21 -3.34 -29.53 -17.82
N VAL A 22 -2.31 -30.18 -17.29
CA VAL A 22 -1.78 -29.75 -16.00
C VAL A 22 -1.33 -28.29 -16.03
N GLN A 23 -0.49 -27.94 -17.01
CA GLN A 23 0.05 -26.59 -17.11
C GLN A 23 -1.12 -25.62 -17.29
N TYR A 24 -2.08 -26.05 -18.10
CA TYR A 24 -3.24 -25.23 -18.43
C TYR A 24 -4.04 -24.89 -17.18
N PHE A 25 -4.38 -25.88 -16.36
CA PHE A 25 -5.21 -25.60 -15.19
C PHE A 25 -4.41 -25.02 -14.03
N GLN A 26 -3.11 -25.23 -13.99
CA GLN A 26 -2.30 -24.49 -13.03
C GLN A 26 -2.34 -23.00 -13.36
N PHE A 27 -2.20 -22.67 -14.64
CA PHE A 27 -2.25 -21.27 -15.06
C PHE A 27 -3.50 -20.56 -14.52
N TYR A 28 -4.66 -21.21 -14.66
CA TYR A 28 -5.91 -20.59 -14.24
C TYR A 28 -6.18 -20.75 -12.74
N GLY A 29 -5.33 -21.50 -12.07
CA GLY A 29 -5.42 -21.64 -10.62
C GLY A 29 -4.90 -20.44 -9.87
N TYR A 30 -4.22 -19.54 -10.58
CA TYR A 30 -3.67 -18.35 -9.95
C TYR A 30 -4.69 -17.22 -9.93
N LEU A 31 -4.83 -16.61 -8.77
CA LEU A 31 -5.69 -15.47 -8.60
C LEU A 31 -5.26 -14.30 -9.49
N SER A 32 -3.95 -14.17 -9.71
CA SER A 32 -3.45 -13.07 -10.53
C SER A 32 -3.93 -13.18 -11.97
N GLN A 33 -4.06 -14.41 -12.48
CA GLN A 33 -4.51 -14.63 -13.85
C GLN A 33 -6.00 -14.31 -13.98
N GLN A 34 -6.77 -14.78 -13.00
CA GLN A 34 -8.19 -14.47 -12.95
C GLN A 34 -8.34 -12.95 -12.89
N GLN A 35 -7.53 -12.34 -12.04
CA GLN A 35 -7.50 -10.89 -11.88
C GLN A 35 -7.17 -10.22 -13.21
N ASN A 36 -6.19 -10.75 -13.92
CA ASN A 36 -5.85 -10.21 -15.24
C ASN A 36 -7.07 -10.21 -16.14
N MET A 37 -7.79 -11.33 -16.18
CA MET A 37 -8.98 -11.35 -17.02
C MET A 37 -10.08 -10.43 -16.48
N MET A 38 -10.20 -10.34 -15.16
CA MET A 38 -11.25 -9.54 -14.54
C MET A 38 -11.02 -8.05 -14.76
N GLN A 39 -9.75 -7.64 -14.81
CA GLN A 39 -9.40 -6.24 -14.96
C GLN A 39 -9.41 -5.74 -16.42
N ASP A 40 -9.64 -6.65 -17.35
CA ASP A 40 -9.92 -6.29 -18.74
C ASP A 40 -11.34 -5.73 -18.77
N TYR A 41 -11.45 -4.40 -18.68
CA TYR A 41 -12.75 -3.77 -18.48
C TYR A 41 -13.71 -4.02 -19.63
N VAL A 42 -13.17 -3.99 -20.84
CA VAL A 42 -13.98 -4.24 -22.03
C VAL A 42 -14.62 -5.62 -21.93
N ARG A 43 -13.79 -6.61 -21.65
CA ARG A 43 -14.24 -7.99 -21.58
C ARG A 43 -15.33 -8.15 -20.50
N THR A 44 -14.96 -7.81 -19.28
CA THR A 44 -15.78 -8.06 -18.11
C THR A 44 -17.04 -7.18 -18.11
N GLY A 45 -16.84 -5.90 -18.41
CA GLY A 45 -17.95 -4.97 -18.47
C GLY A 45 -18.91 -5.35 -19.57
N THR A 46 -18.40 -5.78 -20.72
CA THR A 46 -19.30 -6.15 -21.81
C THR A 46 -20.08 -7.41 -21.45
N TYR A 47 -19.44 -8.38 -20.80
CA TYR A 47 -20.21 -9.54 -20.35
C TYR A 47 -21.32 -9.14 -19.39
N GLN A 48 -20.99 -8.32 -18.40
CA GLN A 48 -22.00 -7.90 -17.43
C GLN A 48 -23.14 -7.17 -18.14
N ARG A 49 -22.77 -6.30 -19.05
CA ARG A 49 -23.72 -5.51 -19.79
C ARG A 49 -24.61 -6.42 -20.65
N ALA A 50 -24.00 -7.41 -21.29
CA ALA A 50 -24.74 -8.34 -22.13
C ALA A 50 -25.75 -9.12 -21.31
N ILE A 51 -25.35 -9.51 -20.10
CA ILE A 51 -26.24 -10.29 -19.24
C ILE A 51 -27.35 -9.45 -18.62
N LEU A 52 -26.99 -8.30 -18.05
CA LEU A 52 -27.96 -7.50 -17.31
C LEU A 52 -29.00 -6.87 -18.22
N GLN A 53 -28.60 -6.46 -19.42
CA GLN A 53 -29.53 -5.84 -20.36
C GLN A 53 -30.41 -6.87 -21.06
N ASN A 54 -30.07 -8.15 -20.91
CA ASN A 54 -30.93 -9.24 -21.39
C ASN A 54 -31.49 -10.03 -20.20
N HIS A 55 -31.99 -9.31 -19.20
CA HIS A 55 -32.42 -9.91 -17.93
C HIS A 55 -33.54 -10.93 -18.10
N THR A 56 -34.33 -10.80 -19.15
CA THR A 56 -35.41 -11.75 -19.41
C THR A 56 -34.86 -13.13 -19.77
N ASP A 57 -33.63 -13.18 -20.26
CA ASP A 57 -32.96 -14.45 -20.54
C ASP A 57 -32.41 -15.12 -19.28
N PHE A 58 -32.43 -14.40 -18.17
CA PHE A 58 -31.85 -14.91 -16.93
C PHE A 58 -32.83 -14.96 -15.75
N LYS A 59 -33.84 -14.09 -15.76
CA LYS A 59 -34.76 -13.96 -14.64
C LYS A 59 -35.40 -15.32 -14.31
N ASP A 60 -35.13 -15.85 -13.12
CA ASP A 60 -35.69 -17.12 -12.66
C ASP A 60 -35.39 -18.30 -13.59
N LYS A 61 -34.23 -18.24 -14.25
CA LYS A 61 -33.79 -19.27 -15.18
C LYS A 61 -32.71 -20.17 -14.57
N ILE A 62 -32.51 -21.34 -15.17
CA ILE A 62 -31.42 -22.23 -14.79
C ILE A 62 -30.23 -21.92 -15.71
N VAL A 63 -29.07 -21.67 -15.12
CA VAL A 63 -27.89 -21.23 -15.85
C VAL A 63 -26.71 -22.17 -15.66
N LEU A 64 -25.93 -22.38 -16.73
CA LEU A 64 -24.64 -23.08 -16.58
C LEU A 64 -23.49 -22.16 -16.95
N ASP A 65 -22.53 -22.02 -16.03
CA ASP A 65 -21.32 -21.25 -16.28
C ASP A 65 -20.16 -22.22 -16.54
N VAL A 66 -19.72 -22.31 -17.81
CA VAL A 66 -18.65 -23.26 -18.15
C VAL A 66 -17.28 -22.64 -17.89
N GLY A 67 -16.57 -23.16 -16.89
CA GLY A 67 -15.26 -22.62 -16.53
C GLY A 67 -15.39 -21.29 -15.82
N CYS A 68 -16.02 -21.29 -14.66
CA CYS A 68 -16.45 -20.07 -14.00
C CYS A 68 -15.30 -19.25 -13.43
N GLY A 69 -14.14 -19.87 -13.26
CA GLY A 69 -13.00 -19.20 -12.68
C GLY A 69 -13.34 -18.66 -11.31
N SER A 70 -13.20 -17.35 -11.14
CA SER A 70 -13.52 -16.69 -9.88
C SER A 70 -15.02 -16.75 -9.59
N GLY A 71 -15.80 -16.95 -10.65
CA GLY A 71 -17.24 -17.04 -10.53
C GLY A 71 -17.94 -15.77 -11.00
N ILE A 72 -17.17 -14.84 -11.54
CA ILE A 72 -17.66 -13.50 -11.86
C ILE A 72 -18.89 -13.48 -12.78
N LEU A 73 -18.89 -14.34 -13.80
CA LEU A 73 -19.99 -14.36 -14.77
C LEU A 73 -21.27 -14.91 -14.11
N SER A 74 -21.08 -15.85 -13.18
CA SER A 74 -22.22 -16.42 -12.45
C SER A 74 -22.86 -15.37 -11.54
N PHE A 75 -22.04 -14.53 -10.93
CA PHE A 75 -22.56 -13.44 -10.12
C PHE A 75 -23.30 -12.47 -11.02
N PHE A 76 -22.77 -12.22 -12.22
CA PHE A 76 -23.55 -11.44 -13.17
C PHE A 76 -24.91 -12.08 -13.46
N ALA A 77 -24.93 -13.39 -13.67
CA ALA A 77 -26.21 -14.08 -13.89
C ALA A 77 -27.14 -13.91 -12.69
N ALA A 78 -26.57 -13.95 -11.49
CA ALA A 78 -27.37 -13.73 -10.28
C ALA A 78 -27.93 -12.30 -10.21
N GLN A 79 -27.10 -11.33 -10.58
CA GLN A 79 -27.55 -9.93 -10.62
C GLN A 79 -28.72 -9.77 -11.59
N ALA A 80 -28.75 -10.61 -12.62
CA ALA A 80 -29.81 -10.53 -13.63
C ALA A 80 -31.05 -11.30 -13.17
N GLY A 81 -30.96 -11.95 -12.01
CA GLY A 81 -32.12 -12.60 -11.42
C GLY A 81 -32.23 -14.11 -11.61
N ALA A 82 -31.12 -14.77 -11.91
CA ALA A 82 -31.14 -16.22 -12.15
C ALA A 82 -31.60 -16.98 -10.92
N ARG A 83 -32.40 -18.03 -11.14
CA ARG A 83 -32.89 -18.86 -10.04
C ARG A 83 -31.78 -19.80 -9.57
N LYS A 84 -31.05 -20.37 -10.52
CA LYS A 84 -30.00 -21.32 -10.20
C LYS A 84 -28.87 -21.31 -11.23
N ILE A 85 -27.64 -21.23 -10.73
CA ILE A 85 -26.47 -21.18 -11.59
C ILE A 85 -25.51 -22.29 -11.19
N TYR A 86 -25.19 -23.18 -12.11
CA TYR A 86 -24.18 -24.19 -11.87
C TYR A 86 -22.86 -23.68 -12.43
N ALA A 87 -21.91 -23.41 -11.54
CA ALA A 87 -20.62 -22.86 -11.95
C ALA A 87 -19.56 -23.95 -11.93
N VAL A 88 -19.20 -24.43 -13.12
CA VAL A 88 -18.27 -25.55 -13.25
C VAL A 88 -16.86 -25.04 -13.45
N GLU A 89 -15.91 -25.56 -12.65
CA GLU A 89 -14.52 -25.13 -12.78
C GLU A 89 -13.52 -26.23 -12.45
N ALA A 90 -12.57 -26.46 -13.37
CA ALA A 90 -11.68 -27.61 -13.27
C ALA A 90 -10.38 -27.35 -12.50
N SER A 91 -9.93 -26.10 -12.44
CA SER A 91 -8.71 -25.79 -11.69
C SER A 91 -9.03 -25.65 -10.21
N THR A 92 -8.00 -25.38 -9.41
CA THR A 92 -8.18 -25.21 -7.97
C THR A 92 -8.85 -23.89 -7.64
N MET A 93 -9.11 -23.06 -8.66
CA MET A 93 -9.80 -21.78 -8.47
C MET A 93 -11.22 -22.03 -7.94
N ALA A 94 -11.77 -23.20 -8.22
CA ALA A 94 -13.15 -23.55 -7.86
C ALA A 94 -13.43 -23.28 -6.39
N GLN A 95 -12.47 -23.58 -5.53
CA GLN A 95 -12.63 -23.35 -4.10
C GLN A 95 -12.70 -21.87 -3.79
N HIS A 96 -11.95 -21.05 -4.54
CA HIS A 96 -11.93 -19.63 -4.25
C HIS A 96 -13.28 -19.09 -4.68
N ALA A 97 -13.81 -19.67 -5.75
CA ALA A 97 -15.14 -19.33 -6.22
C ALA A 97 -16.17 -19.68 -5.16
N GLU A 98 -16.01 -20.85 -4.55
CA GLU A 98 -16.92 -21.30 -3.49
C GLU A 98 -16.91 -20.34 -2.31
N VAL A 99 -15.72 -19.88 -1.94
CA VAL A 99 -15.56 -18.89 -0.88
C VAL A 99 -16.33 -17.63 -1.22
N LEU A 100 -16.23 -17.16 -2.46
CA LEU A 100 -16.91 -15.94 -2.87
C LEU A 100 -18.42 -16.09 -2.90
N VAL A 101 -18.90 -17.28 -3.26
CA VAL A 101 -20.33 -17.51 -3.27
C VAL A 101 -20.88 -17.43 -1.84
N LYS A 102 -20.16 -18.01 -0.88
CA LYS A 102 -20.59 -18.00 0.52
C LYS A 102 -20.57 -16.58 1.08
N SER A 103 -19.47 -15.88 0.87
CA SER A 103 -19.29 -14.53 1.44
C SER A 103 -20.18 -13.49 0.74
N ASN A 104 -20.74 -13.84 -0.41
CA ASN A 104 -21.68 -12.95 -1.10
C ASN A 104 -23.13 -13.43 -0.87
N ASN A 105 -23.31 -14.35 0.08
CA ASN A 105 -24.63 -14.83 0.48
C ASN A 105 -25.46 -15.34 -0.68
N LEU A 106 -24.84 -16.09 -1.58
CA LEU A 106 -25.53 -16.61 -2.75
C LEU A 106 -25.46 -18.14 -2.86
N THR A 107 -25.27 -18.81 -1.74
CA THR A 107 -25.16 -20.27 -1.73
C THR A 107 -26.45 -20.97 -2.15
N ASP A 108 -27.58 -20.28 -2.03
CA ASP A 108 -28.85 -20.88 -2.41
C ASP A 108 -29.16 -20.70 -3.90
N ARG A 109 -28.27 -20.01 -4.62
CA ARG A 109 -28.50 -19.75 -6.05
C ARG A 109 -27.32 -20.17 -6.94
N ILE A 110 -26.10 -20.13 -6.41
CA ILE A 110 -24.93 -20.56 -7.16
C ILE A 110 -24.36 -21.84 -6.56
N VAL A 111 -24.19 -22.86 -7.40
CA VAL A 111 -23.58 -24.13 -6.98
C VAL A 111 -22.29 -24.31 -7.75
N VAL A 112 -21.16 -24.24 -7.04
CA VAL A 112 -19.87 -24.45 -7.67
C VAL A 112 -19.61 -25.93 -7.78
N ILE A 113 -19.33 -26.38 -9.00
CA ILE A 113 -19.04 -27.78 -9.25
C ILE A 113 -17.58 -27.90 -9.72
N PRO A 114 -16.70 -28.37 -8.82
CA PRO A 114 -15.29 -28.56 -9.21
C PRO A 114 -15.14 -29.72 -10.18
N GLY A 115 -14.38 -29.52 -11.25
CA GLY A 115 -14.17 -30.56 -12.23
C GLY A 115 -14.33 -30.07 -13.65
N LYS A 116 -14.04 -30.95 -14.60
CA LYS A 116 -14.14 -30.60 -16.01
C LYS A 116 -15.59 -30.77 -16.44
N VAL A 117 -16.08 -29.86 -17.28
CA VAL A 117 -17.48 -29.87 -17.68
C VAL A 117 -17.77 -31.17 -18.44
N GLU A 118 -16.72 -31.80 -18.96
CA GLU A 118 -16.86 -33.05 -19.69
C GLU A 118 -16.96 -34.25 -18.75
N GLU A 119 -16.76 -34.02 -17.45
CA GLU A 119 -16.62 -35.12 -16.49
C GLU A 119 -17.63 -35.04 -15.34
N VAL A 120 -18.01 -33.83 -14.95
CA VAL A 120 -18.99 -33.64 -13.88
C VAL A 120 -20.39 -33.97 -14.37
N SER A 121 -21.32 -34.10 -13.43
CA SER A 121 -22.73 -34.25 -13.77
C SER A 121 -23.55 -33.13 -13.15
N LEU A 122 -24.39 -32.49 -13.96
CA LEU A 122 -25.36 -31.51 -13.46
C LEU A 122 -26.64 -32.24 -13.06
N PRO A 123 -27.28 -31.76 -11.98
CA PRO A 123 -28.53 -32.38 -11.51
C PRO A 123 -29.73 -32.15 -12.43
N GLU A 124 -29.66 -31.14 -13.29
CA GLU A 124 -30.77 -30.81 -14.18
C GLU A 124 -30.29 -30.08 -15.44
N GLN A 125 -31.18 -29.98 -16.43
CA GLN A 125 -30.89 -29.24 -17.64
C GLN A 125 -31.00 -27.73 -17.37
N VAL A 126 -30.31 -26.94 -18.18
CA VAL A 126 -30.24 -25.50 -17.95
C VAL A 126 -30.94 -24.75 -19.10
N ASP A 127 -31.36 -23.52 -18.85
CA ASP A 127 -32.02 -22.72 -19.89
C ASP A 127 -31.01 -21.99 -20.77
N ILE A 128 -29.86 -21.66 -20.19
CA ILE A 128 -28.85 -20.89 -20.90
C ILE A 128 -27.45 -21.25 -20.42
N ILE A 129 -26.51 -21.27 -21.35
CA ILE A 129 -25.11 -21.50 -21.01
C ILE A 129 -24.32 -20.20 -21.17
N ILE A 130 -23.58 -19.83 -20.13
CA ILE A 130 -22.66 -18.69 -20.21
C ILE A 130 -21.22 -19.18 -20.05
N SER A 131 -20.32 -18.50 -20.72
CA SER A 131 -18.91 -18.87 -20.70
C SER A 131 -18.04 -17.81 -21.36
N GLU A 132 -16.77 -17.80 -21.02
CA GLU A 132 -15.79 -16.99 -21.74
C GLU A 132 -14.67 -17.94 -22.12
N PRO A 133 -14.85 -18.67 -23.24
CA PRO A 133 -13.91 -19.69 -23.71
C PRO A 133 -12.97 -19.23 -24.83
N MET A 134 -12.87 -17.92 -25.07
CA MET A 134 -12.08 -17.41 -26.20
C MET A 134 -10.59 -17.27 -25.89
N GLY A 135 -9.76 -17.81 -26.78
CA GLY A 135 -8.32 -17.56 -26.73
C GLY A 135 -7.83 -16.71 -27.89
N TYR A 136 -6.52 -16.60 -28.03
CA TYR A 136 -5.93 -15.90 -29.17
C TYR A 136 -6.50 -16.47 -30.47
N MET A 137 -6.73 -15.63 -31.47
CA MET A 137 -7.35 -16.09 -32.71
C MET A 137 -8.68 -16.80 -32.47
N LEU A 138 -9.35 -16.46 -31.39
CA LEU A 138 -10.59 -17.11 -30.96
C LEU A 138 -10.42 -18.55 -30.48
N PHE A 139 -9.70 -19.37 -31.23
CA PHE A 139 -9.72 -20.83 -31.06
C PHE A 139 -8.65 -21.40 -30.12
N ASN A 140 -7.62 -20.62 -29.81
CA ASN A 140 -6.52 -21.10 -28.97
C ASN A 140 -7.04 -21.58 -27.62
N GLU A 141 -6.41 -22.62 -27.10
CA GLU A 141 -6.78 -23.28 -25.82
C GLU A 141 -7.88 -24.34 -25.99
N ARG A 142 -8.61 -24.28 -27.11
CA ARG A 142 -9.60 -25.30 -27.43
C ARG A 142 -10.74 -25.37 -26.42
N MET A 143 -11.00 -24.29 -25.70
CA MET A 143 -12.05 -24.28 -24.70
C MET A 143 -13.43 -24.14 -25.33
N LEU A 144 -13.47 -23.65 -26.57
CA LEU A 144 -14.73 -23.57 -27.30
C LEU A 144 -15.36 -24.95 -27.42
N GLU A 145 -14.52 -25.97 -27.47
CA GLU A 145 -15.02 -27.34 -27.54
C GLU A 145 -15.70 -27.75 -26.23
N SER A 146 -15.15 -27.31 -25.09
CA SER A 146 -15.80 -27.53 -23.81
C SER A 146 -17.14 -26.81 -23.80
N TYR A 147 -17.12 -25.58 -24.28
CA TYR A 147 -18.32 -24.76 -24.35
C TYR A 147 -19.41 -25.49 -25.16
N LEU A 148 -19.05 -26.00 -26.33
CA LEU A 148 -20.01 -26.74 -27.14
C LEU A 148 -20.42 -28.07 -26.52
N HIS A 149 -19.45 -28.75 -25.91
CA HIS A 149 -19.73 -30.01 -25.26
C HIS A 149 -20.80 -29.84 -24.20
N ALA A 150 -20.75 -28.71 -23.50
CA ALA A 150 -21.72 -28.45 -22.44
C ALA A 150 -23.18 -28.39 -22.93
N LYS A 151 -23.41 -28.35 -24.23
CA LYS A 151 -24.79 -28.25 -24.73
C LYS A 151 -25.59 -29.52 -24.45
N LYS A 152 -24.93 -30.57 -23.98
CA LYS A 152 -25.65 -31.78 -23.59
C LYS A 152 -26.54 -31.48 -22.38
N TYR A 153 -26.30 -30.36 -21.72
CA TYR A 153 -27.07 -29.93 -20.56
C TYR A 153 -28.08 -28.83 -20.89
N LEU A 154 -28.11 -28.42 -22.15
CA LEU A 154 -28.99 -27.32 -22.57
C LEU A 154 -30.34 -27.82 -23.07
N LYS A 155 -31.41 -27.27 -22.51
CA LYS A 155 -32.77 -27.55 -22.99
C LYS A 155 -32.86 -27.23 -24.49
N PRO A 156 -33.78 -27.90 -25.21
CA PRO A 156 -33.97 -27.65 -26.64
C PRO A 156 -34.25 -26.17 -26.91
N SER A 157 -34.73 -25.49 -25.88
CA SER A 157 -35.06 -24.08 -25.95
C SER A 157 -33.87 -23.17 -25.76
N GLY A 158 -32.77 -23.75 -25.33
CA GLY A 158 -31.72 -22.97 -24.73
C GLY A 158 -30.95 -21.98 -25.56
N ASN A 159 -30.24 -21.12 -24.85
CA ASN A 159 -29.45 -20.07 -25.46
C ASN A 159 -27.99 -20.18 -24.99
N MET A 160 -27.11 -19.54 -25.77
CA MET A 160 -25.68 -19.52 -25.47
C MET A 160 -25.21 -18.08 -25.43
N PHE A 161 -24.52 -17.73 -24.35
CA PHE A 161 -23.89 -16.42 -24.21
C PHE A 161 -22.39 -16.61 -24.03
N PRO A 162 -21.59 -16.32 -25.09
CA PRO A 162 -21.95 -15.74 -26.38
C PRO A 162 -22.65 -16.71 -27.33
N THR A 163 -23.29 -16.16 -28.36
CA THR A 163 -24.09 -16.96 -29.27
C THR A 163 -23.32 -17.31 -30.54
N ILE A 164 -22.59 -16.34 -31.07
CA ILE A 164 -21.77 -16.57 -32.25
C ILE A 164 -20.40 -15.93 -32.06
N GLY A 165 -19.46 -16.41 -32.84
CA GLY A 165 -18.12 -15.86 -32.86
C GLY A 165 -17.64 -15.67 -34.28
N ASP A 166 -17.12 -14.48 -34.55
CA ASP A 166 -16.58 -14.12 -35.84
C ASP A 166 -15.07 -14.00 -35.78
N VAL A 167 -14.36 -14.77 -36.60
CA VAL A 167 -12.94 -14.57 -36.77
C VAL A 167 -12.71 -13.81 -38.06
N HIS A 168 -11.95 -12.72 -37.93
CA HIS A 168 -11.60 -11.90 -39.09
C HIS A 168 -10.14 -12.09 -39.44
N LEU A 169 -9.93 -12.24 -40.75
CA LEU A 169 -8.61 -12.36 -41.36
C LEU A 169 -8.40 -11.21 -42.31
N ALA A 170 -7.19 -10.64 -42.32
CA ALA A 170 -6.90 -9.62 -43.31
C ALA A 170 -5.41 -9.53 -43.65
N PRO A 171 -5.08 -9.31 -44.93
CA PRO A 171 -3.66 -9.19 -45.31
C PRO A 171 -3.05 -7.91 -44.79
N PHE A 172 -1.79 -7.96 -44.39
CA PHE A 172 -1.13 -6.75 -43.91
C PHE A 172 0.27 -6.55 -44.48
N THR A 173 0.73 -5.30 -44.42
CA THR A 173 2.12 -4.99 -44.72
C THR A 173 2.78 -4.42 -43.47
N ASP A 174 3.95 -4.96 -43.14
CA ASP A 174 4.70 -4.48 -41.99
C ASP A 174 6.16 -4.89 -42.20
N GLU A 175 6.90 -4.06 -42.93
CA GLU A 175 8.26 -4.39 -43.33
C GLU A 175 9.17 -4.62 -42.12
N GLN A 176 8.95 -3.82 -41.08
CA GLN A 176 9.76 -3.88 -39.87
C GLN A 176 9.57 -5.21 -39.14
N LEU A 177 8.31 -5.64 -38.98
CA LEU A 177 8.02 -6.92 -38.34
C LEU A 177 8.68 -8.06 -39.10
N TYR A 178 8.58 -8.03 -40.43
CA TYR A 178 9.18 -9.06 -41.27
C TYR A 178 10.69 -9.11 -41.07
N MET A 179 11.34 -7.95 -41.23
CA MET A 179 12.80 -7.87 -41.16
C MET A 179 13.32 -8.25 -39.77
N GLU A 180 12.51 -7.97 -38.76
CA GLU A 180 12.85 -8.32 -37.38
C GLU A 180 13.20 -9.81 -37.23
N GLN A 181 12.53 -10.67 -37.99
CA GLN A 181 12.74 -12.10 -37.86
C GLN A 181 14.16 -12.46 -38.31
N PHE A 182 14.60 -11.88 -39.41
CA PHE A 182 15.93 -12.15 -39.91
C PHE A 182 16.98 -11.47 -39.04
N THR A 183 16.65 -10.30 -38.51
CA THR A 183 17.58 -9.66 -37.60
C THR A 183 17.82 -10.56 -36.39
N LYS A 184 16.76 -11.14 -35.83
CA LYS A 184 16.97 -12.05 -34.69
C LYS A 184 17.67 -13.35 -35.07
N ALA A 185 17.28 -13.93 -36.19
CA ALA A 185 17.86 -15.20 -36.60
C ALA A 185 19.33 -15.08 -37.08
N ASN A 186 19.71 -13.92 -37.60
CA ASN A 186 21.07 -13.75 -38.10
C ASN A 186 22.12 -13.74 -36.99
N PHE A 187 21.68 -13.78 -35.74
CA PHE A 187 22.62 -14.05 -34.67
C PHE A 187 23.42 -15.31 -34.97
N TRP A 188 22.77 -16.32 -35.55
CA TRP A 188 23.45 -17.57 -35.81
C TRP A 188 24.33 -17.51 -37.06
N TYR A 189 24.27 -16.40 -37.80
CA TYR A 189 25.02 -16.34 -39.04
C TYR A 189 26.37 -15.66 -38.83
N GLN A 190 27.18 -16.26 -37.98
CA GLN A 190 28.53 -15.77 -37.73
C GLN A 190 29.49 -16.95 -37.62
N PRO A 191 30.63 -16.87 -38.32
CA PRO A 191 31.56 -18.00 -38.44
C PRO A 191 32.44 -18.24 -37.22
N SER A 192 32.43 -17.31 -36.25
CA SER A 192 33.27 -17.47 -35.08
C SER A 192 32.71 -16.76 -33.86
N PHE A 193 31.59 -17.28 -33.35
CA PHE A 193 31.08 -16.90 -32.06
C PHE A 193 31.89 -17.61 -31.00
N HIS A 194 32.77 -16.88 -30.33
CA HIS A 194 33.69 -17.51 -29.38
C HIS A 194 34.43 -18.68 -30.01
N GLY A 195 34.75 -18.56 -31.30
CA GLY A 195 35.44 -19.60 -32.02
C GLY A 195 34.56 -20.66 -32.66
N VAL A 196 33.24 -20.52 -32.55
CA VAL A 196 32.32 -21.51 -33.08
C VAL A 196 31.58 -20.95 -34.29
N ASP A 197 31.57 -21.71 -35.37
CA ASP A 197 30.79 -21.36 -36.54
C ASP A 197 29.33 -21.79 -36.32
N LEU A 198 28.45 -20.81 -36.16
CA LEU A 198 27.04 -21.09 -35.84
C LEU A 198 26.12 -21.14 -37.05
N SER A 199 26.66 -20.80 -38.22
CA SER A 199 25.85 -20.45 -39.38
C SER A 199 24.92 -21.57 -39.86
N ALA A 200 25.29 -22.82 -39.62
CA ALA A 200 24.52 -23.96 -40.10
C ALA A 200 23.13 -24.04 -39.45
N LEU A 201 22.92 -23.26 -38.41
CA LEU A 201 21.63 -23.26 -37.71
C LEU A 201 20.82 -22.03 -38.04
N ARG A 202 21.32 -21.19 -38.95
CA ARG A 202 20.60 -19.96 -39.26
C ARG A 202 19.23 -20.26 -39.86
N GLY A 203 19.18 -21.25 -40.75
CA GLY A 203 17.93 -21.64 -41.37
C GLY A 203 16.90 -22.10 -40.36
N ALA A 204 17.34 -22.96 -39.45
CA ALA A 204 16.45 -23.49 -38.42
C ALA A 204 15.92 -22.37 -37.52
N ALA A 205 16.76 -21.37 -37.24
CA ALA A 205 16.36 -20.26 -36.40
C ALA A 205 15.29 -19.42 -37.12
N VAL A 206 15.46 -19.20 -38.42
CA VAL A 206 14.46 -18.49 -39.21
C VAL A 206 13.13 -19.24 -39.17
N ASP A 207 13.17 -20.54 -39.42
CA ASP A 207 11.98 -21.37 -39.41
C ASP A 207 11.26 -21.23 -38.05
N GLU A 208 12.04 -21.29 -36.98
CA GLU A 208 11.48 -21.22 -35.64
C GLU A 208 10.75 -19.90 -35.40
N TYR A 209 11.37 -18.80 -35.79
CA TYR A 209 10.75 -17.49 -35.58
C TYR A 209 9.46 -17.36 -36.38
N PHE A 210 9.44 -17.90 -37.61
CA PHE A 210 8.26 -17.73 -38.45
C PHE A 210 7.13 -18.66 -38.07
N ARG A 211 7.41 -19.70 -37.29
CA ARG A 211 6.35 -20.59 -36.82
C ARG A 211 5.58 -19.94 -35.68
N GLN A 212 6.06 -18.80 -35.19
CA GLN A 212 5.44 -18.11 -34.07
C GLN A 212 4.41 -17.07 -34.49
N PRO A 213 3.13 -17.32 -34.18
CA PRO A 213 2.18 -16.22 -34.38
C PRO A 213 2.56 -15.06 -33.49
N VAL A 214 2.44 -13.84 -34.01
CA VAL A 214 2.82 -12.65 -33.27
C VAL A 214 1.61 -12.01 -32.62
N VAL A 215 1.67 -11.92 -31.29
CA VAL A 215 0.60 -11.29 -30.52
C VAL A 215 0.96 -9.87 -30.18
N ASP A 216 0.17 -8.93 -30.69
CA ASP A 216 0.29 -7.52 -30.29
C ASP A 216 -0.70 -6.74 -31.14
N THR A 217 -0.65 -5.42 -31.03
CA THR A 217 -1.58 -4.57 -31.76
C THR A 217 -0.85 -3.83 -32.87
N PHE A 218 -1.60 -3.09 -33.68
CA PHE A 218 -1.03 -2.39 -34.81
C PHE A 218 -1.96 -1.29 -35.32
N ASP A 219 -1.39 -0.40 -36.12
CA ASP A 219 -2.14 0.67 -36.76
C ASP A 219 -2.97 0.06 -37.87
N ILE A 220 -4.25 0.42 -37.98
CA ILE A 220 -5.10 -0.19 -38.99
C ILE A 220 -4.68 0.15 -40.42
N ARG A 221 -3.80 1.13 -40.60
CA ARG A 221 -3.42 1.50 -41.95
C ARG A 221 -2.52 0.46 -42.59
N ILE A 222 -2.06 -0.53 -41.82
CA ILE A 222 -1.23 -1.60 -42.37
C ILE A 222 -2.08 -2.66 -43.04
N LEU A 223 -3.40 -2.59 -42.84
CA LEU A 223 -4.32 -3.53 -43.47
C LEU A 223 -4.53 -3.14 -44.94
N MET A 224 -4.43 -4.12 -45.82
CA MET A 224 -4.43 -3.84 -47.26
C MET A 224 -5.70 -4.30 -47.98
N ALA A 225 -6.63 -4.89 -47.24
CA ALA A 225 -7.90 -5.30 -47.83
C ALA A 225 -8.94 -5.48 -46.72
N LYS A 226 -10.21 -5.34 -47.09
CA LYS A 226 -11.29 -5.55 -46.15
C LYS A 226 -11.20 -6.99 -45.65
N SER A 227 -11.49 -7.19 -44.37
CA SER A 227 -11.33 -8.49 -43.76
C SER A 227 -12.32 -9.50 -44.28
N VAL A 228 -11.91 -10.77 -44.22
CA VAL A 228 -12.79 -11.89 -44.51
C VAL A 228 -13.19 -12.50 -43.18
N LYS A 229 -14.46 -12.87 -43.07
CA LYS A 229 -15.05 -13.35 -41.82
C LYS A 229 -15.40 -14.84 -41.84
N TYR A 230 -15.05 -15.53 -40.75
CA TYR A 230 -15.46 -16.92 -40.55
C TYR A 230 -16.25 -17.03 -39.25
N THR A 231 -17.45 -17.59 -39.33
CA THR A 231 -18.38 -17.57 -38.21
C THR A 231 -18.68 -18.93 -37.60
N VAL A 232 -18.61 -18.99 -36.29
CA VAL A 232 -19.07 -20.16 -35.55
C VAL A 232 -20.35 -19.79 -34.82
N ASN A 233 -21.41 -20.51 -35.15
CA ASN A 233 -22.66 -20.41 -34.42
C ASN A 233 -22.67 -21.44 -33.30
N PHE A 234 -22.51 -20.98 -32.07
CA PHE A 234 -22.38 -21.87 -30.92
C PHE A 234 -23.69 -22.62 -30.65
N LEU A 235 -24.80 -22.08 -31.12
CA LEU A 235 -26.08 -22.76 -30.97
C LEU A 235 -26.16 -23.99 -31.87
N GLU A 236 -25.45 -23.97 -33.00
CA GLU A 236 -25.56 -25.05 -33.99
C GLU A 236 -24.31 -25.93 -34.08
N ALA A 237 -23.14 -25.37 -33.82
CA ALA A 237 -21.90 -26.11 -34.03
C ALA A 237 -21.73 -27.28 -33.06
N LYS A 238 -20.98 -28.27 -33.51
CA LYS A 238 -20.58 -29.40 -32.69
C LYS A 238 -19.08 -29.33 -32.39
N GLU A 239 -18.64 -30.07 -31.38
CA GLU A 239 -17.24 -30.11 -30.97
C GLU A 239 -16.34 -30.44 -32.16
N GLY A 240 -16.73 -31.48 -32.88
CA GLY A 240 -15.92 -31.98 -33.98
C GLY A 240 -15.72 -30.99 -35.10
N ASP A 241 -16.61 -29.99 -35.15
CA ASP A 241 -16.52 -28.97 -36.18
C ASP A 241 -15.27 -28.11 -35.97
N LEU A 242 -14.72 -28.13 -34.76
CA LEU A 242 -13.57 -27.28 -34.45
C LEU A 242 -12.24 -28.03 -34.50
N HIS A 243 -12.28 -29.30 -34.88
CA HIS A 243 -11.06 -30.11 -34.99
C HIS A 243 -10.28 -29.77 -36.27
N ARG A 244 -11.03 -29.44 -37.32
CA ARG A 244 -10.46 -29.05 -38.59
C ARG A 244 -11.20 -27.83 -39.11
N ILE A 245 -10.57 -26.66 -39.03
CA ILE A 245 -11.24 -25.43 -39.45
C ILE A 245 -10.62 -24.90 -40.74
N GLU A 246 -11.41 -24.89 -41.82
CA GLU A 246 -10.92 -24.40 -43.10
C GLU A 246 -11.52 -23.05 -43.46
N ILE A 247 -10.66 -22.02 -43.49
CA ILE A 247 -11.09 -20.66 -43.80
C ILE A 247 -10.57 -20.24 -45.17
N PRO A 248 -11.40 -20.39 -46.21
CA PRO A 248 -10.98 -19.90 -47.52
C PRO A 248 -11.03 -18.38 -47.59
N PHE A 249 -10.17 -17.77 -48.40
CA PHE A 249 -10.23 -16.34 -48.56
C PHE A 249 -9.90 -15.85 -49.97
N LYS A 250 -10.55 -14.73 -50.27
CA LYS A 250 -10.38 -14.00 -51.51
C LYS A 250 -10.33 -12.51 -51.12
N PHE A 251 -9.12 -11.96 -50.99
CA PHE A 251 -8.97 -10.56 -50.64
C PHE A 251 -8.85 -9.72 -51.89
N HIS A 252 -9.57 -8.61 -51.91
CA HIS A 252 -9.47 -7.66 -53.00
C HIS A 252 -8.66 -6.47 -52.52
N MET A 253 -7.44 -6.39 -53.00
CA MET A 253 -6.46 -5.46 -52.45
C MET A 253 -6.91 -4.00 -52.67
N LEU A 254 -6.97 -3.26 -51.57
CA LEU A 254 -7.32 -1.85 -51.60
C LEU A 254 -6.08 -0.98 -51.77
N HIS A 255 -4.91 -1.54 -51.44
CA HIS A 255 -3.67 -0.78 -51.55
C HIS A 255 -2.63 -1.62 -52.26
N SER A 256 -1.68 -0.94 -52.89
CA SER A 256 -0.58 -1.60 -53.57
C SER A 256 0.57 -1.79 -52.59
N GLY A 257 1.29 -2.90 -52.72
CA GLY A 257 2.44 -3.14 -51.86
C GLY A 257 2.76 -4.60 -51.59
N LEU A 258 3.68 -4.82 -50.67
CA LEU A 258 4.07 -6.15 -50.25
C LEU A 258 3.20 -6.65 -49.09
N VAL A 259 2.58 -7.81 -49.28
CA VAL A 259 1.81 -8.49 -48.25
C VAL A 259 2.74 -9.41 -47.47
N HIS A 260 2.90 -9.12 -46.18
CA HIS A 260 3.80 -9.87 -45.31
C HIS A 260 3.13 -10.96 -44.50
N GLY A 261 1.80 -11.02 -44.55
CA GLY A 261 1.07 -12.06 -43.84
C GLY A 261 -0.38 -11.72 -43.57
N LEU A 262 -0.98 -12.50 -42.67
CA LEU A 262 -2.39 -12.31 -42.34
C LEU A 262 -2.55 -11.91 -40.88
N ALA A 263 -3.42 -10.93 -40.65
CA ALA A 263 -3.81 -10.47 -39.34
C ALA A 263 -5.15 -11.10 -38.97
N PHE A 264 -5.26 -11.45 -37.69
CA PHE A 264 -6.44 -12.09 -37.13
C PHE A 264 -6.96 -11.32 -35.94
N TRP A 265 -8.29 -11.26 -35.87
CA TRP A 265 -8.95 -10.84 -34.63
C TRP A 265 -10.33 -11.47 -34.59
N PHE A 266 -11.09 -11.24 -33.51
CA PHE A 266 -12.40 -11.86 -33.40
C PHE A 266 -13.43 -11.03 -32.62
N ASP A 267 -14.69 -11.24 -32.98
CA ASP A 267 -15.83 -10.68 -32.27
C ASP A 267 -16.69 -11.81 -31.73
N VAL A 268 -17.35 -11.60 -30.60
CA VAL A 268 -18.44 -12.51 -30.24
C VAL A 268 -19.69 -11.70 -30.00
N ALA A 269 -20.83 -12.33 -30.23
CA ALA A 269 -22.11 -11.66 -30.02
C ALA A 269 -23.00 -12.40 -29.03
N PHE A 270 -23.57 -11.66 -28.10
CA PHE A 270 -24.57 -12.18 -27.18
C PHE A 270 -25.95 -11.77 -27.73
N ILE A 271 -26.60 -12.73 -28.40
CA ILE A 271 -27.91 -12.50 -29.02
C ILE A 271 -29.01 -12.84 -28.03
N GLY A 272 -29.42 -11.85 -27.26
CA GLY A 272 -30.45 -12.05 -26.25
C GLY A 272 -31.82 -11.69 -26.77
N SER A 273 -32.83 -11.90 -25.94
CA SER A 273 -34.21 -11.64 -26.32
C SER A 273 -34.48 -10.14 -26.46
N ILE A 274 -33.77 -9.34 -25.69
CA ILE A 274 -33.98 -7.90 -25.68
C ILE A 274 -33.08 -7.20 -26.69
N MET A 275 -31.82 -7.60 -26.75
CA MET A 275 -30.87 -6.97 -27.66
C MET A 275 -29.65 -7.84 -27.91
N THR A 276 -28.92 -7.50 -28.96
CA THR A 276 -27.66 -8.15 -29.25
C THR A 276 -26.53 -7.26 -28.80
N VAL A 277 -25.63 -7.84 -28.01
CA VAL A 277 -24.47 -7.09 -27.52
C VAL A 277 -23.17 -7.71 -28.06
N TRP A 278 -22.29 -6.86 -28.58
CA TRP A 278 -21.03 -7.32 -29.18
C TRP A 278 -19.81 -7.08 -28.31
N LEU A 279 -18.92 -8.07 -28.29
CA LEU A 279 -17.58 -7.92 -27.72
C LEU A 279 -16.57 -8.11 -28.86
N SER A 280 -15.83 -7.05 -29.17
CA SER A 280 -14.92 -7.06 -30.32
C SER A 280 -13.49 -6.86 -29.87
N THR A 281 -12.57 -7.58 -30.49
CA THR A 281 -11.14 -7.41 -30.24
C THR A 281 -10.45 -6.87 -31.49
N ALA A 282 -11.23 -6.18 -32.33
CA ALA A 282 -10.72 -5.62 -33.58
C ALA A 282 -9.71 -4.50 -33.33
N PRO A 283 -8.79 -4.28 -34.28
CA PRO A 283 -7.76 -3.24 -34.10
C PRO A 283 -8.33 -1.82 -34.18
N THR A 284 -9.60 -1.71 -34.56
CA THR A 284 -10.30 -0.43 -34.53
C THR A 284 -10.96 -0.17 -33.18
N GLU A 285 -10.92 -1.15 -32.28
CA GLU A 285 -11.55 -1.01 -30.98
C GLU A 285 -10.51 -0.90 -29.88
N PRO A 286 -10.94 -0.44 -28.68
CA PRO A 286 -10.03 -0.38 -27.54
C PRO A 286 -9.37 -1.73 -27.28
N LEU A 287 -8.11 -1.68 -26.89
CA LEU A 287 -7.32 -2.89 -26.73
C LEU A 287 -7.85 -3.79 -25.61
N THR A 288 -7.84 -5.10 -25.85
CA THR A 288 -8.16 -6.10 -24.83
C THR A 288 -6.95 -6.99 -24.59
N HIS A 289 -7.06 -7.93 -23.66
CA HIS A 289 -5.93 -8.79 -23.31
C HIS A 289 -5.65 -9.82 -24.42
N TRP A 290 -6.53 -9.90 -25.42
CA TRP A 290 -6.32 -10.77 -26.57
C TRP A 290 -5.47 -10.10 -27.67
N TYR A 291 -5.35 -8.78 -27.62
CA TYR A 291 -4.64 -8.00 -28.64
C TYR A 291 -5.09 -8.39 -30.05
N GLN A 292 -4.15 -8.51 -30.97
CA GLN A 292 -4.43 -9.11 -32.26
C GLN A 292 -3.32 -10.09 -32.59
N VAL A 293 -3.55 -10.93 -33.59
CA VAL A 293 -2.56 -11.94 -33.94
C VAL A 293 -2.14 -11.81 -35.39
N ARG A 294 -0.84 -11.86 -35.64
CA ARG A 294 -0.37 -11.83 -37.02
C ARG A 294 0.48 -13.05 -37.35
N CYS A 295 0.13 -13.69 -38.47
CA CYS A 295 0.88 -14.82 -38.99
C CYS A 295 1.61 -14.36 -40.25
N LEU A 296 2.93 -14.44 -40.23
CA LEU A 296 3.75 -14.00 -41.35
C LEU A 296 3.83 -15.04 -42.45
N PHE A 297 3.96 -14.55 -43.67
CA PHE A 297 4.37 -15.37 -44.79
C PHE A 297 5.88 -15.48 -44.77
N GLN A 298 6.40 -16.61 -45.20
CA GLN A 298 7.84 -16.85 -45.26
C GLN A 298 8.43 -15.97 -46.35
N SER A 299 7.64 -15.80 -47.41
CA SER A 299 8.00 -14.94 -48.52
C SER A 299 6.84 -13.98 -48.76
N PRO A 300 7.09 -12.67 -48.67
CA PRO A 300 6.01 -11.72 -48.93
C PRO A 300 5.52 -11.78 -50.36
N LEU A 301 4.28 -11.36 -50.58
CA LEU A 301 3.71 -11.35 -51.93
C LEU A 301 3.43 -9.93 -52.41
N PHE A 302 3.84 -9.60 -53.62
CA PHE A 302 3.53 -8.27 -54.16
C PHE A 302 2.14 -8.23 -54.78
N ALA A 303 1.37 -7.22 -54.42
CA ALA A 303 0.05 -7.03 -55.00
C ALA A 303 -0.22 -5.57 -55.34
N LYS A 304 -0.79 -5.35 -56.51
CA LYS A 304 -1.27 -4.02 -56.88
C LYS A 304 -2.69 -3.86 -56.40
N ALA A 305 -3.10 -2.62 -56.16
CA ALA A 305 -4.46 -2.35 -55.76
C ALA A 305 -5.39 -2.85 -56.86
N GLY A 306 -6.42 -3.60 -56.46
CA GLY A 306 -7.34 -4.18 -57.42
C GLY A 306 -7.05 -5.64 -57.72
N ASP A 307 -5.84 -6.10 -57.41
CA ASP A 307 -5.49 -7.51 -57.54
C ASP A 307 -6.26 -8.34 -56.53
N THR A 308 -6.23 -9.66 -56.71
CA THR A 308 -6.88 -10.58 -55.79
C THR A 308 -5.88 -11.50 -55.13
N LEU A 309 -5.94 -11.55 -53.80
CA LEU A 309 -5.11 -12.46 -53.02
C LEU A 309 -5.99 -13.60 -52.55
N SER A 310 -5.76 -14.81 -53.05
CA SER A 310 -6.65 -15.90 -52.68
C SER A 310 -5.89 -17.05 -52.05
N GLY A 311 -6.62 -17.84 -51.27
CA GLY A 311 -6.03 -18.99 -50.63
C GLY A 311 -6.80 -19.54 -49.46
N THR A 312 -6.09 -20.24 -48.58
CA THR A 312 -6.74 -20.92 -47.45
C THR A 312 -5.93 -20.81 -46.16
N CYS A 313 -6.67 -20.62 -45.07
CA CYS A 313 -6.13 -20.76 -43.72
C CYS A 313 -6.74 -22.00 -43.07
N LEU A 314 -5.94 -23.03 -42.86
CA LEU A 314 -6.40 -24.29 -42.31
C LEU A 314 -5.87 -24.45 -40.88
N LEU A 315 -6.80 -24.59 -39.93
CA LEU A 315 -6.44 -24.74 -38.53
C LEU A 315 -6.70 -26.19 -38.12
N ILE A 316 -5.66 -26.88 -37.68
CA ILE A 316 -5.81 -28.29 -37.28
C ILE A 316 -5.56 -28.42 -35.80
N ALA A 317 -6.56 -28.89 -35.06
CA ALA A 317 -6.43 -28.99 -33.61
C ALA A 317 -5.40 -30.04 -33.22
N ASN A 318 -4.61 -29.75 -32.19
CA ASN A 318 -3.65 -30.71 -31.67
C ASN A 318 -3.92 -30.98 -30.19
N LYS A 319 -3.26 -31.99 -29.62
CA LYS A 319 -3.52 -32.41 -28.25
C LYS A 319 -2.85 -31.50 -27.21
N ARG A 320 -2.20 -30.43 -27.67
CA ARG A 320 -1.62 -29.44 -26.77
C ARG A 320 -2.56 -28.25 -26.61
N GLN A 321 -3.85 -28.53 -26.75
CA GLN A 321 -4.91 -27.53 -26.60
C GLN A 321 -4.71 -26.33 -27.51
N SER A 322 -4.26 -26.57 -28.72
CA SER A 322 -4.06 -25.48 -29.66
C SER A 322 -4.17 -26.00 -31.08
N TYR A 323 -3.66 -25.21 -32.03
CA TYR A 323 -3.83 -25.51 -33.44
C TYR A 323 -2.53 -25.42 -34.21
N ASP A 324 -2.39 -26.28 -35.20
CA ASP A 324 -1.40 -26.13 -36.23
C ASP A 324 -2.03 -25.28 -37.33
N ILE A 325 -1.38 -24.17 -37.66
CA ILE A 325 -1.92 -23.23 -38.63
C ILE A 325 -1.20 -23.41 -39.94
N SER A 326 -1.96 -23.68 -41.00
CA SER A 326 -1.40 -23.77 -42.33
C SER A 326 -2.01 -22.69 -43.22
N ILE A 327 -1.18 -21.79 -43.73
CA ILE A 327 -1.66 -20.71 -44.60
C ILE A 327 -1.06 -20.79 -46.00
N VAL A 328 -1.91 -20.86 -47.01
CA VAL A 328 -1.43 -20.77 -48.39
C VAL A 328 -2.15 -19.64 -49.10
N ALA A 329 -1.37 -18.78 -49.75
CA ALA A 329 -1.90 -17.61 -50.43
C ALA A 329 -1.19 -17.38 -51.75
N GLN A 330 -1.94 -16.85 -52.73
CA GLN A 330 -1.36 -16.51 -54.02
C GLN A 330 -2.04 -15.26 -54.59
N VAL A 331 -1.26 -14.47 -55.34
CA VAL A 331 -1.81 -13.35 -56.09
C VAL A 331 -2.29 -13.91 -57.41
N ASP A 332 -3.61 -13.91 -57.63
CA ASP A 332 -4.17 -14.59 -58.78
C ASP A 332 -3.64 -14.00 -60.08
N GLN A 333 -3.41 -12.69 -60.09
CA GLN A 333 -2.98 -12.01 -61.32
C GLN A 333 -1.53 -12.35 -61.72
N THR A 334 -0.74 -12.89 -60.80
CA THR A 334 0.67 -13.15 -61.08
C THR A 334 1.05 -14.60 -60.84
N GLY A 335 0.24 -15.29 -60.05
CA GLY A 335 0.50 -16.68 -59.70
C GLY A 335 1.58 -16.86 -58.65
N SER A 336 2.14 -15.76 -58.17
CA SER A 336 3.20 -15.81 -57.16
C SER A 336 2.63 -16.25 -55.81
N LYS A 337 3.25 -17.28 -55.25
CA LYS A 337 2.71 -18.03 -54.13
C LYS A 337 3.55 -18.00 -52.86
N SER A 338 2.87 -18.12 -51.72
CA SER A 338 3.54 -18.27 -50.43
C SER A 338 2.81 -19.18 -49.44
N SER A 339 3.57 -19.71 -48.48
CA SER A 339 3.06 -20.61 -47.45
C SER A 339 3.54 -20.17 -46.07
N ASN A 340 3.11 -20.93 -45.06
CA ASN A 340 3.70 -20.88 -43.73
C ASN A 340 2.93 -21.84 -42.84
N LEU A 341 3.67 -22.43 -41.92
CA LEU A 341 3.14 -23.34 -40.93
C LEU A 341 3.45 -22.70 -39.61
N LEU A 342 2.42 -22.54 -38.79
CA LEU A 342 2.60 -21.88 -37.52
C LEU A 342 2.07 -22.74 -36.39
N ASP A 343 2.65 -22.52 -35.22
CA ASP A 343 2.29 -23.27 -34.03
C ASP A 343 1.64 -22.30 -33.05
N LEU A 344 0.31 -22.29 -33.03
CA LEU A 344 -0.44 -21.32 -32.23
C LEU A 344 -0.19 -21.49 -30.74
N LYS A 345 0.36 -22.64 -30.32
CA LYS A 345 0.58 -22.89 -28.90
C LYS A 345 1.71 -22.00 -28.35
N ASN A 346 2.68 -21.68 -29.20
CA ASN A 346 3.84 -20.90 -28.80
C ASN A 346 3.92 -19.59 -29.56
N PRO A 347 3.05 -18.63 -29.22
CA PRO A 347 3.06 -17.34 -29.91
C PRO A 347 4.15 -16.44 -29.36
N PHE A 348 4.50 -15.41 -30.11
CA PHE A 348 5.48 -14.46 -29.65
C PHE A 348 4.78 -13.21 -29.15
N PHE A 349 4.84 -12.95 -27.84
CA PHE A 349 4.23 -11.74 -27.29
C PHE A 349 5.18 -10.57 -27.51
N ARG A 350 4.84 -9.75 -28.51
CA ARG A 350 5.71 -8.67 -28.98
C ARG A 350 5.32 -7.34 -28.32
N TYR A 351 4.08 -7.28 -27.84
CA TYR A 351 3.52 -6.05 -27.32
C TYR A 351 4.35 -5.46 -26.17
N THR A 352 4.57 -4.15 -26.25
CA THR A 352 5.31 -3.42 -25.23
C THR A 352 4.58 -2.13 -24.85
N ARG B 9 12.49 -47.23 -12.30
CA ARG B 9 12.50 -45.92 -12.94
C ARG B 9 13.89 -45.31 -12.88
N SER B 10 14.09 -44.21 -13.61
CA SER B 10 15.33 -43.47 -13.50
C SER B 10 15.24 -42.53 -12.32
N VAL B 11 16.39 -42.05 -11.87
CA VAL B 11 16.45 -41.11 -10.76
C VAL B 11 15.69 -39.84 -11.17
N PHE B 12 15.79 -39.45 -12.43
CA PHE B 12 15.11 -38.26 -12.90
C PHE B 12 13.59 -38.40 -12.81
N SER B 13 13.04 -39.47 -13.38
CA SER B 13 11.59 -39.70 -13.36
C SER B 13 11.01 -39.83 -11.96
N GLU B 14 11.75 -40.50 -11.08
CA GLU B 14 11.27 -40.79 -9.73
C GLU B 14 11.10 -39.47 -8.97
N ARG B 15 11.90 -38.46 -9.31
CA ARG B 15 11.83 -37.16 -8.63
C ARG B 15 11.13 -36.07 -9.45
N THR B 16 10.64 -36.39 -10.64
CA THR B 16 10.10 -35.36 -11.53
C THR B 16 8.71 -35.70 -12.06
N GLU B 17 7.78 -34.78 -11.83
CA GLU B 17 6.45 -34.90 -12.39
C GLU B 17 6.57 -34.79 -13.91
N GLU B 18 5.87 -35.68 -14.63
CA GLU B 18 5.96 -35.73 -16.08
C GLU B 18 5.63 -34.40 -16.76
N SER B 19 4.57 -33.75 -16.30
CA SER B 19 4.11 -32.50 -16.87
C SER B 19 5.25 -31.46 -16.87
N SER B 20 5.96 -31.43 -15.74
CA SER B 20 7.06 -30.50 -15.54
C SER B 20 8.23 -30.82 -16.47
N ALA B 21 8.55 -32.09 -16.62
CA ALA B 21 9.65 -32.49 -17.49
C ALA B 21 9.37 -32.15 -18.96
N VAL B 22 8.14 -32.45 -19.40
CA VAL B 22 7.73 -32.16 -20.77
C VAL B 22 7.89 -30.66 -21.01
N GLN B 23 7.29 -29.86 -20.13
CA GLN B 23 7.38 -28.41 -20.27
C GLN B 23 8.82 -27.90 -20.23
N TYR B 24 9.59 -28.48 -19.31
CA TYR B 24 10.97 -28.06 -19.06
C TYR B 24 11.83 -28.26 -20.29
N PHE B 25 11.77 -29.44 -20.88
CA PHE B 25 12.63 -29.72 -22.03
C PHE B 25 12.07 -29.12 -23.31
N GLN B 26 10.77 -28.85 -23.36
CA GLN B 26 10.25 -28.09 -24.49
C GLN B 26 10.81 -26.66 -24.46
N PHE B 27 10.86 -26.05 -23.28
CA PHE B 27 11.45 -24.72 -23.14
C PHE B 27 12.86 -24.63 -23.71
N TYR B 28 13.71 -25.60 -23.41
CA TYR B 28 15.10 -25.56 -23.84
C TYR B 28 15.31 -26.10 -25.26
N GLY B 29 14.24 -26.60 -25.88
CA GLY B 29 14.31 -27.04 -27.26
C GLY B 29 14.33 -25.91 -28.28
N TYR B 30 14.08 -24.68 -27.84
CA TYR B 30 14.04 -23.53 -28.74
C TYR B 30 15.39 -22.87 -28.93
N LEU B 31 15.73 -22.61 -30.19
CA LEU B 31 16.96 -21.93 -30.55
C LEU B 31 17.03 -20.52 -29.95
N SER B 32 15.88 -19.85 -29.81
CA SER B 32 15.85 -18.49 -29.28
C SER B 32 16.34 -18.43 -27.83
N GLN B 33 16.04 -19.46 -27.06
CA GLN B 33 16.50 -19.55 -25.68
C GLN B 33 18.00 -19.81 -25.60
N GLN B 34 18.49 -20.68 -26.47
CA GLN B 34 19.91 -20.91 -26.60
C GLN B 34 20.61 -19.59 -26.94
N GLN B 35 20.06 -18.86 -27.90
CA GLN B 35 20.61 -17.55 -28.25
C GLN B 35 20.63 -16.64 -27.03
N ASN B 36 19.53 -16.61 -26.28
CA ASN B 36 19.48 -15.81 -25.07
C ASN B 36 20.60 -16.14 -24.10
N MET B 37 20.84 -17.43 -23.85
CA MET B 37 21.92 -17.80 -22.95
C MET B 37 23.29 -17.45 -23.54
N MET B 38 23.43 -17.65 -24.84
CA MET B 38 24.72 -17.42 -25.50
C MET B 38 25.09 -15.94 -25.51
N GLN B 39 24.07 -15.07 -25.58
CA GLN B 39 24.31 -13.64 -25.65
C GLN B 39 24.57 -13.01 -24.28
N ASP B 40 24.48 -13.81 -23.22
CA ASP B 40 25.00 -13.38 -21.92
C ASP B 40 26.51 -13.45 -21.98
N TYR B 41 27.16 -12.35 -22.34
CA TYR B 41 28.59 -12.40 -22.58
C TYR B 41 29.39 -12.70 -21.31
N VAL B 42 28.94 -12.20 -20.17
CA VAL B 42 29.64 -12.46 -18.90
C VAL B 42 29.71 -13.99 -18.68
N ARG B 43 28.57 -14.65 -18.82
CA ARG B 43 28.47 -16.09 -18.65
C ARG B 43 29.35 -16.84 -19.65
N THR B 44 29.11 -16.58 -20.93
CA THR B 44 29.70 -17.34 -22.02
C THR B 44 31.21 -17.12 -22.02
N GLY B 45 31.58 -15.85 -21.91
CA GLY B 45 32.99 -15.49 -21.85
C GLY B 45 33.69 -16.04 -20.61
N THR B 46 33.01 -16.01 -19.46
CA THR B 46 33.66 -16.52 -18.25
C THR B 46 33.84 -18.02 -18.34
N TYR B 47 32.85 -18.73 -18.91
CA TYR B 47 33.01 -20.17 -19.14
C TYR B 47 34.18 -20.46 -20.05
N GLN B 48 34.25 -19.73 -21.17
CA GLN B 48 35.34 -19.95 -22.10
C GLN B 48 36.69 -19.67 -21.41
N ARG B 49 36.74 -18.61 -20.61
CA ARG B 49 37.97 -18.27 -19.89
C ARG B 49 38.35 -19.37 -18.88
N ALA B 50 37.36 -19.85 -18.13
CA ALA B 50 37.61 -20.89 -17.12
C ALA B 50 38.16 -22.15 -17.79
N ILE B 51 37.61 -22.49 -18.95
CA ILE B 51 38.07 -23.68 -19.66
C ILE B 51 39.41 -23.51 -20.37
N LEU B 52 39.57 -22.42 -21.12
CA LEU B 52 40.79 -22.22 -21.91
C LEU B 52 42.00 -21.91 -21.03
N GLN B 53 41.81 -21.18 -19.94
CA GLN B 53 42.96 -20.84 -19.11
C GLN B 53 43.36 -22.01 -18.23
N ASN B 54 42.51 -23.03 -18.16
CA ASN B 54 42.86 -24.29 -17.50
C ASN B 54 42.95 -25.41 -18.56
N HIS B 55 43.59 -25.09 -19.68
CA HIS B 55 43.56 -26.00 -20.83
C HIS B 55 44.17 -27.37 -20.50
N THR B 56 45.10 -27.41 -19.55
CA THR B 56 45.76 -28.65 -19.18
C THR B 56 44.79 -29.63 -18.51
N ASP B 57 43.70 -29.11 -17.95
CA ASP B 57 42.67 -29.96 -17.36
C ASP B 57 41.80 -30.60 -18.43
N PHE B 58 42.01 -30.21 -19.69
CA PHE B 58 41.19 -30.71 -20.78
C PHE B 58 42.07 -31.41 -21.84
N LYS B 59 43.34 -31.01 -21.93
CA LYS B 59 44.23 -31.52 -22.97
C LYS B 59 44.29 -33.05 -22.97
N ASP B 60 43.80 -33.65 -24.06
CA ASP B 60 43.76 -35.12 -24.22
C ASP B 60 42.98 -35.84 -23.13
N LYS B 61 41.98 -35.16 -22.58
CA LYS B 61 41.15 -35.76 -21.53
C LYS B 61 39.78 -36.16 -22.08
N ILE B 62 39.09 -37.02 -21.33
CA ILE B 62 37.71 -37.40 -21.64
C ILE B 62 36.77 -36.47 -20.87
N VAL B 63 35.80 -35.88 -21.57
CA VAL B 63 34.96 -34.85 -20.98
C VAL B 63 33.49 -35.27 -21.03
N LEU B 64 32.73 -34.93 -19.99
CA LEU B 64 31.27 -35.05 -20.07
C LEU B 64 30.64 -33.68 -19.91
N ASP B 65 29.81 -33.29 -20.87
CA ASP B 65 29.06 -32.03 -20.81
C ASP B 65 27.61 -32.33 -20.43
N VAL B 66 27.23 -32.00 -19.20
CA VAL B 66 25.89 -32.34 -18.74
C VAL B 66 24.87 -31.26 -19.14
N GLY B 67 23.97 -31.63 -20.05
CA GLY B 67 22.95 -30.72 -20.55
C GLY B 67 23.54 -29.70 -21.48
N CYS B 68 24.12 -30.18 -22.57
CA CYS B 68 24.97 -29.37 -23.45
C CYS B 68 24.22 -28.34 -24.29
N GLY B 69 22.92 -28.51 -24.43
CA GLY B 69 22.13 -27.61 -25.26
C GLY B 69 22.68 -27.55 -26.67
N SER B 70 23.02 -26.33 -27.10
CA SER B 70 23.59 -26.10 -28.42
C SER B 70 25.00 -26.68 -28.52
N GLY B 71 25.65 -26.90 -27.38
CA GLY B 71 26.96 -27.51 -27.34
C GLY B 71 28.15 -26.61 -27.10
N ILE B 72 27.90 -25.35 -26.76
CA ILE B 72 28.94 -24.34 -26.71
C ILE B 72 30.09 -24.75 -25.75
N LEU B 73 29.74 -25.34 -24.62
CA LEU B 73 30.75 -25.72 -23.63
C LEU B 73 31.60 -26.88 -24.12
N SER B 74 30.98 -27.79 -24.87
CA SER B 74 31.70 -28.90 -25.45
C SER B 74 32.69 -28.37 -26.49
N PHE B 75 32.30 -27.34 -27.22
CA PHE B 75 33.21 -26.69 -28.16
C PHE B 75 34.38 -26.03 -27.43
N PHE B 76 34.10 -25.35 -26.31
CA PHE B 76 35.20 -24.80 -25.51
C PHE B 76 36.15 -25.90 -25.05
N ALA B 77 35.59 -27.01 -24.58
CA ALA B 77 36.42 -28.15 -24.20
C ALA B 77 37.24 -28.66 -25.40
N ALA B 78 36.63 -28.65 -26.58
CA ALA B 78 37.35 -29.05 -27.79
C ALA B 78 38.49 -28.09 -28.11
N GLN B 79 38.24 -26.80 -27.93
CA GLN B 79 39.27 -25.78 -28.16
C GLN B 79 40.46 -25.98 -27.21
N ALA B 80 40.18 -26.50 -26.01
CA ALA B 80 41.21 -26.69 -25.00
C ALA B 80 42.00 -27.99 -25.22
N GLY B 81 41.62 -28.74 -26.24
CA GLY B 81 42.36 -29.92 -26.65
C GLY B 81 41.82 -31.24 -26.13
N ALA B 82 40.58 -31.25 -25.65
CA ALA B 82 40.01 -32.51 -25.17
C ALA B 82 39.93 -33.46 -26.34
N ARG B 83 40.31 -34.71 -26.12
CA ARG B 83 40.30 -35.67 -27.20
C ARG B 83 38.90 -36.25 -27.46
N LYS B 84 38.08 -36.38 -26.41
CA LYS B 84 36.72 -36.92 -26.58
C LYS B 84 35.76 -36.26 -25.58
N ILE B 85 34.65 -35.74 -26.10
CA ILE B 85 33.64 -35.05 -25.30
C ILE B 85 32.28 -35.70 -25.51
N TYR B 86 31.68 -36.18 -24.43
CA TYR B 86 30.32 -36.68 -24.51
C TYR B 86 29.35 -35.59 -24.09
N ALA B 87 28.56 -35.12 -25.06
CA ALA B 87 27.63 -34.03 -24.84
C ALA B 87 26.22 -34.56 -24.70
N VAL B 88 25.72 -34.60 -23.46
CA VAL B 88 24.43 -35.18 -23.17
C VAL B 88 23.36 -34.09 -23.11
N GLU B 89 22.25 -34.30 -23.83
CA GLU B 89 21.15 -33.35 -23.86
C GLU B 89 19.81 -34.05 -24.08
N ALA B 90 18.83 -33.75 -23.24
CA ALA B 90 17.55 -34.45 -23.24
C ALA B 90 16.51 -33.80 -24.15
N SER B 91 16.66 -32.51 -24.44
CA SER B 91 15.71 -31.83 -25.30
C SER B 91 16.03 -32.12 -26.77
N THR B 92 15.19 -31.61 -27.67
CA THR B 92 15.42 -31.81 -29.09
C THR B 92 16.60 -30.98 -29.62
N MET B 93 17.13 -30.10 -28.77
CA MET B 93 18.26 -29.27 -29.14
C MET B 93 19.43 -30.17 -29.52
N ALA B 94 19.41 -31.38 -29.01
CA ALA B 94 20.47 -32.34 -29.27
C ALA B 94 20.71 -32.47 -30.77
N GLN B 95 19.64 -32.42 -31.57
CA GLN B 95 19.82 -32.51 -33.02
C GLN B 95 20.57 -31.28 -33.55
N HIS B 96 20.32 -30.12 -32.97
CA HIS B 96 20.97 -28.89 -33.45
C HIS B 96 22.45 -28.91 -33.06
N ALA B 97 22.76 -29.48 -31.91
CA ALA B 97 24.14 -29.63 -31.48
C ALA B 97 24.90 -30.53 -32.45
N GLU B 98 24.26 -31.62 -32.88
CA GLU B 98 24.88 -32.52 -33.85
C GLU B 98 25.20 -31.78 -35.14
N VAL B 99 24.28 -30.93 -35.59
CA VAL B 99 24.48 -30.16 -36.80
C VAL B 99 25.75 -29.31 -36.67
N LEU B 100 25.90 -28.63 -35.54
CA LEU B 100 27.06 -27.76 -35.32
C LEU B 100 28.36 -28.55 -35.19
N VAL B 101 28.29 -29.73 -34.60
CA VAL B 101 29.48 -30.57 -34.48
C VAL B 101 29.98 -30.94 -35.87
N LYS B 102 29.08 -31.34 -36.77
CA LYS B 102 29.48 -31.68 -38.12
C LYS B 102 30.00 -30.48 -38.91
N SER B 103 29.27 -29.36 -38.85
CA SER B 103 29.65 -28.19 -39.64
C SER B 103 30.93 -27.53 -39.10
N ASN B 104 31.32 -27.88 -37.88
CA ASN B 104 32.56 -27.38 -37.30
C ASN B 104 33.67 -28.46 -37.37
N ASN B 105 33.41 -29.51 -38.13
CA ASN B 105 34.41 -30.56 -38.38
C ASN B 105 35.02 -31.13 -37.09
N LEU B 106 34.17 -31.42 -36.10
CA LEU B 106 34.63 -31.97 -34.82
C LEU B 106 33.95 -33.30 -34.50
N THR B 107 33.55 -34.01 -35.55
CA THR B 107 32.83 -35.27 -35.39
C THR B 107 33.67 -36.34 -34.69
N ASP B 108 34.99 -36.19 -34.75
CA ASP B 108 35.92 -37.14 -34.17
C ASP B 108 36.21 -36.87 -32.70
N ARG B 109 35.65 -35.79 -32.16
CA ARG B 109 35.96 -35.36 -30.80
C ARG B 109 34.71 -35.07 -29.95
N ILE B 110 33.65 -34.56 -30.57
CA ILE B 110 32.43 -34.30 -29.82
C ILE B 110 31.36 -35.30 -30.24
N VAL B 111 30.85 -36.00 -29.24
CA VAL B 111 29.83 -37.00 -29.44
C VAL B 111 28.58 -36.62 -28.69
N VAL B 112 27.51 -36.33 -29.43
CA VAL B 112 26.23 -35.99 -28.84
C VAL B 112 25.52 -37.26 -28.41
N ILE B 113 25.12 -37.33 -27.15
CA ILE B 113 24.35 -38.45 -26.66
C ILE B 113 22.98 -37.92 -26.22
N PRO B 114 21.94 -38.13 -27.05
CA PRO B 114 20.60 -37.65 -26.73
C PRO B 114 19.97 -38.41 -25.58
N GLY B 115 19.35 -37.70 -24.65
CA GLY B 115 18.71 -38.31 -23.51
C GLY B 115 19.07 -37.65 -22.19
N LYS B 116 18.47 -38.12 -21.11
CA LYS B 116 18.73 -37.58 -19.78
C LYS B 116 19.99 -38.24 -19.23
N VAL B 117 20.82 -37.47 -18.53
CA VAL B 117 22.09 -37.98 -18.03
C VAL B 117 21.86 -39.13 -17.04
N GLU B 118 20.66 -39.19 -16.47
CA GLU B 118 20.32 -40.27 -15.53
C GLU B 118 19.92 -41.56 -16.23
N GLU B 119 19.78 -41.52 -17.55
CA GLU B 119 19.20 -42.63 -18.30
C GLU B 119 20.10 -43.14 -19.42
N VAL B 120 20.92 -42.27 -19.99
CA VAL B 120 21.81 -42.67 -21.06
C VAL B 120 22.91 -43.54 -20.45
N SER B 121 23.63 -44.27 -21.28
CA SER B 121 24.83 -44.97 -20.83
C SER B 121 26.00 -44.42 -21.64
N LEU B 122 27.02 -43.97 -20.92
CA LEU B 122 28.21 -43.45 -21.56
C LEU B 122 29.19 -44.59 -21.80
N PRO B 123 29.97 -44.52 -22.89
CA PRO B 123 30.89 -45.63 -23.21
C PRO B 123 32.08 -45.78 -22.25
N GLU B 124 32.44 -44.74 -21.53
CA GLU B 124 33.59 -44.80 -20.63
C GLU B 124 33.49 -43.76 -19.52
N GLN B 125 34.34 -43.89 -18.51
CA GLN B 125 34.41 -42.92 -17.42
C GLN B 125 35.14 -41.68 -17.95
N VAL B 126 34.87 -40.52 -17.36
CA VAL B 126 35.45 -39.27 -17.85
C VAL B 126 36.39 -38.64 -16.84
N ASP B 127 37.28 -37.78 -17.32
CA ASP B 127 38.24 -37.09 -16.48
C ASP B 127 37.63 -35.84 -15.85
N ILE B 128 36.68 -35.23 -16.54
CA ILE B 128 36.11 -33.99 -16.04
C ILE B 128 34.67 -33.82 -16.48
N ILE B 129 33.87 -33.29 -15.58
CA ILE B 129 32.48 -32.98 -15.93
C ILE B 129 32.33 -31.48 -16.04
N ILE B 130 31.80 -31.01 -17.17
CA ILE B 130 31.44 -29.61 -17.31
C ILE B 130 29.93 -29.50 -17.46
N SER B 131 29.39 -28.40 -16.95
CA SER B 131 27.97 -28.16 -17.03
C SER B 131 27.65 -26.76 -16.58
N GLU B 132 26.46 -26.32 -16.95
CA GLU B 132 25.91 -25.09 -16.42
C GLU B 132 24.53 -25.37 -15.86
N PRO B 133 24.47 -25.92 -14.64
CA PRO B 133 23.18 -26.34 -14.08
C PRO B 133 22.57 -25.33 -13.12
N MET B 134 23.05 -24.10 -13.14
CA MET B 134 22.59 -23.12 -12.16
C MET B 134 21.29 -22.49 -12.62
N GLY B 135 20.30 -22.51 -11.73
CA GLY B 135 19.07 -21.78 -11.99
C GLY B 135 19.00 -20.58 -11.09
N TYR B 136 17.85 -19.92 -11.08
CA TYR B 136 17.61 -18.80 -10.18
C TYR B 136 17.89 -19.24 -8.76
N MET B 137 18.49 -18.36 -7.96
CA MET B 137 18.88 -18.72 -6.61
C MET B 137 19.79 -19.93 -6.60
N LEU B 138 20.48 -20.16 -7.70
CA LEU B 138 21.34 -21.33 -7.89
C LEU B 138 20.55 -22.65 -8.01
N PHE B 139 19.56 -22.88 -7.15
CA PHE B 139 18.96 -24.22 -7.04
C PHE B 139 17.72 -24.48 -7.91
N ASN B 140 17.13 -23.44 -8.48
CA ASN B 140 15.93 -23.64 -9.29
C ASN B 140 16.23 -24.59 -10.45
N GLU B 141 15.23 -25.39 -10.82
CA GLU B 141 15.30 -26.41 -11.89
C GLU B 141 15.84 -27.76 -11.41
N ARG B 142 16.50 -27.78 -10.26
CA ARG B 142 17.00 -29.03 -9.67
C ARG B 142 18.02 -29.72 -10.58
N MET B 143 18.66 -28.96 -11.46
CA MET B 143 19.61 -29.56 -12.38
C MET B 143 20.96 -29.86 -11.71
N LEU B 144 21.23 -29.20 -10.59
CA LEU B 144 22.44 -29.51 -9.84
C LEU B 144 22.45 -31.00 -9.47
N GLU B 145 21.26 -31.56 -9.27
CA GLU B 145 21.16 -32.97 -8.90
C GLU B 145 21.57 -33.87 -10.06
N SER B 146 21.22 -33.47 -11.28
CA SER B 146 21.65 -34.20 -12.47
C SER B 146 23.17 -34.12 -12.54
N TYR B 147 23.67 -32.91 -12.30
CA TYR B 147 25.11 -32.65 -12.31
C TYR B 147 25.83 -33.57 -11.33
N LEU B 148 25.31 -33.66 -10.11
CA LEU B 148 25.91 -34.53 -9.10
C LEU B 148 25.73 -35.99 -9.47
N HIS B 149 24.56 -36.33 -10.01
CA HIS B 149 24.25 -37.70 -10.44
C HIS B 149 25.28 -38.16 -11.45
N ALA B 150 25.69 -37.25 -12.32
CA ALA B 150 26.65 -37.57 -13.38
C ALA B 150 28.03 -38.01 -12.86
N LYS B 151 28.29 -37.85 -11.56
CA LYS B 151 29.58 -38.25 -11.01
C LYS B 151 29.77 -39.76 -11.01
N LYS B 152 28.72 -40.51 -11.34
CA LYS B 152 28.86 -41.95 -11.50
C LYS B 152 29.75 -42.28 -12.69
N TYR B 153 29.98 -41.28 -13.56
CA TYR B 153 30.84 -41.45 -14.71
C TYR B 153 32.21 -40.82 -14.49
N LEU B 154 32.44 -40.27 -13.31
CA LEU B 154 33.69 -39.56 -13.04
C LEU B 154 34.76 -40.46 -12.45
N LYS B 155 35.93 -40.46 -13.08
CA LYS B 155 37.10 -41.13 -12.53
C LYS B 155 37.38 -40.61 -11.12
N PRO B 156 38.03 -41.44 -10.27
CA PRO B 156 38.37 -41.04 -8.89
C PRO B 156 39.12 -39.71 -8.80
N SER B 157 40.09 -39.51 -9.68
CA SER B 157 40.88 -38.29 -9.71
C SER B 157 40.16 -37.12 -10.41
N GLY B 158 38.90 -37.31 -10.79
CA GLY B 158 38.20 -36.36 -11.61
C GLY B 158 37.90 -34.97 -11.03
N ASN B 159 37.53 -34.06 -11.93
CA ASN B 159 37.24 -32.68 -11.58
C ASN B 159 35.84 -32.27 -12.07
N MET B 160 35.31 -31.20 -11.47
CA MET B 160 34.00 -30.67 -11.82
C MET B 160 34.12 -29.18 -12.16
N PHE B 161 33.57 -28.78 -13.31
CA PHE B 161 33.52 -27.37 -13.74
C PHE B 161 32.07 -26.93 -13.96
N PRO B 162 31.51 -26.14 -13.03
CA PRO B 162 32.14 -25.53 -11.86
C PRO B 162 32.40 -26.52 -10.74
N THR B 163 33.26 -26.14 -9.80
CA THR B 163 33.68 -27.01 -8.72
C THR B 163 32.88 -26.77 -7.45
N ILE B 164 32.62 -25.50 -7.14
CA ILE B 164 31.81 -25.14 -5.99
C ILE B 164 30.81 -24.05 -6.35
N GLY B 165 29.80 -23.92 -5.50
CA GLY B 165 28.80 -22.89 -5.63
C GLY B 165 28.51 -22.19 -4.30
N ASP B 166 28.53 -20.86 -4.32
CA ASP B 166 28.23 -20.05 -3.14
C ASP B 166 26.91 -19.33 -3.33
N VAL B 167 25.99 -19.53 -2.39
CA VAL B 167 24.77 -18.76 -2.33
C VAL B 167 24.95 -17.67 -1.28
N HIS B 168 24.67 -16.44 -1.67
CA HIS B 168 24.72 -15.32 -0.76
C HIS B 168 23.31 -14.85 -0.50
N LEU B 169 23.01 -14.63 0.78
CA LEU B 169 21.74 -13.99 1.13
C LEU B 169 22.01 -12.80 2.06
N ALA B 170 21.21 -11.75 1.90
CA ALA B 170 21.34 -10.56 2.74
C ALA B 170 20.02 -9.82 2.87
N PRO B 171 19.74 -9.24 4.05
CA PRO B 171 18.48 -8.50 4.18
C PRO B 171 18.48 -7.21 3.38
N PHE B 172 17.32 -6.82 2.86
CA PHE B 172 17.24 -5.57 2.10
C PHE B 172 16.03 -4.72 2.49
N THR B 173 16.08 -3.44 2.15
CA THR B 173 14.93 -2.55 2.30
C THR B 173 14.51 -1.99 0.94
N ASP B 174 13.22 -2.10 0.64
CA ASP B 174 12.67 -1.59 -0.62
C ASP B 174 11.15 -1.41 -0.53
N GLU B 175 10.71 -0.26 -0.01
CA GLU B 175 9.29 0.04 0.18
C GLU B 175 8.51 0.03 -1.14
N GLN B 176 9.15 0.48 -2.21
CA GLN B 176 8.48 0.57 -3.49
C GLN B 176 8.06 -0.81 -3.99
N LEU B 177 8.99 -1.76 -3.94
CA LEU B 177 8.72 -3.13 -4.36
C LEU B 177 7.61 -3.76 -3.53
N TYR B 178 7.72 -3.55 -2.22
CA TYR B 178 6.76 -4.10 -1.27
C TYR B 178 5.37 -3.59 -1.62
N MET B 179 5.26 -2.28 -1.75
CA MET B 179 3.99 -1.65 -2.05
C MET B 179 3.51 -2.07 -3.44
N GLU B 180 4.44 -2.28 -4.36
CA GLU B 180 4.09 -2.71 -5.71
C GLU B 180 3.36 -4.06 -5.69
N GLN B 181 3.87 -5.01 -4.90
CA GLN B 181 3.17 -6.30 -4.74
C GLN B 181 1.89 -6.20 -3.89
N PHE B 182 1.94 -5.37 -2.85
CA PHE B 182 0.81 -5.23 -1.96
C PHE B 182 -0.37 -4.63 -2.74
N THR B 183 -0.05 -3.70 -3.64
CA THR B 183 -1.04 -3.07 -4.51
C THR B 183 -1.72 -4.11 -5.39
N LYS B 184 -0.95 -5.06 -5.91
CA LYS B 184 -1.52 -6.13 -6.73
C LYS B 184 -2.45 -6.99 -5.91
N ALA B 185 -2.06 -7.32 -4.68
CA ALA B 185 -2.93 -8.17 -3.86
C ALA B 185 -4.19 -7.45 -3.40
N ASN B 186 -4.13 -6.13 -3.21
CA ASN B 186 -5.31 -5.40 -2.73
C ASN B 186 -6.48 -5.28 -3.71
N PHE B 187 -6.28 -5.75 -4.94
CA PHE B 187 -7.39 -5.88 -5.88
C PHE B 187 -8.51 -6.72 -5.23
N TRP B 188 -8.09 -7.76 -4.52
CA TRP B 188 -9.00 -8.71 -3.88
C TRP B 188 -9.55 -8.20 -2.54
N TYR B 189 -9.33 -6.92 -2.26
CA TYR B 189 -9.82 -6.23 -1.07
C TYR B 189 -11.19 -5.58 -1.33
N GLN B 190 -11.48 -5.35 -2.61
CA GLN B 190 -12.72 -4.66 -2.98
C GLN B 190 -14.01 -5.35 -2.54
N PRO B 191 -14.91 -4.59 -1.88
CA PRO B 191 -16.19 -5.13 -1.43
C PRO B 191 -17.25 -5.12 -2.54
N SER B 192 -16.96 -4.45 -3.64
CA SER B 192 -17.93 -4.34 -4.72
C SER B 192 -17.28 -4.14 -6.08
N PHE B 193 -16.55 -5.16 -6.54
CA PHE B 193 -16.02 -5.21 -7.90
C PHE B 193 -17.15 -5.60 -8.85
N HIS B 194 -17.64 -4.63 -9.63
CA HIS B 194 -18.83 -4.84 -10.45
C HIS B 194 -19.98 -5.39 -9.60
N GLY B 195 -20.05 -4.94 -8.35
CA GLY B 195 -21.10 -5.37 -7.45
C GLY B 195 -20.80 -6.64 -6.68
N VAL B 196 -19.61 -7.19 -6.87
CA VAL B 196 -19.22 -8.45 -6.25
C VAL B 196 -18.23 -8.18 -5.13
N ASP B 197 -18.50 -8.77 -3.97
CA ASP B 197 -17.60 -8.65 -2.82
C ASP B 197 -16.48 -9.68 -2.91
N LEU B 198 -15.25 -9.20 -3.15
CA LEU B 198 -14.10 -10.10 -3.31
C LEU B 198 -13.28 -10.24 -2.02
N SER B 199 -13.57 -9.43 -1.02
CA SER B 199 -12.64 -9.23 0.09
C SER B 199 -12.27 -10.51 0.83
N ALA B 200 -13.17 -11.50 0.82
CA ALA B 200 -12.93 -12.73 1.56
C ALA B 200 -11.73 -13.50 1.01
N LEU B 201 -11.26 -13.11 -0.17
CA LEU B 201 -10.12 -13.77 -0.80
C LEU B 201 -8.84 -12.95 -0.70
N ARG B 202 -8.90 -11.81 -0.01
CA ARG B 202 -7.72 -10.97 0.06
C ARG B 202 -6.55 -11.65 0.78
N GLY B 203 -6.84 -12.40 1.83
CA GLY B 203 -5.78 -13.10 2.52
C GLY B 203 -5.09 -14.08 1.58
N ALA B 204 -5.90 -14.85 0.85
CA ALA B 204 -5.38 -15.82 -0.10
C ALA B 204 -4.58 -15.16 -1.22
N ALA B 205 -5.00 -13.95 -1.61
CA ALA B 205 -4.32 -13.21 -2.67
C ALA B 205 -2.95 -12.71 -2.22
N VAL B 206 -2.90 -12.14 -1.03
CA VAL B 206 -1.64 -11.65 -0.48
C VAL B 206 -0.69 -12.82 -0.40
N ASP B 207 -1.17 -13.95 0.08
CA ASP B 207 -0.32 -15.11 0.17
C ASP B 207 0.25 -15.37 -1.22
N GLU B 208 -0.61 -15.42 -2.22
CA GLU B 208 -0.16 -15.82 -3.57
C GLU B 208 0.90 -14.87 -4.13
N TYR B 209 0.69 -13.57 -4.02
CA TYR B 209 1.66 -12.63 -4.58
C TYR B 209 2.99 -12.68 -3.84
N PHE B 210 2.93 -12.83 -2.53
CA PHE B 210 4.14 -12.81 -1.71
C PHE B 210 4.82 -14.18 -1.79
N ARG B 211 4.15 -15.14 -2.43
CA ARG B 211 4.75 -16.45 -2.68
C ARG B 211 5.75 -16.37 -3.82
N GLN B 212 5.73 -15.25 -4.56
CA GLN B 212 6.52 -15.13 -5.76
C GLN B 212 7.88 -14.50 -5.48
N PRO B 213 8.97 -15.28 -5.64
CA PRO B 213 10.27 -14.61 -5.56
C PRO B 213 10.39 -13.58 -6.66
N VAL B 214 11.03 -12.45 -6.36
CA VAL B 214 11.17 -11.38 -7.33
C VAL B 214 12.53 -11.47 -8.01
N VAL B 215 12.51 -11.68 -9.31
CA VAL B 215 13.74 -11.76 -10.09
C VAL B 215 13.98 -10.45 -10.80
N ASP B 216 15.07 -9.79 -10.44
CA ASP B 216 15.49 -8.58 -11.15
C ASP B 216 16.70 -8.05 -10.40
N THR B 217 17.22 -6.91 -10.85
CA THR B 217 18.43 -6.37 -10.23
C THR B 217 18.09 -5.18 -9.38
N PHE B 218 19.08 -4.72 -8.62
CA PHE B 218 18.85 -3.63 -7.70
C PHE B 218 20.16 -2.98 -7.29
N ASP B 219 20.03 -1.79 -6.72
CA ASP B 219 21.15 -1.04 -6.20
C ASP B 219 21.59 -1.67 -4.89
N ILE B 220 22.90 -1.84 -4.70
CA ILE B 220 23.42 -2.49 -3.50
C ILE B 220 23.12 -1.69 -2.23
N ARG B 221 22.71 -0.44 -2.41
CA ARG B 221 22.43 0.44 -1.29
C ARG B 221 21.17 0.06 -0.54
N ILE B 222 20.41 -0.88 -1.09
CA ILE B 222 19.22 -1.37 -0.40
C ILE B 222 19.60 -2.46 0.61
N LEU B 223 20.84 -2.95 0.53
CA LEU B 223 21.29 -4.01 1.43
C LEU B 223 21.67 -3.47 2.81
N MET B 224 21.19 -4.16 3.84
CA MET B 224 21.28 -3.68 5.22
C MET B 224 22.26 -4.46 6.10
N ALA B 225 22.93 -5.46 5.52
CA ALA B 225 23.95 -6.20 6.24
C ALA B 225 24.84 -6.94 5.24
N LYS B 226 26.08 -7.21 5.63
CA LYS B 226 26.97 -7.98 4.77
C LYS B 226 26.37 -9.38 4.63
N SER B 227 26.49 -9.97 3.45
CA SER B 227 25.83 -11.23 3.14
C SER B 227 26.33 -12.41 3.95
N VAL B 228 25.45 -13.40 4.09
CA VAL B 228 25.79 -14.70 4.67
C VAL B 228 25.94 -15.68 3.52
N LYS B 229 26.96 -16.53 3.62
CA LYS B 229 27.34 -17.46 2.55
C LYS B 229 26.97 -18.90 2.87
N TYR B 230 26.39 -19.59 1.89
CA TYR B 230 26.16 -21.03 1.99
C TYR B 230 26.81 -21.71 0.79
N THR B 231 27.68 -22.67 1.06
CA THR B 231 28.51 -23.25 -0.01
C THR B 231 28.17 -24.71 -0.28
N VAL B 232 28.03 -25.03 -1.56
CA VAL B 232 27.89 -26.41 -2.01
C VAL B 232 29.14 -26.79 -2.80
N ASN B 233 29.85 -27.80 -2.30
CA ASN B 233 31.01 -28.36 -3.00
C ASN B 233 30.59 -29.51 -3.93
N PHE B 234 30.61 -29.24 -5.23
CA PHE B 234 30.11 -30.20 -6.22
C PHE B 234 30.97 -31.45 -6.32
N LEU B 235 32.24 -31.35 -5.93
CA LEU B 235 33.11 -32.52 -5.92
C LEU B 235 32.73 -33.50 -4.80
N GLU B 236 32.16 -32.97 -3.73
CA GLU B 236 31.90 -33.79 -2.54
C GLU B 236 30.42 -34.12 -2.32
N ALA B 237 29.52 -33.22 -2.71
CA ALA B 237 28.11 -33.39 -2.41
C ALA B 237 27.50 -34.58 -3.16
N LYS B 238 26.44 -35.15 -2.59
CA LYS B 238 25.65 -36.19 -3.25
C LYS B 238 24.27 -35.63 -3.60
N GLU B 239 23.56 -36.31 -4.51
CA GLU B 239 22.25 -35.84 -4.95
C GLU B 239 21.30 -35.53 -3.80
N GLY B 240 21.22 -36.48 -2.87
CA GLY B 240 20.28 -36.40 -1.78
C GLY B 240 20.52 -35.20 -0.89
N ASP B 241 21.71 -34.64 -0.96
CA ASP B 241 22.02 -33.50 -0.12
C ASP B 241 21.14 -32.32 -0.52
N LEU B 242 20.60 -32.34 -1.74
CA LEU B 242 19.83 -31.19 -2.24
C LEU B 242 18.32 -31.35 -2.14
N HIS B 243 17.87 -32.45 -1.53
CA HIS B 243 16.44 -32.66 -1.36
C HIS B 243 15.95 -31.73 -0.27
N ARG B 244 16.81 -31.48 0.72
CA ARG B 244 16.49 -30.57 1.80
C ARG B 244 17.70 -29.69 2.13
N ILE B 245 17.64 -28.41 1.75
CA ILE B 245 18.75 -27.49 1.98
C ILE B 245 18.39 -26.52 3.10
N GLU B 246 19.14 -26.57 4.20
CA GLU B 246 18.89 -25.70 5.35
C GLU B 246 19.98 -24.64 5.51
N ILE B 247 19.63 -23.38 5.28
CA ILE B 247 20.59 -22.27 5.37
C ILE B 247 20.31 -21.38 6.58
N PRO B 248 21.01 -21.61 7.69
CA PRO B 248 20.86 -20.72 8.86
C PRO B 248 21.55 -19.39 8.63
N PHE B 249 21.02 -18.32 9.23
CA PHE B 249 21.67 -17.02 9.11
C PHE B 249 21.54 -16.17 10.37
N LYS B 250 22.58 -15.37 10.56
CA LYS B 250 22.70 -14.39 11.63
C LYS B 250 23.30 -13.11 11.08
N PHE B 251 22.46 -12.12 10.80
CA PHE B 251 22.92 -10.84 10.27
C PHE B 251 23.16 -9.81 11.36
N HIS B 252 24.27 -9.09 11.23
CA HIS B 252 24.55 -7.95 12.07
C HIS B 252 24.22 -6.70 11.27
N MET B 253 23.08 -6.08 11.61
CA MET B 253 22.50 -5.00 10.83
C MET B 253 23.38 -3.76 10.78
N LEU B 254 23.71 -3.34 9.57
CA LEU B 254 24.57 -2.17 9.37
C LEU B 254 23.77 -0.88 9.27
N HIS B 255 22.49 -0.98 8.94
CA HIS B 255 21.62 0.19 8.84
C HIS B 255 20.30 -0.03 9.57
N SER B 256 19.68 1.07 10.00
CA SER B 256 18.38 1.01 10.63
C SER B 256 17.28 1.10 9.58
N GLY B 257 16.17 0.41 9.84
CA GLY B 257 15.05 0.50 8.93
C GLY B 257 14.19 -0.75 8.85
N LEU B 258 13.31 -0.75 7.86
CA LEU B 258 12.44 -1.89 7.62
C LEU B 258 13.13 -2.90 6.73
N VAL B 259 13.19 -4.14 7.21
CA VAL B 259 13.64 -5.26 6.40
C VAL B 259 12.41 -5.81 5.72
N HIS B 260 12.41 -5.69 4.40
CA HIS B 260 11.30 -6.11 3.57
C HIS B 260 11.51 -7.53 3.06
N GLY B 261 12.70 -8.08 3.29
CA GLY B 261 12.97 -9.44 2.92
C GLY B 261 14.44 -9.76 2.74
N LEU B 262 14.68 -10.88 2.09
CA LEU B 262 16.05 -11.36 1.86
C LEU B 262 16.37 -11.37 0.38
N ALA B 263 17.57 -10.89 0.04
CA ALA B 263 18.09 -10.92 -1.31
C ALA B 263 19.05 -12.09 -1.45
N PHE B 264 18.97 -12.75 -2.61
CA PHE B 264 19.77 -13.92 -2.92
C PHE B 264 20.53 -13.72 -4.23
N TRP B 265 21.77 -14.20 -4.23
CA TRP B 265 22.53 -14.35 -5.48
C TRP B 265 23.57 -15.46 -5.31
N PHE B 266 24.32 -15.78 -6.36
CA PHE B 266 25.28 -16.87 -6.25
C PHE B 266 26.55 -16.70 -7.08
N ASP B 267 27.63 -17.30 -6.60
CA ASP B 267 28.90 -17.37 -7.34
C ASP B 267 29.23 -18.83 -7.61
N VAL B 268 29.86 -19.15 -8.73
CA VAL B 268 30.45 -20.47 -8.89
C VAL B 268 31.92 -20.35 -9.21
N ALA B 269 32.68 -21.37 -8.81
CA ALA B 269 34.12 -21.36 -9.06
C ALA B 269 34.57 -22.56 -9.86
N PHE B 270 35.34 -22.29 -10.90
CA PHE B 270 35.99 -23.32 -11.67
C PHE B 270 37.41 -23.41 -11.13
N ILE B 271 37.62 -24.39 -10.25
CA ILE B 271 38.90 -24.61 -9.58
C ILE B 271 39.76 -25.53 -10.43
N GLY B 272 40.50 -24.94 -11.35
CA GLY B 272 41.33 -25.71 -12.26
C GLY B 272 42.75 -25.84 -11.74
N SER B 273 43.57 -26.57 -12.48
CA SER B 273 44.95 -26.81 -12.11
C SER B 273 45.80 -25.55 -12.28
N ILE B 274 45.45 -24.72 -13.25
CA ILE B 274 46.26 -23.55 -13.56
C ILE B 274 45.77 -22.34 -12.76
N MET B 275 44.46 -22.16 -12.69
CA MET B 275 43.92 -21.05 -11.93
C MET B 275 42.45 -21.30 -11.62
N THR B 276 41.95 -20.54 -10.66
CA THR B 276 40.55 -20.58 -10.30
C THR B 276 39.82 -19.41 -10.93
N VAL B 277 38.76 -19.72 -11.66
CA VAL B 277 37.97 -18.67 -12.32
C VAL B 277 36.58 -18.60 -11.72
N TRP B 278 36.16 -17.38 -11.36
CA TRP B 278 34.87 -17.18 -10.72
C TRP B 278 33.84 -16.61 -11.69
N LEU B 279 32.62 -17.14 -11.61
CA LEU B 279 31.47 -16.56 -12.30
C LEU B 279 30.51 -16.08 -11.22
N SER B 280 30.26 -14.77 -11.20
CA SER B 280 29.48 -14.15 -10.15
C SER B 280 28.21 -13.49 -10.66
N THR B 281 27.12 -13.67 -9.92
CA THR B 281 25.86 -12.99 -10.21
C THR B 281 25.50 -12.00 -9.10
N ALA B 282 26.50 -11.54 -8.36
CA ALA B 282 26.27 -10.58 -7.27
C ALA B 282 25.86 -9.21 -7.85
N PRO B 283 25.09 -8.43 -7.06
CA PRO B 283 24.65 -7.11 -7.54
C PRO B 283 25.79 -6.09 -7.65
N THR B 284 26.98 -6.45 -7.17
CA THR B 284 28.16 -5.61 -7.32
C THR B 284 28.87 -5.92 -8.64
N GLU B 285 28.38 -6.94 -9.34
CA GLU B 285 28.98 -7.36 -10.60
C GLU B 285 28.05 -7.06 -11.77
N PRO B 286 28.60 -7.07 -13.00
CA PRO B 286 27.78 -6.87 -14.19
C PRO B 286 26.62 -7.85 -14.26
N LEU B 287 25.48 -7.35 -14.72
CA LEU B 287 24.25 -8.11 -14.76
C LEU B 287 24.37 -9.32 -15.68
N THR B 288 23.80 -10.44 -15.23
CA THR B 288 23.67 -11.64 -16.04
C THR B 288 22.19 -11.97 -16.20
N HIS B 289 21.89 -13.00 -17.00
CA HIS B 289 20.51 -13.39 -17.21
C HIS B 289 19.93 -14.08 -15.97
N TRP B 290 20.76 -14.33 -14.96
CA TRP B 290 20.28 -14.84 -13.67
C TRP B 290 19.77 -13.71 -12.77
N TYR B 291 20.19 -12.48 -13.07
CA TYR B 291 19.86 -11.31 -12.26
C TYR B 291 20.13 -11.58 -10.78
N GLN B 292 19.22 -11.15 -9.92
CA GLN B 292 19.22 -11.52 -8.52
C GLN B 292 17.79 -11.84 -8.11
N VAL B 293 17.66 -12.47 -6.94
CA VAL B 293 16.33 -12.89 -6.49
C VAL B 293 16.03 -12.34 -5.11
N ARG B 294 14.83 -11.79 -4.93
CA ARG B 294 14.42 -11.30 -3.62
C ARG B 294 13.16 -11.96 -3.11
N CYS B 295 13.20 -12.40 -1.86
CA CYS B 295 12.03 -12.95 -1.20
C CYS B 295 11.52 -11.93 -0.19
N LEU B 296 10.30 -11.46 -0.45
CA LEU B 296 9.63 -10.48 0.38
C LEU B 296 8.97 -11.10 1.59
N PHE B 297 8.94 -10.35 2.69
CA PHE B 297 8.10 -10.69 3.82
C PHE B 297 6.71 -10.09 3.66
N GLN B 298 5.67 -10.77 4.14
CA GLN B 298 4.33 -10.21 4.06
C GLN B 298 4.23 -9.02 5.02
N SER B 299 4.96 -9.11 6.12
CA SER B 299 5.06 -7.97 7.03
C SER B 299 6.55 -7.71 7.27
N PRO B 300 7.04 -6.54 6.89
CA PRO B 300 8.45 -6.21 7.10
C PRO B 300 8.82 -6.17 8.57
N LEU B 301 10.10 -6.34 8.87
CA LEU B 301 10.53 -6.30 10.27
C LEU B 301 11.32 -5.04 10.47
N PHE B 302 11.03 -4.30 11.54
CA PHE B 302 11.83 -3.12 11.82
C PHE B 302 13.06 -3.54 12.61
N ALA B 303 14.22 -3.05 12.20
CA ALA B 303 15.46 -3.33 12.91
C ALA B 303 16.34 -2.10 13.04
N LYS B 304 16.95 -1.94 14.22
CA LYS B 304 17.94 -0.91 14.47
C LYS B 304 19.32 -1.39 14.06
N ALA B 305 20.18 -0.46 13.65
CA ALA B 305 21.55 -0.80 13.32
C ALA B 305 22.21 -1.38 14.57
N GLY B 306 22.93 -2.48 14.40
CA GLY B 306 23.57 -3.13 15.53
C GLY B 306 22.79 -4.33 16.03
N ASP B 307 21.51 -4.38 15.66
CA ASP B 307 20.66 -5.50 16.01
C ASP B 307 21.12 -6.75 15.29
N THR B 308 20.57 -7.89 15.69
CA THR B 308 20.87 -9.16 15.06
C THR B 308 19.59 -9.70 14.44
N LEU B 309 19.66 -10.05 13.16
CA LEU B 309 18.54 -10.69 12.47
C LEU B 309 18.88 -12.15 12.23
N SER B 310 18.16 -13.05 12.90
CA SER B 310 18.51 -14.46 12.81
C SER B 310 17.36 -15.34 12.36
N GLY B 311 17.72 -16.48 11.80
CA GLY B 311 16.72 -17.43 11.37
C GLY B 311 17.21 -18.44 10.37
N THR B 312 16.27 -18.98 9.61
CA THR B 312 16.63 -20.05 8.67
C THR B 312 15.90 -19.86 7.35
N CYS B 313 16.64 -20.15 6.27
CA CYS B 313 16.08 -20.27 4.94
C CYS B 313 16.08 -21.74 4.56
N LEU B 314 14.89 -22.30 4.46
CA LEU B 314 14.74 -23.72 4.21
C LEU B 314 14.18 -24.02 2.82
N LEU B 315 14.94 -24.79 2.06
CA LEU B 315 14.57 -25.23 0.72
C LEU B 315 14.21 -26.72 0.67
N ILE B 316 12.97 -27.01 0.29
CA ILE B 316 12.52 -28.41 0.17
C ILE B 316 12.24 -28.70 -1.28
N ALA B 317 12.96 -29.65 -1.85
CA ALA B 317 12.79 -29.95 -3.26
C ALA B 317 11.42 -30.55 -3.50
N ASN B 318 10.76 -30.15 -4.59
CA ASN B 318 9.46 -30.70 -4.96
C ASN B 318 9.54 -31.35 -6.33
N LYS B 319 8.47 -32.01 -6.73
CA LYS B 319 8.47 -32.79 -7.96
C LYS B 319 8.32 -31.94 -9.22
N ARG B 320 8.21 -30.63 -9.06
CA ARG B 320 8.10 -29.74 -10.23
C ARG B 320 9.46 -29.14 -10.58
N GLN B 321 10.52 -29.88 -10.29
CA GLN B 321 11.89 -29.44 -10.58
C GLN B 321 12.20 -28.11 -9.92
N SER B 322 11.73 -27.92 -8.70
CA SER B 322 12.00 -26.67 -7.99
C SER B 322 11.92 -26.87 -6.48
N TYR B 323 11.81 -25.78 -5.75
CA TYR B 323 11.86 -25.84 -4.29
C TYR B 323 10.72 -25.09 -3.64
N ASP B 324 10.24 -25.63 -2.53
CA ASP B 324 9.39 -24.89 -1.63
C ASP B 324 10.30 -24.19 -0.64
N ILE B 325 10.18 -22.87 -0.58
CA ILE B 325 11.04 -22.06 0.27
C ILE B 325 10.29 -21.58 1.50
N SER B 326 10.82 -21.87 2.67
CA SER B 326 10.26 -21.30 3.88
C SER B 326 11.35 -20.45 4.52
N ILE B 327 11.06 -19.18 4.73
CA ILE B 327 12.03 -18.30 5.37
C ILE B 327 11.42 -17.87 6.67
N VAL B 328 12.15 -18.11 7.75
CA VAL B 328 11.75 -17.57 9.03
C VAL B 328 12.91 -16.73 9.55
N ALA B 329 12.55 -15.51 9.94
CA ALA B 329 13.53 -14.51 10.36
C ALA B 329 13.04 -13.84 11.63
N GLN B 330 13.98 -13.44 12.47
CA GLN B 330 13.62 -12.80 13.73
C GLN B 330 14.62 -11.72 14.10
N VAL B 331 14.11 -10.61 14.63
CA VAL B 331 14.97 -9.58 15.21
C VAL B 331 15.18 -9.97 16.66
N ASP B 332 16.41 -10.35 16.98
CA ASP B 332 16.71 -10.95 18.28
C ASP B 332 16.44 -10.03 19.46
N GLN B 333 16.69 -8.73 19.30
CA GLN B 333 16.53 -7.78 20.40
C GLN B 333 15.07 -7.54 20.79
N THR B 334 14.14 -7.86 19.89
CA THR B 334 12.73 -7.56 20.13
C THR B 334 11.80 -8.77 19.99
N GLY B 335 12.27 -9.83 19.38
CA GLY B 335 11.43 -10.99 19.15
C GLY B 335 10.49 -10.85 17.96
N SER B 336 10.65 -9.80 17.16
CA SER B 336 9.81 -9.64 15.99
C SER B 336 10.17 -10.71 15.00
N LYS B 337 9.20 -11.54 14.64
CA LYS B 337 9.49 -12.70 13.84
C LYS B 337 8.64 -12.61 12.58
N SER B 338 9.15 -13.15 11.50
CA SER B 338 8.40 -13.23 10.27
C SER B 338 8.61 -14.61 9.71
N SER B 339 7.55 -15.13 9.10
CA SER B 339 7.56 -16.46 8.53
C SER B 339 7.00 -16.26 7.15
N ASN B 340 7.59 -16.92 6.18
CA ASN B 340 7.15 -16.72 4.81
C ASN B 340 7.38 -17.94 3.96
N LEU B 341 6.45 -18.14 3.03
CA LEU B 341 6.45 -19.27 2.13
C LEU B 341 6.54 -18.81 0.70
N LEU B 342 7.49 -19.35 -0.05
CA LEU B 342 7.66 -18.97 -1.44
C LEU B 342 7.76 -20.21 -2.32
N ASP B 343 7.33 -20.05 -3.57
CA ASP B 343 7.34 -21.12 -4.56
C ASP B 343 8.33 -20.75 -5.65
N LEU B 344 9.53 -21.29 -5.56
CA LEU B 344 10.61 -20.87 -6.43
C LEU B 344 10.34 -21.18 -7.90
N LYS B 345 9.40 -22.07 -8.15
CA LYS B 345 9.08 -22.47 -9.51
C LYS B 345 8.40 -21.32 -10.24
N ASN B 346 7.69 -20.49 -9.49
CA ASN B 346 6.88 -19.41 -10.07
C ASN B 346 7.30 -18.00 -9.66
N PRO B 347 8.45 -17.52 -10.17
CA PRO B 347 8.90 -16.18 -9.80
C PRO B 347 8.27 -15.06 -10.62
N PHE B 348 8.39 -13.84 -10.11
CA PHE B 348 7.94 -12.65 -10.81
C PHE B 348 9.13 -11.94 -11.42
N PHE B 349 9.19 -11.99 -12.75
CA PHE B 349 10.25 -11.35 -13.52
C PHE B 349 9.93 -9.87 -13.67
N ARG B 350 10.63 -9.05 -12.90
CA ARG B 350 10.30 -7.63 -12.77
C ARG B 350 11.12 -6.75 -13.71
N TYR B 351 12.30 -7.22 -14.12
CA TYR B 351 13.21 -6.43 -14.94
C TYR B 351 12.53 -6.05 -16.26
N SER C 10 -14.39 9.12 43.61
CA SER C 10 -13.07 8.51 43.57
C SER C 10 -11.98 9.57 43.66
N VAL C 11 -10.75 9.14 43.93
CA VAL C 11 -9.63 10.05 43.99
C VAL C 11 -9.42 10.74 42.64
N PHE C 12 -9.61 10.00 41.54
CA PHE C 12 -9.40 10.56 40.21
C PHE C 12 -10.34 11.72 39.93
N SER C 13 -11.65 11.52 40.08
CA SER C 13 -12.61 12.57 39.81
C SER C 13 -12.41 13.78 40.73
N GLU C 14 -12.01 13.54 41.98
CA GLU C 14 -11.83 14.62 42.94
C GLU C 14 -10.71 15.56 42.49
N ARG C 15 -9.72 15.04 41.77
CA ARG C 15 -8.59 15.87 41.33
C ARG C 15 -8.67 16.27 39.85
N THR C 16 -9.72 15.85 39.15
CA THR C 16 -9.82 16.07 37.70
C THR C 16 -11.17 16.67 37.28
N GLU C 17 -11.11 17.77 36.55
CA GLU C 17 -12.29 18.37 35.95
C GLU C 17 -12.84 17.39 34.92
N GLU C 18 -14.16 17.20 34.89
CA GLU C 18 -14.73 16.20 34.01
C GLU C 18 -14.38 16.44 32.53
N SER C 19 -14.47 17.69 32.08
CA SER C 19 -14.20 18.03 30.68
C SER C 19 -12.80 17.54 30.28
N SER C 20 -11.84 17.75 31.18
CA SER C 20 -10.46 17.35 30.94
C SER C 20 -10.36 15.82 30.84
N ALA C 21 -11.08 15.12 31.71
CA ALA C 21 -11.05 13.66 31.71
C ALA C 21 -11.62 13.11 30.40
N VAL C 22 -12.73 13.71 29.96
CA VAL C 22 -13.35 13.31 28.69
C VAL C 22 -12.32 13.44 27.60
N GLN C 23 -11.72 14.63 27.52
CA GLN C 23 -10.73 14.89 26.48
C GLN C 23 -9.56 13.91 26.55
N TYR C 24 -9.12 13.66 27.78
CA TYR C 24 -7.97 12.83 28.03
C TYR C 24 -8.18 11.39 27.56
N PHE C 25 -9.29 10.78 27.93
CA PHE C 25 -9.45 9.36 27.55
C PHE C 25 -9.92 9.20 26.10
N GLN C 26 -10.57 10.21 25.56
CA GLN C 26 -10.87 10.18 24.14
C GLN C 26 -9.57 10.18 23.35
N PHE C 27 -8.62 11.00 23.77
CA PHE C 27 -7.29 11.00 23.13
C PHE C 27 -6.67 9.60 23.08
N TYR C 28 -6.68 8.89 24.19
CA TYR C 28 -6.04 7.56 24.24
C TYR C 28 -6.95 6.45 23.73
N GLY C 29 -8.21 6.77 23.45
CA GLY C 29 -9.08 5.80 22.78
C GLY C 29 -8.76 5.57 21.32
N TYR C 30 -7.88 6.38 20.74
CA TYR C 30 -7.52 6.23 19.32
C TYR C 30 -6.36 5.25 19.12
N LEU C 31 -6.54 4.32 18.18
CA LEU C 31 -5.49 3.38 17.84
C LEU C 31 -4.26 4.13 17.34
N SER C 32 -4.48 5.26 16.66
CA SER C 32 -3.38 6.03 16.12
C SER C 32 -2.48 6.59 17.24
N GLN C 33 -3.08 6.97 18.36
CA GLN C 33 -2.28 7.49 19.48
C GLN C 33 -1.50 6.34 20.15
N GLN C 34 -2.15 5.20 20.32
CA GLN C 34 -1.48 4.04 20.87
C GLN C 34 -0.30 3.69 19.95
N GLN C 35 -0.57 3.69 18.64
CA GLN C 35 0.45 3.43 17.63
C GLN C 35 1.58 4.46 17.73
N ASN C 36 1.22 5.72 17.94
CA ASN C 36 2.23 6.76 18.12
C ASN C 36 3.16 6.40 19.26
N MET C 37 2.60 5.97 20.39
CA MET C 37 3.47 5.58 21.50
C MET C 37 4.24 4.28 21.20
N MET C 38 3.59 3.35 20.53
CA MET C 38 4.18 2.05 20.25
C MET C 38 5.33 2.11 19.26
N GLN C 39 5.28 3.04 18.31
CA GLN C 39 6.33 3.16 17.29
C GLN C 39 7.54 3.96 17.75
N ASP C 40 7.47 4.49 18.97
CA ASP C 40 8.64 5.05 19.64
C ASP C 40 9.54 3.90 20.08
N TYR C 41 10.54 3.57 19.27
CA TYR C 41 11.34 2.36 19.47
C TYR C 41 12.13 2.40 20.79
N VAL C 42 12.66 3.56 21.14
CA VAL C 42 13.41 3.71 22.39
C VAL C 42 12.51 3.36 23.57
N ARG C 43 11.33 3.98 23.58
CA ARG C 43 10.38 3.82 24.66
C ARG C 43 10.01 2.34 24.82
N THR C 44 9.44 1.81 23.75
CA THR C 44 8.89 0.46 23.75
C THR C 44 9.98 -0.59 23.91
N GLY C 45 11.06 -0.42 23.16
CA GLY C 45 12.17 -1.35 23.22
C GLY C 45 12.78 -1.37 24.60
N THR C 46 12.93 -0.18 25.20
CA THR C 46 13.53 -0.13 26.53
C THR C 46 12.60 -0.74 27.58
N TYR C 47 11.29 -0.52 27.47
CA TYR C 47 10.38 -1.21 28.37
C TYR C 47 10.52 -2.74 28.23
N GLN C 48 10.50 -3.22 26.99
CA GLN C 48 10.62 -4.66 26.74
C GLN C 48 11.93 -5.21 27.28
N ARG C 49 13.01 -4.47 27.04
CA ARG C 49 14.34 -4.86 27.45
C ARG C 49 14.43 -4.92 28.97
N ALA C 50 13.90 -3.87 29.62
CA ALA C 50 13.91 -3.80 31.07
C ALA C 50 13.14 -4.96 31.67
N ILE C 51 12.03 -5.32 31.05
CA ILE C 51 11.22 -6.42 31.57
C ILE C 51 11.84 -7.80 31.31
N LEU C 52 12.30 -8.04 30.09
CA LEU C 52 12.85 -9.35 29.72
C LEU C 52 14.21 -9.63 30.36
N GLN C 53 15.07 -8.62 30.49
CA GLN C 53 16.39 -8.83 31.07
C GLN C 53 16.32 -8.96 32.58
N ASN C 54 15.17 -8.62 33.15
CA ASN C 54 14.88 -8.83 34.57
C ASN C 54 13.78 -9.89 34.73
N HIS C 55 13.91 -10.98 34.00
CA HIS C 55 12.85 -11.98 33.91
C HIS C 55 12.51 -12.59 35.27
N THR C 56 13.48 -12.62 36.18
CA THR C 56 13.26 -13.18 37.51
C THR C 56 12.29 -12.34 38.32
N ASP C 57 12.17 -11.06 37.97
CA ASP C 57 11.20 -10.19 38.62
C ASP C 57 9.77 -10.44 38.13
N PHE C 58 9.62 -11.29 37.11
CA PHE C 58 8.30 -11.54 36.54
C PHE C 58 7.87 -13.00 36.55
N LYS C 59 8.83 -13.92 36.46
CA LYS C 59 8.52 -15.35 36.37
C LYS C 59 7.60 -15.82 37.51
N ASP C 60 6.41 -16.28 37.12
CA ASP C 60 5.38 -16.75 38.04
C ASP C 60 4.89 -15.70 39.04
N LYS C 61 4.92 -14.44 38.65
CA LYS C 61 4.50 -13.37 39.53
C LYS C 61 3.12 -12.84 39.15
N ILE C 62 2.47 -12.15 40.07
CA ILE C 62 1.23 -11.44 39.80
C ILE C 62 1.63 -10.02 39.41
N VAL C 63 1.16 -9.53 38.26
CA VAL C 63 1.59 -8.22 37.75
C VAL C 63 0.38 -7.30 37.61
N LEU C 64 0.60 -6.03 37.89
CA LEU C 64 -0.42 -5.02 37.58
C LEU C 64 0.10 -4.04 36.54
N ASP C 65 -0.63 -3.93 35.42
CA ASP C 65 -0.32 -2.97 34.38
C ASP C 65 -1.28 -1.80 34.47
N VAL C 66 -0.78 -0.64 34.93
CA VAL C 66 -1.64 0.52 35.13
C VAL C 66 -1.76 1.33 33.83
N GLY C 67 -2.96 1.33 33.25
CA GLY C 67 -3.18 2.03 31.99
C GLY C 67 -2.56 1.26 30.85
N CYS C 68 -3.08 0.06 30.60
CA CYS C 68 -2.41 -0.89 29.72
C CYS C 68 -2.48 -0.48 28.26
N GLY C 69 -3.40 0.42 27.94
CA GLY C 69 -3.58 0.84 26.57
C GLY C 69 -3.86 -0.35 25.68
N SER C 70 -3.01 -0.53 24.67
CA SER C 70 -3.12 -1.66 23.74
C SER C 70 -2.82 -2.99 24.43
N GLY C 71 -2.13 -2.91 25.56
CA GLY C 71 -1.78 -4.09 26.33
C GLY C 71 -0.31 -4.47 26.13
N ILE C 72 0.42 -3.62 25.40
CA ILE C 72 1.77 -3.96 24.94
C ILE C 72 2.70 -4.34 26.09
N LEU C 73 2.61 -3.65 27.23
CA LEU C 73 3.49 -3.93 28.36
C LEU C 73 3.09 -5.24 29.06
N SER C 74 1.80 -5.55 29.08
CA SER C 74 1.33 -6.82 29.67
C SER C 74 1.83 -8.03 28.85
N PHE C 75 1.89 -7.89 27.54
CA PHE C 75 2.42 -8.96 26.70
C PHE C 75 3.90 -9.14 27.01
N PHE C 76 4.61 -8.05 27.24
CA PHE C 76 5.99 -8.13 27.67
C PHE C 76 6.09 -8.86 28.99
N ALA C 77 5.21 -8.53 29.93
CA ALA C 77 5.19 -9.24 31.21
C ALA C 77 4.93 -10.72 30.99
N ALA C 78 4.06 -11.03 30.05
CA ALA C 78 3.76 -12.41 29.68
C ALA C 78 4.97 -13.10 29.02
N GLN C 79 5.68 -12.38 28.16
CA GLN C 79 6.88 -12.93 27.54
C GLN C 79 7.91 -13.28 28.61
N ALA C 80 7.90 -12.53 29.71
CA ALA C 80 8.86 -12.72 30.79
C ALA C 80 8.42 -13.82 31.77
N GLY C 81 7.24 -14.40 31.54
CA GLY C 81 6.82 -15.54 32.32
C GLY C 81 5.88 -15.27 33.48
N ALA C 82 5.22 -14.11 33.46
CA ALA C 82 4.30 -13.76 34.54
C ALA C 82 3.16 -14.76 34.60
N ARG C 83 2.73 -15.12 35.81
CA ARG C 83 1.65 -16.06 36.01
C ARG C 83 0.27 -15.44 35.76
N LYS C 84 0.08 -14.20 36.22
CA LYS C 84 -1.18 -13.51 35.98
C LYS C 84 -0.99 -11.99 35.96
N ILE C 85 -1.55 -11.36 34.94
CA ILE C 85 -1.39 -9.92 34.75
C ILE C 85 -2.76 -9.25 34.68
N TYR C 86 -3.01 -8.31 35.59
CA TYR C 86 -4.22 -7.49 35.54
C TYR C 86 -3.91 -6.20 34.80
N ALA C 87 -4.53 -6.04 33.63
CA ALA C 87 -4.31 -4.89 32.77
C ALA C 87 -5.47 -3.90 32.87
N VAL C 88 -5.26 -2.80 33.59
CA VAL C 88 -6.33 -1.84 33.85
C VAL C 88 -6.28 -0.71 32.82
N GLU C 89 -7.43 -0.40 32.23
CA GLU C 89 -7.47 0.68 31.23
C GLU C 89 -8.82 1.43 31.24
N ALA C 90 -8.75 2.76 31.31
CA ALA C 90 -9.94 3.58 31.53
C ALA C 90 -10.64 4.02 30.24
N SER C 91 -9.89 4.14 29.16
CA SER C 91 -10.50 4.53 27.89
C SER C 91 -11.08 3.32 27.17
N THR C 92 -11.69 3.56 26.01
CA THR C 92 -12.28 2.49 25.21
C THR C 92 -11.22 1.59 24.57
N MET C 93 -9.94 1.93 24.76
CA MET C 93 -8.88 1.10 24.24
C MET C 93 -8.96 -0.28 24.92
N ALA C 94 -9.56 -0.32 26.11
CA ALA C 94 -9.68 -1.54 26.89
C ALA C 94 -10.28 -2.69 26.08
N GLN C 95 -11.27 -2.38 25.24
CA GLN C 95 -11.88 -3.41 24.41
C GLN C 95 -10.87 -3.93 23.39
N HIS C 96 -10.01 -3.06 22.88
CA HIS C 96 -9.07 -3.47 21.84
C HIS C 96 -7.98 -4.33 22.46
N ALA C 97 -7.58 -3.99 23.68
CA ALA C 97 -6.61 -4.79 24.41
C ALA C 97 -7.19 -6.17 24.65
N GLU C 98 -8.48 -6.21 24.99
CA GLU C 98 -9.15 -7.49 25.22
C GLU C 98 -9.09 -8.36 23.98
N VAL C 99 -9.28 -7.75 22.81
CA VAL C 99 -9.19 -8.47 21.54
C VAL C 99 -7.82 -9.12 21.34
N LEU C 100 -6.76 -8.35 21.60
CA LEU C 100 -5.41 -8.84 21.39
C LEU C 100 -5.06 -9.95 22.37
N VAL C 101 -5.58 -9.85 23.59
CA VAL C 101 -5.35 -10.86 24.59
C VAL C 101 -5.94 -12.18 24.09
N LYS C 102 -7.14 -12.10 23.53
CA LYS C 102 -7.81 -13.29 22.99
C LYS C 102 -7.06 -13.84 21.78
N SER C 103 -6.70 -12.97 20.85
CA SER C 103 -6.05 -13.39 19.61
C SER C 103 -4.61 -13.84 19.81
N ASN C 104 -4.02 -13.50 20.96
CA ASN C 104 -2.66 -13.97 21.28
C ASN C 104 -2.72 -15.12 22.29
N ASN C 105 -3.90 -15.67 22.49
CA ASN C 105 -4.11 -16.86 23.33
C ASN C 105 -3.55 -16.73 24.74
N LEU C 106 -3.77 -15.57 25.37
CA LEU C 106 -3.26 -15.32 26.71
C LEU C 106 -4.38 -14.96 27.67
N THR C 107 -5.59 -15.44 27.38
CA THR C 107 -6.75 -15.15 28.21
C THR C 107 -6.59 -15.74 29.61
N ASP C 108 -5.76 -16.76 29.72
CA ASP C 108 -5.53 -17.45 30.99
C ASP C 108 -4.46 -16.75 31.83
N ARG C 109 -3.86 -15.68 31.29
CA ARG C 109 -2.72 -15.05 31.93
C ARG C 109 -2.96 -13.55 32.09
N ILE C 110 -3.67 -12.98 31.13
CA ILE C 110 -3.97 -11.55 31.14
C ILE C 110 -5.45 -11.28 31.33
N VAL C 111 -5.78 -10.46 32.32
CA VAL C 111 -7.15 -10.04 32.54
C VAL C 111 -7.27 -8.52 32.36
N VAL C 112 -7.98 -8.12 31.31
CA VAL C 112 -8.22 -6.72 31.06
C VAL C 112 -9.37 -6.22 31.93
N ILE C 113 -9.10 -5.16 32.67
CA ILE C 113 -10.08 -4.50 33.52
C ILE C 113 -10.39 -3.10 32.99
N PRO C 114 -11.56 -2.95 32.35
CA PRO C 114 -11.96 -1.61 31.89
C PRO C 114 -12.31 -0.72 33.07
N GLY C 115 -11.80 0.50 33.08
CA GLY C 115 -12.09 1.44 34.16
C GLY C 115 -10.85 2.10 34.70
N LYS C 116 -11.05 3.06 35.59
CA LYS C 116 -9.95 3.79 36.19
C LYS C 116 -9.37 2.99 37.37
N VAL C 117 -8.03 3.00 37.50
CA VAL C 117 -7.34 2.21 38.52
C VAL C 117 -7.75 2.64 39.93
N GLU C 118 -8.25 3.87 40.04
CA GLU C 118 -8.70 4.40 41.31
C GLU C 118 -10.12 3.93 41.65
N GLU C 119 -10.77 3.26 40.70
CA GLU C 119 -12.19 2.95 40.84
C GLU C 119 -12.52 1.46 40.72
N VAL C 120 -11.74 0.74 39.92
CA VAL C 120 -11.99 -0.68 39.72
C VAL C 120 -11.61 -1.47 40.96
N SER C 121 -12.03 -2.73 41.00
CA SER C 121 -11.64 -3.61 42.09
C SER C 121 -10.76 -4.70 41.57
N LEU C 122 -9.55 -4.76 42.10
CA LEU C 122 -8.70 -5.89 41.81
C LEU C 122 -8.85 -6.92 42.93
N PRO C 123 -8.87 -8.21 42.58
CA PRO C 123 -9.07 -9.29 43.55
C PRO C 123 -7.89 -9.63 44.46
N GLU C 124 -6.67 -9.30 44.09
CA GLU C 124 -5.52 -9.71 44.88
C GLU C 124 -4.36 -8.74 44.77
N GLN C 125 -3.41 -8.87 45.69
CA GLN C 125 -2.21 -8.05 45.68
C GLN C 125 -1.23 -8.57 44.63
N VAL C 126 -0.40 -7.66 44.12
CA VAL C 126 0.53 -8.00 43.04
C VAL C 126 1.97 -7.89 43.52
N ASP C 127 2.85 -8.59 42.82
CA ASP C 127 4.26 -8.60 43.15
C ASP C 127 4.97 -7.40 42.54
N ILE C 128 4.47 -6.94 41.40
CA ILE C 128 5.09 -5.83 40.69
C ILE C 128 4.06 -5.05 39.87
N ILE C 129 4.23 -3.72 39.85
CA ILE C 129 3.39 -2.88 39.00
C ILE C 129 4.22 -2.35 37.83
N ILE C 130 3.69 -2.49 36.63
CA ILE C 130 4.29 -1.88 35.45
C ILE C 130 3.34 -0.80 34.90
N SER C 131 3.94 0.23 34.31
CA SER C 131 3.18 1.32 33.73
C SER C 131 4.07 2.29 32.95
N GLU C 132 3.48 3.03 32.03
CA GLU C 132 4.19 4.12 31.37
C GLU C 132 3.29 5.35 31.49
N PRO C 133 3.36 6.04 32.64
CA PRO C 133 2.56 7.23 33.01
C PRO C 133 3.29 8.58 32.89
N MET C 134 4.40 8.60 32.17
CA MET C 134 5.21 9.82 32.05
C MET C 134 4.66 10.73 30.97
N GLY C 135 4.48 12.01 31.31
CA GLY C 135 4.15 13.02 30.32
C GLY C 135 5.29 13.98 30.07
N TYR C 136 5.04 15.08 29.36
CA TYR C 136 6.04 16.13 29.17
C TYR C 136 6.56 16.57 30.53
N MET C 137 7.85 16.89 30.60
CA MET C 137 8.45 17.30 31.86
C MET C 137 8.23 16.23 32.91
N LEU C 138 8.06 14.99 32.47
CA LEU C 138 7.76 13.85 33.35
C LEU C 138 6.36 13.89 33.97
N PHE C 139 5.94 15.04 34.50
CA PHE C 139 4.77 15.09 35.36
C PHE C 139 3.46 15.44 34.64
N ASN C 140 3.55 15.94 33.41
CA ASN C 140 2.34 16.35 32.71
C ASN C 140 1.38 15.17 32.56
N GLU C 141 0.09 15.47 32.63
CA GLU C 141 -1.02 14.50 32.59
C GLU C 141 -1.37 13.93 33.97
N ARG C 142 -0.46 14.08 34.94
CA ARG C 142 -0.74 13.70 36.33
C ARG C 142 -1.04 12.20 36.48
N MET C 143 -0.58 11.40 35.54
CA MET C 143 -0.83 9.97 35.59
C MET C 143 0.11 9.25 36.56
N LEU C 144 1.23 9.85 36.90
CA LEU C 144 2.14 9.26 37.88
C LEU C 144 1.41 9.03 39.21
N GLU C 145 0.44 9.89 39.49
CA GLU C 145 -0.33 9.77 40.72
C GLU C 145 -1.22 8.53 40.69
N SER C 146 -1.74 8.18 39.52
CA SER C 146 -2.49 6.93 39.37
C SER C 146 -1.53 5.75 39.64
N TYR C 147 -0.34 5.86 39.09
CA TYR C 147 0.69 4.85 39.24
C TYR C 147 1.00 4.62 40.71
N LEU C 148 1.22 5.70 41.45
CA LEU C 148 1.49 5.61 42.88
C LEU C 148 0.24 5.13 43.64
N HIS C 149 -0.92 5.61 43.23
CA HIS C 149 -2.19 5.19 43.84
C HIS C 149 -2.35 3.69 43.76
N ALA C 150 -1.92 3.10 42.64
CA ALA C 150 -2.04 1.64 42.48
C ALA C 150 -1.24 0.82 43.50
N LYS C 151 -0.36 1.45 44.27
CA LYS C 151 0.44 0.69 45.22
C LYS C 151 -0.40 0.12 46.37
N LYS C 152 -1.67 0.51 46.45
CA LYS C 152 -2.56 -0.08 47.44
C LYS C 152 -2.77 -1.56 47.13
N TYR C 153 -2.42 -1.95 45.90
CA TYR C 153 -2.54 -3.32 45.44
C TYR C 153 -1.18 -4.04 45.43
N LEU C 154 -0.13 -3.35 45.86
CA LEU C 154 1.22 -3.90 45.85
C LEU C 154 1.57 -4.54 47.20
N LYS C 155 2.02 -5.79 47.15
CA LYS C 155 2.52 -6.46 48.34
C LYS C 155 3.66 -5.64 48.95
N PRO C 156 3.83 -5.72 50.28
CA PRO C 156 5.02 -5.05 50.83
C PRO C 156 6.24 -5.68 50.16
N SER C 157 7.33 -4.94 50.00
CA SER C 157 8.52 -5.49 49.35
C SER C 157 8.30 -5.74 47.84
N GLY C 158 7.12 -5.36 47.33
CA GLY C 158 6.80 -5.48 45.93
C GLY C 158 7.65 -4.48 45.13
N ASN C 159 7.60 -4.55 43.79
CA ASN C 159 8.41 -3.64 42.97
C ASN C 159 7.59 -2.79 41.97
N MET C 160 8.23 -1.72 41.49
CA MET C 160 7.64 -0.80 40.52
C MET C 160 8.53 -0.66 39.30
N PHE C 161 7.93 -0.83 38.12
CA PHE C 161 8.62 -0.65 36.85
C PHE C 161 7.90 0.42 36.02
N PRO C 162 8.47 1.64 35.92
CA PRO C 162 9.78 2.04 36.44
C PRO C 162 9.82 2.26 37.95
N THR C 163 11.04 2.29 38.48
CA THR C 163 11.25 2.37 39.93
C THR C 163 11.47 3.82 40.37
N ILE C 164 12.23 4.57 39.59
CA ILE C 164 12.45 5.97 39.90
C ILE C 164 12.29 6.78 38.63
N GLY C 165 12.07 8.07 38.83
CA GLY C 165 12.01 9.02 37.75
C GLY C 165 12.84 10.25 38.08
N ASP C 166 13.71 10.65 37.15
CA ASP C 166 14.53 11.85 37.30
C ASP C 166 14.09 12.93 36.34
N VAL C 167 13.73 14.10 36.86
CA VAL C 167 13.52 15.24 35.98
C VAL C 167 14.77 16.13 36.06
N HIS C 168 15.28 16.47 34.89
CA HIS C 168 16.45 17.32 34.76
C HIS C 168 16.06 18.70 34.27
N LEU C 169 16.68 19.70 34.91
CA LEU C 169 16.53 21.11 34.56
C LEU C 169 17.89 21.67 34.21
N ALA C 170 17.95 22.53 33.19
CA ALA C 170 19.21 23.21 32.88
C ALA C 170 18.99 24.55 32.20
N PRO C 171 19.82 25.55 32.53
CA PRO C 171 19.66 26.86 31.88
C PRO C 171 20.06 26.83 30.41
N PHE C 172 19.38 27.59 29.55
CA PHE C 172 19.76 27.61 28.14
C PHE C 172 19.82 29.03 27.56
N THR C 173 20.56 29.17 26.46
CA THR C 173 20.59 30.40 25.69
C THR C 173 20.07 30.07 24.28
N ASP C 174 19.13 30.87 23.80
CA ASP C 174 18.57 30.69 22.47
C ASP C 174 17.94 32.02 22.04
N GLU C 175 18.78 32.90 21.50
CA GLU C 175 18.34 34.25 21.17
C GLU C 175 17.20 34.21 20.15
N GLN C 176 17.26 33.24 19.25
CA GLN C 176 16.28 33.10 18.20
C GLN C 176 14.90 32.81 18.80
N LEU C 177 14.87 31.82 19.69
CA LEU C 177 13.63 31.39 20.33
C LEU C 177 13.02 32.54 21.12
N TYR C 178 13.85 33.26 21.87
CA TYR C 178 13.37 34.38 22.67
C TYR C 178 12.79 35.48 21.78
N MET C 179 13.53 35.90 20.74
CA MET C 179 13.08 36.99 19.86
C MET C 179 11.81 36.61 19.11
N GLU C 180 11.68 35.33 18.81
CA GLU C 180 10.50 34.84 18.12
C GLU C 180 9.16 35.23 18.78
N GLN C 181 9.15 35.31 20.11
CA GLN C 181 7.91 35.58 20.83
C GLN C 181 7.42 36.99 20.48
N PHE C 182 8.37 37.92 20.43
CA PHE C 182 8.09 39.31 20.10
C PHE C 182 7.81 39.47 18.61
N THR C 183 8.50 38.71 17.77
CA THR C 183 8.21 38.79 16.34
C THR C 183 6.74 38.40 16.11
N LYS C 184 6.29 37.33 16.76
CA LYS C 184 4.89 36.95 16.62
C LYS C 184 3.91 37.92 17.30
N ALA C 185 4.26 38.40 18.49
CA ALA C 185 3.35 39.32 19.17
C ALA C 185 3.27 40.68 18.48
N ASN C 186 4.33 41.08 17.78
CA ASN C 186 4.33 42.40 17.12
C ASN C 186 3.42 42.46 15.90
N PHE C 187 2.82 41.34 15.52
CA PHE C 187 1.73 41.39 14.56
C PHE C 187 0.70 42.41 15.02
N TRP C 188 0.46 42.44 16.33
CA TRP C 188 -0.54 43.33 16.87
C TRP C 188 -0.06 44.76 16.99
N TYR C 189 1.22 45.01 16.75
CA TYR C 189 1.74 46.35 16.96
C TYR C 189 1.77 47.12 15.64
N GLN C 190 0.58 47.39 15.11
CA GLN C 190 0.42 48.17 13.89
C GLN C 190 -0.84 49.03 14.00
N PRO C 191 -0.74 50.31 13.61
CA PRO C 191 -1.86 51.25 13.79
C PRO C 191 -2.99 51.15 12.77
N SER C 192 -2.80 50.35 11.73
CA SER C 192 -3.84 50.24 10.72
C SER C 192 -3.84 48.92 10.00
N PHE C 193 -4.16 47.86 10.75
CA PHE C 193 -4.40 46.57 10.15
C PHE C 193 -5.79 46.63 9.54
N HIS C 194 -5.86 46.76 8.22
CA HIS C 194 -7.13 46.94 7.54
C HIS C 194 -7.92 48.09 8.15
N GLY C 195 -7.22 49.14 8.57
CA GLY C 195 -7.86 50.30 9.18
C GLY C 195 -8.06 50.25 10.69
N VAL C 196 -7.61 49.16 11.32
CA VAL C 196 -7.78 48.99 12.76
C VAL C 196 -6.45 49.11 13.49
N ASP C 197 -6.43 49.90 14.56
CA ASP C 197 -5.26 50.00 15.42
C ASP C 197 -5.27 48.82 16.39
N LEU C 198 -4.36 47.87 16.19
CA LEU C 198 -4.34 46.65 17.00
C LEU C 198 -3.38 46.70 18.18
N SER C 199 -2.60 47.78 18.30
CA SER C 199 -1.45 47.80 19.19
C SER C 199 -1.79 47.59 20.66
N ALA C 200 -3.01 47.96 21.05
CA ALA C 200 -3.42 47.89 22.46
C ALA C 200 -3.45 46.46 22.99
N LEU C 201 -3.39 45.48 22.10
CA LEU C 201 -3.42 44.08 22.52
C LEU C 201 -2.04 43.43 22.47
N ARG C 202 -1.02 44.22 22.15
CA ARG C 202 0.32 43.65 21.99
C ARG C 202 0.91 43.06 23.29
N GLY C 203 0.70 43.74 24.41
CA GLY C 203 1.21 43.23 25.69
C GLY C 203 0.59 41.90 26.04
N ALA C 204 -0.72 41.81 25.86
CA ALA C 204 -1.47 40.60 26.15
C ALA C 204 -0.99 39.44 25.28
N ALA C 205 -0.61 39.76 24.04
CA ALA C 205 -0.14 38.74 23.11
C ALA C 205 1.20 38.19 23.58
N VAL C 206 2.07 39.08 24.03
CA VAL C 206 3.37 38.69 24.56
C VAL C 206 3.19 37.76 25.76
N ASP C 207 2.32 38.17 26.68
CA ASP C 207 2.05 37.39 27.88
C ASP C 207 1.61 35.99 27.51
N GLU C 208 0.71 35.89 26.54
CA GLU C 208 0.14 34.61 26.14
C GLU C 208 1.24 33.67 25.61
N TYR C 209 2.13 34.20 24.78
CA TYR C 209 3.18 33.38 24.20
C TYR C 209 4.15 32.89 25.27
N PHE C 210 4.44 33.72 26.28
CA PHE C 210 5.42 33.36 27.29
C PHE C 210 4.86 32.40 28.34
N ARG C 211 3.55 32.27 28.40
CA ARG C 211 2.94 31.30 29.30
C ARG C 211 3.01 29.88 28.75
N GLN C 212 3.39 29.76 27.48
CA GLN C 212 3.41 28.46 26.84
C GLN C 212 4.77 27.80 26.92
N PRO C 213 4.87 26.66 27.62
CA PRO C 213 6.13 25.92 27.50
C PRO C 213 6.34 25.47 26.07
N VAL C 214 7.59 25.51 25.60
CA VAL C 214 7.89 25.14 24.24
C VAL C 214 8.34 23.70 24.17
N VAL C 215 7.60 22.90 23.41
CA VAL C 215 7.94 21.51 23.19
C VAL C 215 8.67 21.35 21.88
N ASP C 216 9.92 20.91 21.96
CA ASP C 216 10.70 20.57 20.77
C ASP C 216 12.10 20.21 21.21
N THR C 217 12.97 19.92 20.26
CA THR C 217 14.33 19.52 20.59
C THR C 217 15.28 20.66 20.26
N PHE C 218 16.54 20.48 20.64
CA PHE C 218 17.54 21.52 20.44
C PHE C 218 18.94 20.93 20.51
N ASP C 219 19.90 21.71 20.04
CA ASP C 219 21.30 21.31 20.10
C ASP C 219 21.80 21.51 21.53
N ILE C 220 22.52 20.53 22.07
CA ILE C 220 22.94 20.56 23.47
C ILE C 220 23.93 21.68 23.74
N ARG C 221 24.47 22.29 22.69
CA ARG C 221 25.46 23.34 22.88
C ARG C 221 24.81 24.63 23.41
N ILE C 222 23.47 24.68 23.42
CA ILE C 222 22.77 25.82 23.99
C ILE C 222 22.65 25.70 25.51
N LEU C 223 22.99 24.53 26.05
CA LEU C 223 22.93 24.32 27.49
C LEU C 223 24.16 24.95 28.15
N MET C 224 23.93 25.71 29.22
CA MET C 224 25.01 26.49 29.82
C MET C 224 25.50 26.01 31.19
N ALA C 225 24.93 24.93 31.70
CA ALA C 225 25.39 24.34 32.94
C ALA C 225 24.91 22.91 33.02
N LYS C 226 25.61 22.10 33.80
CA LYS C 226 25.16 20.75 34.05
C LYS C 226 23.77 20.82 34.65
N SER C 227 22.90 19.88 34.28
CA SER C 227 21.52 19.92 34.74
C SER C 227 21.42 19.66 36.24
N VAL C 228 20.35 20.17 36.83
CA VAL C 228 19.99 19.84 38.18
C VAL C 228 18.89 18.80 38.11
N LYS C 229 19.02 17.80 38.97
CA LYS C 229 18.16 16.63 38.93
C LYS C 229 17.23 16.57 40.13
N TYR C 230 15.97 16.26 39.86
CA TYR C 230 15.00 16.02 40.93
C TYR C 230 14.46 14.60 40.78
N THR C 231 14.56 13.82 41.85
CA THR C 231 14.27 12.40 41.79
C THR C 231 13.00 12.04 42.55
N VAL C 232 12.14 11.28 41.89
CA VAL C 232 10.98 10.70 42.54
C VAL C 232 11.21 9.20 42.59
N ASN C 233 11.26 8.65 43.81
CA ASN C 233 11.32 7.21 44.00
C ASN C 233 9.91 6.66 44.10
N PHE C 234 9.46 5.97 43.05
CA PHE C 234 8.08 5.51 42.98
C PHE C 234 7.76 4.45 44.04
N LEU C 235 8.79 3.74 44.50
CA LEU C 235 8.60 2.77 45.59
C LEU C 235 8.36 3.44 46.94
N GLU C 236 8.83 4.67 47.10
CA GLU C 236 8.79 5.34 48.39
C GLU C 236 7.70 6.44 48.42
N ALA C 237 7.44 7.05 47.28
CA ALA C 237 6.55 8.21 47.19
C ALA C 237 5.06 7.91 47.38
N LYS C 238 4.31 8.95 47.78
CA LYS C 238 2.85 8.90 47.84
C LYS C 238 2.33 9.76 46.70
N GLU C 239 1.09 9.54 46.26
CA GLU C 239 0.52 10.37 45.19
C GLU C 239 0.55 11.83 45.62
N GLY C 240 0.22 12.09 46.88
CA GLY C 240 0.15 13.46 47.37
C GLY C 240 1.46 14.20 47.24
N ASP C 241 2.57 13.47 47.12
CA ASP C 241 3.88 14.11 46.96
C ASP C 241 3.98 14.85 45.63
N LEU C 242 3.10 14.53 44.67
CA LEU C 242 3.17 15.13 43.34
C LEU C 242 2.20 16.30 43.15
N HIS C 243 1.51 16.70 44.22
CA HIS C 243 0.59 17.84 44.17
C HIS C 243 1.32 19.18 44.18
N ARG C 244 2.43 19.21 44.89
CA ARG C 244 3.29 20.39 44.95
C ARG C 244 4.73 19.97 44.84
N ILE C 245 5.32 20.17 43.68
CA ILE C 245 6.69 19.72 43.45
C ILE C 245 7.60 20.94 43.45
N GLU C 246 8.46 21.04 44.46
CA GLU C 246 9.36 22.17 44.56
C GLU C 246 10.75 21.75 44.18
N ILE C 247 11.23 22.27 43.06
CA ILE C 247 12.54 21.91 42.56
C ILE C 247 13.48 23.11 42.73
N PRO C 248 14.26 23.13 43.82
CA PRO C 248 15.25 24.19 43.97
C PRO C 248 16.38 23.96 42.99
N PHE C 249 17.04 25.01 42.53
CA PHE C 249 18.21 24.80 41.69
C PHE C 249 19.27 25.84 41.96
N LYS C 250 20.50 25.37 41.80
CA LYS C 250 21.69 26.20 41.85
C LYS C 250 22.65 25.69 40.78
N PHE C 251 22.67 26.40 39.65
CA PHE C 251 23.50 26.05 38.52
C PHE C 251 24.86 26.73 38.60
N HIS C 252 25.88 25.94 38.28
CA HIS C 252 27.25 26.45 38.17
C HIS C 252 27.53 26.65 36.69
N MET C 253 27.51 27.91 36.27
CA MET C 253 27.55 28.25 34.85
C MET C 253 28.86 27.80 34.22
N LEU C 254 28.73 27.01 33.16
CA LEU C 254 29.88 26.50 32.42
C LEU C 254 30.26 27.44 31.28
N HIS C 255 29.32 28.28 30.85
CA HIS C 255 29.55 29.21 29.75
C HIS C 255 29.07 30.61 30.13
N SER C 256 29.67 31.63 29.53
CA SER C 256 29.23 32.99 29.78
C SER C 256 28.18 33.37 28.73
N GLY C 257 27.19 34.17 29.13
CA GLY C 257 26.18 34.63 28.20
C GLY C 257 24.82 34.91 28.78
N LEU C 258 23.85 35.16 27.90
CA LEU C 258 22.48 35.46 28.30
C LEU C 258 21.68 34.16 28.43
N VAL C 259 21.12 33.93 29.62
CA VAL C 259 20.22 32.81 29.89
C VAL C 259 18.77 33.22 29.63
N HIS C 260 18.16 32.55 28.66
CA HIS C 260 16.80 32.86 28.22
C HIS C 260 15.74 31.99 28.89
N GLY C 261 16.17 30.99 29.64
CA GLY C 261 15.22 30.13 30.34
C GLY C 261 15.77 28.78 30.77
N LEU C 262 14.84 27.88 31.10
CA LEU C 262 15.19 26.56 31.58
C LEU C 262 14.70 25.46 30.64
N ALA C 263 15.58 24.50 30.40
CA ALA C 263 15.30 23.30 29.63
C ALA C 263 14.99 22.17 30.57
N PHE C 264 14.03 21.35 30.17
CA PHE C 264 13.58 20.21 30.94
C PHE C 264 13.61 18.95 30.11
N TRP C 265 14.04 17.87 30.78
CA TRP C 265 13.87 16.50 30.26
C TRP C 265 13.80 15.53 31.42
N PHE C 266 13.61 14.23 31.14
CA PHE C 266 13.51 13.25 32.23
C PHE C 266 14.01 11.87 31.86
N ASP C 267 14.48 11.14 32.88
CA ASP C 267 14.85 9.73 32.76
C ASP C 267 13.97 8.91 33.68
N VAL C 268 13.72 7.65 33.32
CA VAL C 268 13.15 6.71 34.29
C VAL C 268 14.11 5.54 34.37
N ALA C 269 14.16 4.91 35.54
CA ALA C 269 15.02 3.74 35.72
C ALA C 269 14.20 2.55 36.19
N PHE C 270 14.44 1.41 35.55
CA PHE C 270 13.86 0.14 35.97
C PHE C 270 14.91 -0.64 36.76
N ILE C 271 14.78 -0.58 38.09
CA ILE C 271 15.70 -1.24 39.01
C ILE C 271 15.24 -2.66 39.33
N GLY C 272 15.68 -3.61 38.52
CA GLY C 272 15.31 -5.00 38.70
C GLY C 272 16.35 -5.78 39.49
N SER C 273 16.05 -7.05 39.75
CA SER C 273 16.93 -7.91 40.53
C SER C 273 18.19 -8.27 39.75
N ILE C 274 18.08 -8.33 38.43
CA ILE C 274 19.21 -8.70 37.58
C ILE C 274 19.99 -7.47 37.12
N MET C 275 19.28 -6.40 36.75
CA MET C 275 19.96 -5.18 36.31
C MET C 275 19.06 -3.95 36.33
N THR C 276 19.69 -2.79 36.25
CA THR C 276 18.97 -1.54 36.11
C THR C 276 18.97 -1.09 34.66
N VAL C 277 17.79 -0.83 34.10
CA VAL C 277 17.71 -0.35 32.71
C VAL C 277 17.17 1.07 32.70
N TRP C 278 17.85 1.96 31.98
CA TRP C 278 17.46 3.36 31.93
C TRP C 278 16.75 3.73 30.63
N LEU C 279 15.69 4.52 30.76
CA LEU C 279 15.04 5.14 29.62
C LEU C 279 15.21 6.65 29.73
N SER C 280 15.91 7.24 28.76
CA SER C 280 16.24 8.66 28.82
C SER C 280 15.63 9.46 27.68
N THR C 281 15.14 10.65 28.00
CA THR C 281 14.61 11.58 27.00
C THR C 281 15.51 12.81 26.92
N ALA C 282 16.77 12.64 27.30
CA ALA C 282 17.73 13.74 27.28
C ALA C 282 18.03 14.19 25.86
N PRO C 283 18.42 15.47 25.70
CA PRO C 283 18.77 16.00 24.38
C PRO C 283 20.08 15.39 23.85
N THR C 284 20.78 14.64 24.69
CA THR C 284 21.99 13.92 24.29
C THR C 284 21.66 12.53 23.74
N GLU C 285 20.40 12.13 23.83
CA GLU C 285 19.98 10.81 23.40
C GLU C 285 19.11 10.91 22.16
N PRO C 286 18.92 9.79 21.45
CA PRO C 286 17.99 9.80 20.31
C PRO C 286 16.62 10.34 20.70
N LEU C 287 16.00 11.08 19.79
CA LEU C 287 14.74 11.76 20.08
C LEU C 287 13.61 10.79 20.41
N THR C 288 12.77 11.14 21.39
CA THR C 288 11.56 10.38 21.69
C THR C 288 10.33 11.26 21.45
N HIS C 289 9.14 10.68 21.60
CA HIS C 289 7.90 11.42 21.35
C HIS C 289 7.63 12.43 22.47
N TRP C 290 8.43 12.39 23.53
CA TRP C 290 8.34 13.37 24.60
C TRP C 290 9.16 14.63 24.28
N TYR C 291 10.10 14.50 23.34
CA TYR C 291 11.02 15.59 23.00
C TYR C 291 11.67 16.16 24.26
N GLN C 292 11.76 17.49 24.31
CA GLN C 292 12.14 18.20 25.51
C GLN C 292 11.26 19.43 25.64
N VAL C 293 11.31 20.04 26.82
CA VAL C 293 10.48 21.21 27.10
C VAL C 293 11.33 22.38 27.54
N ARG C 294 11.06 23.56 26.99
CA ARG C 294 11.76 24.76 27.45
C ARG C 294 10.78 25.80 27.95
N CYS C 295 11.08 26.32 29.14
CA CYS C 295 10.32 27.42 29.74
C CYS C 295 11.16 28.68 29.77
N LEU C 296 10.66 29.74 29.13
CA LEU C 296 11.37 31.01 29.04
C LEU C 296 11.25 31.86 30.31
N PHE C 297 12.29 32.64 30.57
CA PHE C 297 12.23 33.76 31.51
C PHE C 297 11.59 34.92 30.76
N GLN C 298 10.88 35.79 31.48
CA GLN C 298 10.30 36.97 30.86
C GLN C 298 11.41 37.94 30.44
N SER C 299 12.49 37.96 31.21
CA SER C 299 13.66 38.76 30.90
C SER C 299 14.90 37.89 31.02
N PRO C 300 15.73 37.85 29.97
CA PRO C 300 16.93 37.01 30.07
C PRO C 300 17.88 37.50 31.16
N LEU C 301 18.68 36.60 31.71
CA LEU C 301 19.67 36.97 32.73
C LEU C 301 21.09 36.80 32.23
N PHE C 302 21.95 37.79 32.42
CA PHE C 302 23.35 37.62 32.04
C PHE C 302 24.12 36.87 33.12
N ALA C 303 24.88 35.86 32.70
CA ALA C 303 25.70 35.12 33.64
C ALA C 303 27.09 34.85 33.05
N LYS C 304 28.09 35.05 33.90
CA LYS C 304 29.47 34.74 33.55
C LYS C 304 29.75 33.28 33.89
N ALA C 305 30.66 32.65 33.15
CA ALA C 305 31.03 31.28 33.49
C ALA C 305 31.64 31.30 34.88
N GLY C 306 31.20 30.38 35.74
CA GLY C 306 31.67 30.34 37.11
C GLY C 306 30.66 30.95 38.07
N ASP C 307 29.75 31.77 37.55
CA ASP C 307 28.67 32.33 38.35
C ASP C 307 27.72 31.22 38.77
N THR C 308 26.83 31.54 39.71
CA THR C 308 25.80 30.59 40.11
C THR C 308 24.41 31.17 39.83
N LEU C 309 23.59 30.38 39.16
CA LEU C 309 22.21 30.77 38.91
C LEU C 309 21.31 29.96 39.84
N SER C 310 20.66 30.63 40.79
CA SER C 310 19.87 29.88 41.76
C SER C 310 18.43 30.33 41.78
N GLY C 311 17.56 29.45 42.27
CA GLY C 311 16.15 29.76 42.37
C GLY C 311 15.30 28.54 42.49
N THR C 312 14.03 28.67 42.10
CA THR C 312 13.08 27.57 42.25
C THR C 312 12.17 27.41 41.05
N CYS C 313 11.93 26.14 40.74
CA CYS C 313 10.86 25.75 39.83
C CYS C 313 9.80 25.05 40.67
N LEU C 314 8.66 25.70 40.84
CA LEU C 314 7.57 25.18 41.64
C LEU C 314 6.45 24.73 40.73
N LEU C 315 6.12 23.44 40.79
CA LEU C 315 5.08 22.88 39.96
C LEU C 315 3.86 22.65 40.84
N ILE C 316 2.76 23.28 40.46
CA ILE C 316 1.52 23.18 41.22
C ILE C 316 0.46 22.47 40.40
N ALA C 317 0.00 21.32 40.90
CA ALA C 317 -0.98 20.52 40.19
C ALA C 317 -2.34 21.21 40.15
N ASN C 318 -2.99 21.14 38.99
CA ASN C 318 -4.33 21.69 38.82
C ASN C 318 -5.28 20.60 38.33
N LYS C 319 -6.57 20.90 38.32
CA LYS C 319 -7.60 19.90 38.00
C LYS C 319 -7.71 19.61 36.50
N ARG C 320 -6.84 20.22 35.70
CA ARG C 320 -6.83 19.95 34.26
C ARG C 320 -5.75 18.92 33.90
N GLN C 321 -5.45 18.04 34.85
CA GLN C 321 -4.46 16.99 34.66
C GLN C 321 -3.13 17.56 34.22
N SER C 322 -2.77 18.70 34.78
CA SER C 322 -1.49 19.31 34.48
C SER C 322 -1.04 20.22 35.60
N TYR C 323 -0.08 21.08 35.29
CA TYR C 323 0.58 21.90 36.28
C TYR C 323 0.69 23.35 35.87
N ASP C 324 0.63 24.22 36.86
CA ASP C 324 1.10 25.60 36.72
C ASP C 324 2.57 25.62 37.13
N ILE C 325 3.42 26.12 36.24
CA ILE C 325 4.87 26.13 36.45
C ILE C 325 5.26 27.51 36.88
N SER C 326 5.87 27.64 38.05
CA SER C 326 6.37 28.94 38.50
C SER C 326 7.89 28.88 38.62
N ILE C 327 8.58 29.72 37.85
CA ILE C 327 10.02 29.76 37.87
C ILE C 327 10.52 31.10 38.35
N VAL C 328 11.36 31.04 39.39
CA VAL C 328 12.07 32.21 39.87
C VAL C 328 13.57 31.91 39.85
N ALA C 329 14.33 32.81 39.22
CA ALA C 329 15.76 32.63 39.09
C ALA C 329 16.54 33.92 39.29
N GLN C 330 17.74 33.78 39.84
CA GLN C 330 18.64 34.91 40.01
C GLN C 330 20.10 34.51 39.84
N VAL C 331 20.87 35.45 39.31
CA VAL C 331 22.32 35.34 39.24
C VAL C 331 22.87 35.81 40.57
N ASP C 332 23.40 34.88 41.35
CA ASP C 332 23.78 35.19 42.74
C ASP C 332 24.85 36.26 42.82
N GLN C 333 25.81 36.25 41.90
CA GLN C 333 26.93 37.18 41.96
C GLN C 333 26.54 38.62 41.61
N THR C 334 25.40 38.80 40.95
CA THR C 334 25.00 40.13 40.47
C THR C 334 23.62 40.55 41.01
N GLY C 335 22.84 39.59 41.49
CA GLY C 335 21.52 39.87 42.01
C GLY C 335 20.45 40.11 40.97
N SER C 336 20.80 39.93 39.70
CA SER C 336 19.87 40.09 38.60
C SER C 336 18.81 38.98 38.63
N LYS C 337 17.54 39.38 38.62
CA LYS C 337 16.42 38.47 38.82
C LYS C 337 15.44 38.38 37.65
N SER C 338 14.91 37.19 37.41
CA SER C 338 13.82 37.00 36.44
C SER C 338 12.91 35.85 36.84
N SER C 339 11.66 35.93 36.39
CA SER C 339 10.66 34.91 36.71
C SER C 339 9.68 34.65 35.56
N ASN C 340 8.99 33.51 35.61
CA ASN C 340 7.90 33.25 34.67
C ASN C 340 6.88 32.27 35.24
N LEU C 341 5.64 32.48 34.84
CA LEU C 341 4.54 31.60 35.24
C LEU C 341 3.98 30.99 33.95
N LEU C 342 3.95 29.66 33.90
CA LEU C 342 3.58 28.96 32.68
C LEU C 342 2.48 27.94 32.90
N ASP C 343 1.75 27.65 31.83
CA ASP C 343 0.62 26.74 31.85
C ASP C 343 0.93 25.48 31.05
N LEU C 344 1.33 24.44 31.75
CA LEU C 344 1.82 23.21 31.11
C LEU C 344 0.76 22.47 30.32
N LYS C 345 -0.51 22.76 30.59
CA LYS C 345 -1.59 22.08 29.90
C LYS C 345 -1.67 22.50 28.44
N ASN C 346 -1.26 23.74 28.16
CA ASN C 346 -1.35 24.28 26.81
C ASN C 346 0.03 24.67 26.28
N PRO C 347 0.85 23.65 25.91
CA PRO C 347 2.19 23.91 25.41
C PRO C 347 2.19 24.28 23.93
N PHE C 348 3.29 24.87 23.46
CA PHE C 348 3.43 25.22 22.05
C PHE C 348 4.32 24.19 21.36
N PHE C 349 3.75 23.41 20.45
CA PHE C 349 4.54 22.42 19.72
C PHE C 349 5.28 23.10 18.57
N ARG C 350 6.57 23.30 18.80
CA ARG C 350 7.43 24.08 17.92
C ARG C 350 8.21 23.21 16.94
N TYR C 351 8.38 21.95 17.30
CA TYR C 351 9.23 21.02 16.54
C TYR C 351 8.87 20.89 15.06
N THR C 352 9.92 20.89 14.24
CA THR C 352 9.80 20.78 12.78
C THR C 352 10.73 19.70 12.26
N SER D 10 -30.73 26.62 26.90
CA SER D 10 -30.67 27.35 25.63
C SER D 10 -30.47 26.38 24.48
N VAL D 11 -30.71 26.86 23.27
CA VAL D 11 -30.56 26.03 22.08
C VAL D 11 -29.12 25.53 21.99
N PHE D 12 -28.18 26.39 22.36
CA PHE D 12 -26.77 26.02 22.27
C PHE D 12 -26.39 24.86 23.17
N SER D 13 -26.67 24.99 24.47
CA SER D 13 -26.34 23.95 25.45
C SER D 13 -27.09 22.64 25.17
N GLU D 14 -28.32 22.72 24.69
CA GLU D 14 -29.10 21.51 24.43
C GLU D 14 -28.45 20.64 23.36
N ARG D 15 -27.78 21.27 22.40
CA ARG D 15 -27.19 20.56 21.28
C ARG D 15 -25.69 20.36 21.43
N THR D 16 -25.13 20.80 22.55
CA THR D 16 -23.68 20.78 22.73
C THR D 16 -23.24 20.16 24.06
N GLU D 17 -22.37 19.16 23.99
CA GLU D 17 -21.74 18.61 25.19
C GLU D 17 -20.83 19.66 25.82
N GLU D 18 -20.86 19.75 27.15
CA GLU D 18 -20.08 20.75 27.87
C GLU D 18 -18.59 20.65 27.53
N SER D 19 -18.07 19.42 27.50
CA SER D 19 -16.66 19.21 27.23
C SER D 19 -16.24 19.85 25.90
N SER D 20 -17.08 19.67 24.89
CA SER D 20 -16.81 20.20 23.56
C SER D 20 -16.86 21.72 23.58
N ALA D 21 -17.86 22.28 24.27
CA ALA D 21 -18.02 23.72 24.35
C ALA D 21 -16.83 24.36 25.06
N VAL D 22 -16.39 23.73 26.15
CA VAL D 22 -15.24 24.22 26.88
C VAL D 22 -14.06 24.27 25.93
N GLN D 23 -13.78 23.15 25.28
CA GLN D 23 -12.61 23.11 24.43
C GLN D 23 -12.72 24.16 23.30
N TYR D 24 -13.93 24.27 22.78
CA TYR D 24 -14.24 25.14 21.65
C TYR D 24 -14.00 26.62 21.99
N PHE D 25 -14.56 27.10 23.10
CA PHE D 25 -14.43 28.52 23.42
C PHE D 25 -13.09 28.85 24.05
N GLN D 26 -12.44 27.86 24.64
CA GLN D 26 -11.06 28.01 25.05
C GLN D 26 -10.16 28.24 23.85
N PHE D 27 -10.35 27.44 22.81
CA PHE D 27 -9.58 27.61 21.59
C PHE D 27 -9.63 29.03 21.02
N TYR D 28 -10.82 29.61 20.96
CA TYR D 28 -10.98 30.94 20.36
C TYR D 28 -10.65 32.07 21.35
N GLY D 29 -10.36 31.72 22.59
CA GLY D 29 -9.92 32.68 23.57
C GLY D 29 -8.46 33.09 23.41
N TYR D 30 -7.72 32.38 22.57
CA TYR D 30 -6.30 32.71 22.35
C TYR D 30 -6.11 33.75 21.26
N LEU D 31 -5.34 34.78 21.59
CA LEU D 31 -5.02 35.85 20.64
C LEU D 31 -4.30 35.32 19.41
N SER D 32 -3.49 34.29 19.58
CA SER D 32 -2.72 33.74 18.48
C SER D 32 -3.62 33.14 17.40
N GLN D 33 -4.75 32.60 17.82
CA GLN D 33 -5.67 31.98 16.88
C GLN D 33 -6.38 33.08 16.09
N GLN D 34 -6.75 34.14 16.82
CA GLN D 34 -7.34 35.33 16.21
C GLN D 34 -6.35 35.89 15.20
N GLN D 35 -5.07 35.94 15.58
CA GLN D 35 -4.03 36.38 14.67
C GLN D 35 -4.03 35.49 13.43
N ASN D 36 -4.15 34.17 13.66
CA ASN D 36 -4.21 33.24 12.54
C ASN D 36 -5.31 33.54 11.55
N MET D 37 -6.51 33.78 12.05
CA MET D 37 -7.64 34.08 11.17
C MET D 37 -7.44 35.44 10.51
N MET D 38 -6.87 36.39 11.25
CA MET D 38 -6.67 37.73 10.72
C MET D 38 -5.61 37.75 9.63
N GLN D 39 -4.60 36.89 9.74
CA GLN D 39 -3.53 36.87 8.74
C GLN D 39 -3.88 36.06 7.49
N ASP D 40 -5.06 35.43 7.47
CA ASP D 40 -5.59 34.90 6.23
C ASP D 40 -6.07 36.08 5.40
N TYR D 41 -5.21 36.61 4.54
CA TYR D 41 -5.52 37.87 3.86
C TYR D 41 -6.68 37.74 2.87
N VAL D 42 -6.80 36.60 2.20
CA VAL D 42 -7.92 36.38 1.30
C VAL D 42 -9.23 36.54 2.08
N ARG D 43 -9.31 35.87 3.22
CA ARG D 43 -10.51 35.91 4.06
C ARG D 43 -10.83 37.33 4.53
N THR D 44 -9.87 37.94 5.21
CA THR D 44 -10.07 39.22 5.86
C THR D 44 -10.31 40.30 4.82
N GLY D 45 -9.47 40.29 3.78
CA GLY D 45 -9.59 41.25 2.70
C GLY D 45 -10.90 41.10 1.96
N THR D 46 -11.35 39.85 1.73
CA THR D 46 -12.60 39.66 1.02
C THR D 46 -13.77 40.13 1.87
N TYR D 47 -13.72 39.85 3.18
CA TYR D 47 -14.76 40.36 4.09
C TYR D 47 -14.80 41.89 4.08
N GLN D 48 -13.64 42.52 4.21
CA GLN D 48 -13.56 43.97 4.22
C GLN D 48 -14.10 44.54 2.90
N ARG D 49 -13.75 43.88 1.81
CA ARG D 49 -14.22 44.29 0.49
C ARG D 49 -15.74 44.15 0.39
N ALA D 50 -16.29 43.03 0.85
CA ALA D 50 -17.73 42.82 0.80
C ALA D 50 -18.47 43.86 1.62
N ILE D 51 -17.92 44.23 2.77
CA ILE D 51 -18.57 45.22 3.62
C ILE D 51 -18.42 46.65 3.11
N LEU D 52 -17.21 47.06 2.74
CA LEU D 52 -16.98 48.46 2.35
C LEU D 52 -17.59 48.81 0.99
N GLN D 53 -17.57 47.89 0.04
CA GLN D 53 -18.13 48.18 -1.28
C GLN D 53 -19.65 48.12 -1.28
N ASN D 54 -20.21 47.56 -0.20
CA ASN D 54 -21.65 47.59 0.01
C ASN D 54 -21.95 48.49 1.21
N HIS D 55 -21.29 49.64 1.25
CA HIS D 55 -21.33 50.53 2.41
C HIS D 55 -22.74 51.03 2.70
N THR D 56 -23.58 51.10 1.66
CA THR D 56 -24.96 51.55 1.83
C THR D 56 -25.80 50.55 2.64
N ASP D 57 -25.39 49.29 2.62
CA ASP D 57 -26.09 48.26 3.41
C ASP D 57 -25.74 48.37 4.89
N PHE D 58 -24.80 49.26 5.21
CA PHE D 58 -24.34 49.43 6.57
C PHE D 58 -24.57 50.87 7.02
N LYS D 59 -24.61 51.81 6.08
CA LYS D 59 -24.75 53.23 6.39
C LYS D 59 -25.96 53.58 7.26
N ASP D 60 -25.64 54.07 8.47
CA ASP D 60 -26.61 54.46 9.49
C ASP D 60 -27.51 53.29 9.88
N LYS D 61 -26.95 52.07 9.80
CA LYS D 61 -27.69 50.87 10.13
C LYS D 61 -27.33 50.28 11.49
N ILE D 62 -28.22 49.47 12.01
CA ILE D 62 -28.00 48.68 13.21
C ILE D 62 -27.46 47.33 12.77
N VAL D 63 -26.34 46.92 13.34
CA VAL D 63 -25.66 45.69 12.91
C VAL D 63 -25.52 44.68 14.04
N LEU D 64 -25.64 43.39 13.70
CA LEU D 64 -25.26 42.34 14.65
C LEU D 64 -24.10 41.50 14.11
N ASP D 65 -23.01 41.42 14.87
CA ASP D 65 -21.87 40.58 14.51
C ASP D 65 -21.88 39.30 15.36
N VAL D 66 -22.20 38.16 14.74
CA VAL D 66 -22.29 36.92 15.51
C VAL D 66 -20.91 36.28 15.65
N GLY D 67 -20.38 36.25 16.87
CA GLY D 67 -19.06 35.68 17.12
C GLY D 67 -17.95 36.59 16.64
N CYS D 68 -17.88 37.78 17.22
CA CYS D 68 -17.03 38.84 16.69
C CYS D 68 -15.54 38.60 16.89
N GLY D 69 -15.18 37.72 17.83
CA GLY D 69 -13.78 37.47 18.14
C GLY D 69 -13.07 38.74 18.54
N SER D 70 -12.00 39.08 17.82
CA SER D 70 -11.24 40.30 18.06
C SER D 70 -12.05 41.56 17.70
N GLY D 71 -13.09 41.38 16.89
CA GLY D 71 -13.98 42.48 16.54
C GLY D 71 -13.79 43.07 15.15
N ILE D 72 -12.93 42.43 14.36
CA ILE D 72 -12.49 42.98 13.08
C ILE D 72 -13.66 43.28 12.12
N LEU D 73 -14.65 42.42 12.10
CA LEU D 73 -15.78 42.60 11.19
C LEU D 73 -16.65 43.78 11.62
N SER D 74 -16.74 43.98 12.93
CA SER D 74 -17.50 45.11 13.45
C SER D 74 -16.80 46.43 13.09
N PHE D 75 -15.47 46.42 13.11
CA PHE D 75 -14.71 47.58 12.68
C PHE D 75 -14.93 47.83 11.20
N PHE D 76 -14.96 46.78 10.40
CA PHE D 76 -15.32 46.97 8.98
C PHE D 76 -16.72 47.59 8.87
N ALA D 77 -17.68 47.09 9.64
CA ALA D 77 -19.04 47.67 9.62
C ALA D 77 -19.03 49.13 10.05
N ALA D 78 -18.20 49.46 11.02
CA ALA D 78 -18.07 50.84 11.47
C ALA D 78 -17.44 51.73 10.40
N GLN D 79 -16.44 51.21 9.71
CA GLN D 79 -15.79 51.97 8.63
C GLN D 79 -16.80 52.32 7.54
N ALA D 80 -17.77 51.43 7.33
CA ALA D 80 -18.78 51.59 6.28
C ALA D 80 -19.95 52.48 6.71
N GLY D 81 -19.91 52.98 7.95
CA GLY D 81 -20.89 53.95 8.42
C GLY D 81 -22.06 53.46 9.26
N ALA D 82 -21.93 52.26 9.83
CA ALA D 82 -22.99 51.71 10.68
C ALA D 82 -23.21 52.60 11.89
N ARG D 83 -24.47 52.77 12.28
CA ARG D 83 -24.81 53.61 13.44
C ARG D 83 -24.52 52.92 14.76
N LYS D 84 -24.82 51.62 14.86
CA LYS D 84 -24.58 50.89 16.09
C LYS D 84 -24.36 49.41 15.78
N ILE D 85 -23.31 48.83 16.36
CA ILE D 85 -22.98 47.43 16.06
C ILE D 85 -22.93 46.60 17.34
N TYR D 86 -23.77 45.57 17.42
CA TYR D 86 -23.74 44.66 18.55
C TYR D 86 -22.84 43.48 18.24
N ALA D 87 -21.73 43.40 18.95
CA ALA D 87 -20.74 42.37 18.72
C ALA D 87 -20.83 41.31 19.81
N VAL D 88 -21.43 40.17 19.48
CA VAL D 88 -21.64 39.11 20.46
C VAL D 88 -20.50 38.11 20.41
N GLU D 89 -19.92 37.82 21.57
CA GLU D 89 -18.82 36.85 21.63
C GLU D 89 -18.80 36.09 22.94
N ALA D 90 -18.74 34.76 22.83
CA ALA D 90 -18.89 33.88 23.99
C ALA D 90 -17.58 33.54 24.71
N SER D 91 -16.45 33.60 24.00
CA SER D 91 -15.17 33.30 24.62
C SER D 91 -14.66 34.52 25.38
N THR D 92 -13.53 34.36 26.04
CA THR D 92 -12.95 35.48 26.79
C THR D 92 -12.36 36.56 25.86
N MET D 93 -12.34 36.27 24.57
CA MET D 93 -11.80 37.20 23.59
C MET D 93 -12.60 38.50 23.61
N ALA D 94 -13.86 38.41 24.04
CA ALA D 94 -14.73 39.56 24.11
C ALA D 94 -14.07 40.69 24.89
N GLN D 95 -13.29 40.32 25.90
CA GLN D 95 -12.61 41.33 26.71
C GLN D 95 -11.62 42.11 25.86
N HIS D 96 -10.94 41.39 24.95
CA HIS D 96 -9.90 41.97 24.13
C HIS D 96 -10.54 42.86 23.06
N ALA D 97 -11.70 42.43 22.59
CA ALA D 97 -12.43 43.21 21.59
C ALA D 97 -12.82 44.56 22.19
N GLU D 98 -13.27 44.55 23.43
CA GLU D 98 -13.63 45.79 24.10
C GLU D 98 -12.42 46.71 24.24
N VAL D 99 -11.25 46.15 24.56
CA VAL D 99 -10.04 46.96 24.65
C VAL D 99 -9.81 47.67 23.30
N LEU D 100 -9.94 46.93 22.20
CA LEU D 100 -9.74 47.50 20.86
C LEU D 100 -10.82 48.53 20.49
N VAL D 101 -12.04 48.30 20.95
CA VAL D 101 -13.10 49.27 20.69
C VAL D 101 -12.71 50.59 21.35
N LYS D 102 -12.23 50.54 22.59
CA LYS D 102 -11.82 51.75 23.30
C LYS D 102 -10.59 52.42 22.69
N SER D 103 -9.56 51.64 22.37
CA SER D 103 -8.34 52.22 21.84
C SER D 103 -8.53 52.78 20.43
N ASN D 104 -9.61 52.37 19.77
CA ASN D 104 -9.95 52.90 18.45
C ASN D 104 -11.06 53.94 18.49
N ASN D 105 -11.42 54.38 19.70
CA ASN D 105 -12.41 55.45 19.90
C ASN D 105 -13.73 55.23 19.16
N LEU D 106 -14.25 54.00 19.24
CA LEU D 106 -15.51 53.65 18.57
C LEU D 106 -16.54 53.15 19.59
N THR D 107 -16.44 53.64 20.81
CA THR D 107 -17.31 53.21 21.91
C THR D 107 -18.77 53.56 21.62
N ASP D 108 -18.99 54.56 20.77
CA ASP D 108 -20.35 55.01 20.46
C ASP D 108 -20.99 54.23 19.31
N ARG D 109 -20.25 53.31 18.72
CA ARG D 109 -20.72 52.60 17.53
C ARG D 109 -20.61 51.07 17.65
N ILE D 110 -19.62 50.59 18.39
CA ILE D 110 -19.48 49.16 18.61
C ILE D 110 -19.78 48.86 20.08
N VAL D 111 -20.75 47.98 20.29
CA VAL D 111 -21.12 47.53 21.63
C VAL D 111 -20.89 46.03 21.74
N VAL D 112 -19.90 45.66 22.55
CA VAL D 112 -19.59 44.26 22.77
C VAL D 112 -20.52 43.62 23.81
N ILE D 113 -21.10 42.50 23.41
CA ILE D 113 -22.01 41.71 24.24
C ILE D 113 -21.38 40.35 24.55
N PRO D 114 -20.88 40.20 25.79
CA PRO D 114 -20.32 38.92 26.21
C PRO D 114 -21.41 37.86 26.39
N GLY D 115 -21.18 36.67 25.84
CA GLY D 115 -22.14 35.58 25.94
C GLY D 115 -22.45 34.94 24.61
N LYS D 116 -23.23 33.86 24.63
CA LYS D 116 -23.64 33.17 23.42
C LYS D 116 -24.84 33.85 22.76
N VAL D 117 -24.84 33.90 21.44
CA VAL D 117 -25.90 34.60 20.73
C VAL D 117 -27.26 33.97 21.01
N GLU D 118 -27.26 32.71 21.45
CA GLU D 118 -28.51 32.01 21.79
C GLU D 118 -29.02 32.37 23.18
N GLU D 119 -28.25 33.14 23.95
CA GLU D 119 -28.57 33.38 25.35
C GLU D 119 -28.65 34.87 25.71
N VAL D 120 -27.90 35.71 25.00
CA VAL D 120 -27.84 37.14 25.31
C VAL D 120 -29.14 37.87 24.95
N SER D 121 -29.29 39.09 25.46
CA SER D 121 -30.43 39.95 25.10
C SER D 121 -29.98 41.20 24.40
N LEU D 122 -30.54 41.46 23.22
CA LEU D 122 -30.25 42.68 22.48
C LEU D 122 -31.32 43.74 22.77
N PRO D 123 -30.93 45.02 22.81
CA PRO D 123 -31.94 46.06 23.09
C PRO D 123 -32.90 46.30 21.93
N GLU D 124 -32.50 45.92 20.72
CA GLU D 124 -33.30 46.19 19.53
C GLU D 124 -33.03 45.21 18.38
N GLN D 125 -33.90 45.24 17.37
CA GLN D 125 -33.71 44.44 16.16
C GLN D 125 -32.65 45.09 15.27
N VAL D 126 -31.99 44.28 14.43
CA VAL D 126 -30.90 44.78 13.60
C VAL D 126 -31.29 44.71 12.14
N ASP D 127 -30.64 45.54 11.33
CA ASP D 127 -30.91 45.63 9.90
C ASP D 127 -30.12 44.58 9.12
N ILE D 128 -28.95 44.22 9.65
CA ILE D 128 -28.07 43.30 8.96
C ILE D 128 -27.26 42.49 9.97
N ILE D 129 -27.08 41.22 9.64
CA ILE D 129 -26.25 40.34 10.46
C ILE D 129 -24.97 40.03 9.71
N ILE D 130 -23.83 40.23 10.38
CA ILE D 130 -22.54 39.82 9.84
C ILE D 130 -21.95 38.73 10.75
N SER D 131 -21.20 37.83 10.13
CA SER D 131 -20.56 36.74 10.85
C SER D 131 -19.61 36.00 9.93
N GLU D 132 -18.68 35.26 10.53
CA GLU D 132 -17.87 34.34 9.75
C GLU D 132 -17.98 32.98 10.45
N PRO D 133 -19.06 32.24 10.19
CA PRO D 133 -19.33 30.97 10.86
C PRO D 133 -18.94 29.71 10.08
N MET D 134 -18.14 29.85 9.03
CA MET D 134 -17.83 28.72 8.16
C MET D 134 -16.69 27.88 8.73
N GLY D 135 -16.91 26.58 8.81
CA GLY D 135 -15.83 25.66 9.17
C GLY D 135 -15.38 24.80 8.01
N TYR D 136 -14.55 23.80 8.31
CA TYR D 136 -14.13 22.82 7.32
C TYR D 136 -15.38 22.23 6.70
N MET D 137 -15.35 21.96 5.40
CA MET D 137 -16.55 21.49 4.71
C MET D 137 -17.71 22.44 4.93
N LEU D 138 -17.40 23.70 5.20
CA LEU D 138 -18.41 24.70 5.53
C LEU D 138 -19.09 24.46 6.89
N PHE D 139 -19.50 23.23 7.16
CA PHE D 139 -20.41 22.95 8.27
C PHE D 139 -19.77 22.60 9.60
N ASN D 140 -18.49 22.28 9.62
CA ASN D 140 -17.84 21.92 10.88
C ASN D 140 -17.93 23.04 11.91
N GLU D 141 -18.04 22.63 13.18
CA GLU D 141 -18.19 23.53 14.35
C GLU D 141 -19.64 23.92 14.62
N ARG D 142 -20.53 23.71 13.64
CA ARG D 142 -21.95 23.98 13.81
C ARG D 142 -22.31 25.44 14.11
N MET D 143 -21.45 26.37 13.72
CA MET D 143 -21.73 27.78 14.02
C MET D 143 -22.77 28.41 13.06
N LEU D 144 -22.97 27.78 11.90
CA LEU D 144 -23.99 28.26 10.97
C LEU D 144 -25.36 28.29 11.65
N GLU D 145 -25.57 27.36 12.58
CA GLU D 145 -26.82 27.30 13.32
C GLU D 145 -26.98 28.48 14.27
N SER D 146 -25.89 28.92 14.88
CA SER D 146 -25.91 30.11 15.71
C SER D 146 -26.26 31.30 14.83
N TYR D 147 -25.61 31.34 13.68
CA TYR D 147 -25.83 32.41 12.70
C TYR D 147 -27.29 32.47 12.30
N LEU D 148 -27.88 31.32 11.98
CA LEU D 148 -29.29 31.26 11.63
C LEU D 148 -30.16 31.58 12.84
N HIS D 149 -29.73 31.11 14.01
CA HIS D 149 -30.44 31.37 15.25
C HIS D 149 -30.55 32.87 15.49
N ALA D 150 -29.50 33.61 15.17
CA ALA D 150 -29.51 35.05 15.40
C ALA D 150 -30.56 35.81 14.57
N LYS D 151 -31.20 35.15 13.60
CA LYS D 151 -32.17 35.86 12.78
C LYS D 151 -33.43 36.27 13.55
N LYS D 152 -33.56 35.81 14.79
CA LYS D 152 -34.63 36.27 15.64
C LYS D 152 -34.46 37.75 15.97
N TYR D 153 -33.25 38.27 15.74
CA TYR D 153 -32.96 39.69 15.99
C TYR D 153 -32.97 40.49 14.70
N LEU D 154 -33.30 39.85 13.58
CA LEU D 154 -33.26 40.53 12.30
C LEU D 154 -34.63 41.11 11.95
N LYS D 155 -34.64 42.40 11.62
CA LYS D 155 -35.85 43.04 11.11
C LYS D 155 -36.30 42.22 9.90
N PRO D 156 -37.60 42.27 9.60
CA PRO D 156 -38.18 41.42 8.55
C PRO D 156 -37.47 41.38 7.19
N SER D 157 -37.08 42.51 6.62
CA SER D 157 -36.42 42.48 5.30
C SER D 157 -34.90 42.57 5.40
N GLY D 158 -34.36 42.41 6.60
CA GLY D 158 -32.94 42.58 6.85
C GLY D 158 -32.08 41.64 6.04
N ASN D 159 -30.76 41.86 6.09
CA ASN D 159 -29.81 41.12 5.25
C ASN D 159 -28.79 40.30 6.06
N MET D 160 -28.16 39.36 5.37
CA MET D 160 -27.16 38.48 5.96
C MET D 160 -25.85 38.55 5.17
N PHE D 161 -24.77 38.76 5.90
CA PHE D 161 -23.42 38.77 5.31
C PHE D 161 -22.56 37.71 5.98
N PRO D 162 -22.32 36.56 5.31
CA PRO D 162 -22.72 36.22 3.92
C PRO D 162 -24.18 35.86 3.78
N THR D 163 -24.67 35.84 2.54
CA THR D 163 -26.08 35.62 2.23
C THR D 163 -26.39 34.16 1.93
N ILE D 164 -25.52 33.56 1.12
CA ILE D 164 -25.61 32.15 0.79
C ILE D 164 -24.26 31.46 0.88
N GLY D 165 -24.32 30.14 0.99
CA GLY D 165 -23.14 29.30 0.99
C GLY D 165 -23.31 28.11 0.07
N ASP D 166 -22.29 27.87 -0.77
CA ASP D 166 -22.27 26.74 -1.68
C ASP D 166 -21.22 25.72 -1.25
N VAL D 167 -21.66 24.47 -1.05
CA VAL D 167 -20.74 23.38 -0.82
C VAL D 167 -20.56 22.64 -2.14
N HIS D 168 -19.29 22.44 -2.51
CA HIS D 168 -18.94 21.71 -3.72
C HIS D 168 -18.36 20.35 -3.39
N LEU D 169 -18.84 19.36 -4.14
CA LEU D 169 -18.39 17.97 -4.07
C LEU D 169 -17.83 17.53 -5.41
N ALA D 170 -16.72 16.80 -5.42
CA ALA D 170 -16.25 16.21 -6.67
C ALA D 170 -15.37 14.99 -6.41
N PRO D 171 -15.48 13.94 -7.24
CA PRO D 171 -14.64 12.75 -7.05
C PRO D 171 -13.18 13.01 -7.39
N PHE D 172 -12.26 12.37 -6.69
CA PHE D 172 -10.84 12.58 -6.99
C PHE D 172 -10.05 11.26 -7.07
N THR D 173 -8.91 11.33 -7.74
CA THR D 173 -7.97 10.22 -7.73
C THR D 173 -6.66 10.71 -7.13
N ASP D 174 -6.18 9.99 -6.13
CA ASP D 174 -4.92 10.29 -5.48
C ASP D 174 -4.42 9.06 -4.74
N GLU D 175 -3.78 8.16 -5.46
CA GLU D 175 -3.32 6.91 -4.86
C GLU D 175 -2.26 7.17 -3.80
N GLN D 176 -1.52 8.26 -3.93
CA GLN D 176 -0.47 8.55 -2.98
C GLN D 176 -1.09 8.79 -1.59
N LEU D 177 -2.14 9.61 -1.55
CA LEU D 177 -2.85 9.89 -0.30
C LEU D 177 -3.43 8.59 0.28
N TYR D 178 -4.07 7.83 -0.60
CA TYR D 178 -4.71 6.59 -0.22
C TYR D 178 -3.71 5.66 0.43
N MET D 179 -2.63 5.39 -0.27
CA MET D 179 -1.63 4.48 0.26
C MET D 179 -0.95 5.06 1.48
N GLU D 180 -0.82 6.38 1.55
CA GLU D 180 -0.26 7.00 2.74
C GLU D 180 -1.08 6.65 3.98
N GLN D 181 -2.41 6.72 3.86
CA GLN D 181 -3.28 6.33 4.99
C GLN D 181 -3.33 4.81 5.22
N PHE D 182 -3.32 4.05 4.13
CA PHE D 182 -3.38 2.59 4.22
C PHE D 182 -2.11 2.05 4.89
N THR D 183 -0.98 2.70 4.60
CA THR D 183 0.29 2.36 5.22
C THR D 183 0.23 2.56 6.72
N LYS D 184 -0.41 3.64 7.15
CA LYS D 184 -0.56 3.93 8.57
C LYS D 184 -1.42 2.87 9.23
N ALA D 185 -2.50 2.48 8.55
CA ALA D 185 -3.38 1.47 9.13
C ALA D 185 -2.74 0.08 9.16
N ASN D 186 -1.86 -0.24 8.20
CA ASN D 186 -1.24 -1.57 8.19
C ASN D 186 -0.21 -1.83 9.29
N PHE D 187 0.11 -0.83 10.10
CA PHE D 187 0.90 -1.07 11.31
C PHE D 187 0.23 -2.16 12.12
N TRP D 188 -1.11 -2.12 12.18
CA TRP D 188 -1.92 -3.05 12.95
C TRP D 188 -2.12 -4.40 12.24
N TYR D 189 -1.41 -4.58 11.14
CA TYR D 189 -1.42 -5.81 10.35
C TYR D 189 -0.32 -6.80 10.76
N GLN D 190 0.74 -6.27 11.35
CA GLN D 190 1.91 -7.08 11.67
C GLN D 190 1.61 -8.18 12.70
N PRO D 191 2.02 -9.42 12.42
CA PRO D 191 1.76 -10.60 13.25
C PRO D 191 2.76 -10.77 14.41
N SER D 192 3.81 -9.96 14.46
CA SER D 192 4.83 -10.10 15.49
C SER D 192 5.55 -8.79 15.79
N PHE D 193 4.82 -7.83 16.35
CA PHE D 193 5.39 -6.58 16.84
C PHE D 193 6.01 -6.73 18.22
N HIS D 194 7.33 -6.75 18.27
CA HIS D 194 8.04 -7.05 19.52
C HIS D 194 7.48 -8.37 20.05
N GLY D 195 7.13 -9.27 19.13
CA GLY D 195 6.59 -10.57 19.47
C GLY D 195 5.07 -10.64 19.64
N VAL D 196 4.37 -9.54 19.41
CA VAL D 196 2.92 -9.48 19.64
C VAL D 196 2.16 -9.42 18.32
N ASP D 197 1.13 -10.27 18.19
CA ASP D 197 0.28 -10.28 17.01
C ASP D 197 -0.82 -9.21 17.10
N LEU D 198 -0.72 -8.19 16.24
CA LEU D 198 -1.67 -7.08 16.28
C LEU D 198 -2.81 -7.23 15.27
N SER D 199 -2.72 -8.24 14.41
CA SER D 199 -3.54 -8.29 13.19
C SER D 199 -5.05 -8.28 13.45
N ALA D 200 -5.47 -8.76 14.62
CA ALA D 200 -6.89 -8.83 14.91
C ALA D 200 -7.50 -7.43 15.00
N LEU D 201 -6.66 -6.41 15.07
CA LEU D 201 -7.13 -5.03 15.15
C LEU D 201 -6.97 -4.29 13.83
N ARG D 202 -6.59 -5.01 12.78
CA ARG D 202 -6.34 -4.35 11.50
C ARG D 202 -7.59 -3.67 10.95
N GLY D 203 -8.73 -4.35 11.05
CA GLY D 203 -9.98 -3.79 10.56
C GLY D 203 -10.34 -2.51 11.28
N ALA D 204 -10.24 -2.56 12.61
CA ALA D 204 -10.54 -1.41 13.45
C ALA D 204 -9.61 -0.25 13.14
N ALA D 205 -8.36 -0.57 12.78
CA ALA D 205 -7.37 0.44 12.44
C ALA D 205 -7.71 1.12 11.12
N VAL D 206 -8.09 0.34 10.12
CA VAL D 206 -8.51 0.88 8.83
C VAL D 206 -9.71 1.78 9.02
N ASP D 207 -10.71 1.32 9.78
CA ASP D 207 -11.88 2.14 10.04
C ASP D 207 -11.49 3.46 10.67
N GLU D 208 -10.64 3.42 11.68
CA GLU D 208 -10.32 4.65 12.39
C GLU D 208 -9.65 5.64 11.42
N TYR D 209 -8.61 5.17 10.73
CA TYR D 209 -7.84 6.06 9.87
C TYR D 209 -8.67 6.62 8.73
N PHE D 210 -9.54 5.79 8.17
CA PHE D 210 -10.33 6.23 7.03
C PHE D 210 -11.54 7.05 7.48
N ARG D 211 -11.82 7.11 8.79
CA ARG D 211 -12.89 7.98 9.26
C ARG D 211 -12.44 9.43 9.26
N GLN D 212 -11.15 9.67 9.03
CA GLN D 212 -10.59 11.00 9.15
C GLN D 212 -10.66 11.76 7.83
N PRO D 213 -11.45 12.86 7.77
CA PRO D 213 -11.33 13.70 6.58
C PRO D 213 -9.94 14.30 6.48
N VAL D 214 -9.41 14.39 5.26
CA VAL D 214 -8.06 14.90 5.05
C VAL D 214 -8.17 16.39 4.70
N VAL D 215 -7.57 17.22 5.54
CA VAL D 215 -7.57 18.67 5.29
C VAL D 215 -6.25 19.05 4.67
N ASP D 216 -6.30 19.55 3.44
CA ASP D 216 -5.09 20.05 2.76
C ASP D 216 -5.47 20.47 1.35
N THR D 217 -4.50 20.94 0.57
CA THR D 217 -4.80 21.38 -0.78
C THR D 217 -4.26 20.37 -1.77
N PHE D 218 -4.62 20.56 -3.03
CA PHE D 218 -4.24 19.61 -4.05
C PHE D 218 -4.34 20.24 -5.43
N ASP D 219 -3.69 19.62 -6.39
CA ASP D 219 -3.73 20.08 -7.78
C ASP D 219 -5.11 19.72 -8.34
N ILE D 220 -5.73 20.64 -9.06
CA ILE D 220 -7.10 20.44 -9.53
C ILE D 220 -7.24 19.30 -10.52
N ARG D 221 -6.13 18.85 -11.09
CA ARG D 221 -6.20 17.80 -12.11
C ARG D 221 -6.53 16.43 -11.54
N ILE D 222 -6.59 16.31 -10.22
CA ILE D 222 -6.95 15.04 -9.60
C ILE D 222 -8.47 14.87 -9.61
N LEU D 223 -9.19 15.94 -9.93
CA LEU D 223 -10.65 15.86 -9.99
C LEU D 223 -11.08 15.21 -11.29
N MET D 224 -12.01 14.26 -11.19
CA MET D 224 -12.39 13.39 -12.30
C MET D 224 -13.75 13.74 -12.86
N ALA D 225 -14.39 14.75 -12.29
CA ALA D 225 -15.69 15.21 -12.78
C ALA D 225 -15.95 16.62 -12.27
N LYS D 226 -16.78 17.37 -13.00
CA LYS D 226 -17.16 18.70 -12.57
C LYS D 226 -17.89 18.56 -11.24
N SER D 227 -17.71 19.52 -10.33
CA SER D 227 -18.31 19.41 -9.00
C SER D 227 -19.84 19.50 -9.03
N VAL D 228 -20.45 18.90 -8.02
CA VAL D 228 -21.89 19.06 -7.78
C VAL D 228 -22.02 20.04 -6.63
N LYS D 229 -23.01 20.91 -6.74
CA LYS D 229 -23.17 22.03 -5.81
C LYS D 229 -24.39 21.82 -4.90
N TYR D 230 -24.20 22.11 -3.62
CA TYR D 230 -25.28 22.13 -2.65
C TYR D 230 -25.35 23.50 -1.99
N THR D 231 -26.51 24.15 -2.07
CA THR D 231 -26.62 25.54 -1.64
C THR D 231 -27.48 25.71 -0.42
N VAL D 232 -26.96 26.47 0.55
CA VAL D 232 -27.72 26.91 1.71
C VAL D 232 -27.94 28.42 1.62
N ASN D 233 -29.22 28.79 1.57
CA ASN D 233 -29.63 30.18 1.62
C ASN D 233 -29.85 30.63 3.07
N PHE D 234 -28.92 31.43 3.58
CA PHE D 234 -28.96 31.84 4.98
C PHE D 234 -30.14 32.76 5.29
N LEU D 235 -30.67 33.43 4.27
CA LEU D 235 -31.84 34.28 4.46
C LEU D 235 -33.09 33.46 4.71
N GLU D 236 -33.13 32.24 4.17
CA GLU D 236 -34.31 31.38 4.21
C GLU D 236 -34.15 30.20 5.16
N ALA D 237 -32.92 29.73 5.32
CA ALA D 237 -32.70 28.51 6.08
C ALA D 237 -33.05 28.71 7.54
N LYS D 238 -33.46 27.61 8.18
CA LYS D 238 -33.72 27.60 9.59
C LYS D 238 -32.65 26.75 10.26
N GLU D 239 -32.47 26.95 11.56
CA GLU D 239 -31.45 26.23 12.31
C GLU D 239 -31.59 24.72 12.13
N GLY D 240 -32.82 24.24 12.29
CA GLY D 240 -33.09 22.82 12.26
C GLY D 240 -32.75 22.18 10.94
N ASP D 241 -32.65 22.98 9.89
CA ASP D 241 -32.34 22.44 8.57
C ASP D 241 -30.94 21.86 8.54
N LEU D 242 -30.09 22.25 9.49
CA LEU D 242 -28.70 21.83 9.45
C LEU D 242 -28.42 20.63 10.34
N HIS D 243 -29.47 20.05 10.93
CA HIS D 243 -29.32 18.90 11.81
C HIS D 243 -29.04 17.62 11.03
N ARG D 244 -29.68 17.50 9.86
CA ARG D 244 -29.50 16.37 8.97
C ARG D 244 -29.44 16.89 7.53
N ILE D 245 -28.25 16.89 6.95
CA ILE D 245 -28.03 17.44 5.62
C ILE D 245 -27.86 16.31 4.62
N GLU D 246 -28.80 16.19 3.69
CA GLU D 246 -28.75 15.15 2.68
C GLU D 246 -28.40 15.73 1.32
N ILE D 247 -27.19 15.42 0.84
CA ILE D 247 -26.68 15.92 -0.44
C ILE D 247 -26.61 14.79 -1.47
N PRO D 248 -27.63 14.71 -2.35
CA PRO D 248 -27.56 13.72 -3.44
C PRO D 248 -26.54 14.14 -4.50
N PHE D 249 -25.89 13.21 -5.18
CA PHE D 249 -25.00 13.63 -6.27
C PHE D 249 -25.01 12.68 -7.45
N LYS D 250 -24.82 13.25 -8.64
CA LYS D 250 -24.70 12.47 -9.86
C LYS D 250 -23.60 13.08 -10.72
N PHE D 251 -22.43 12.46 -10.65
CA PHE D 251 -21.26 12.91 -11.38
C PHE D 251 -21.16 12.25 -12.74
N HIS D 252 -20.84 13.05 -13.74
CA HIS D 252 -20.52 12.55 -15.07
C HIS D 252 -19.02 12.53 -15.24
N MET D 253 -18.45 11.33 -15.17
CA MET D 253 -17.02 11.14 -15.15
C MET D 253 -16.36 11.64 -16.44
N LEU D 254 -15.42 12.56 -16.28
CA LEU D 254 -14.65 13.07 -17.43
C LEU D 254 -13.40 12.24 -17.66
N HIS D 255 -12.95 11.51 -16.64
CA HIS D 255 -11.75 10.71 -16.75
C HIS D 255 -11.93 9.29 -16.25
N SER D 256 -11.12 8.39 -16.83
CA SER D 256 -11.11 7.00 -16.42
C SER D 256 -10.09 6.82 -15.32
N GLY D 257 -10.37 5.91 -14.40
CA GLY D 257 -9.44 5.63 -13.33
C GLY D 257 -10.07 5.24 -12.02
N LEU D 258 -9.25 5.20 -10.99
CA LEU D 258 -9.70 4.90 -9.63
C LEU D 258 -10.18 6.16 -8.94
N VAL D 259 -11.41 6.10 -8.45
CA VAL D 259 -11.99 7.12 -7.60
C VAL D 259 -11.63 6.73 -6.17
N HIS D 260 -10.81 7.55 -5.53
CA HIS D 260 -10.34 7.29 -4.17
C HIS D 260 -11.19 7.98 -3.13
N GLY D 261 -12.11 8.84 -3.58
CA GLY D 261 -13.01 9.50 -2.67
C GLY D 261 -13.59 10.78 -3.21
N LEU D 262 -14.15 11.57 -2.29
CA LEU D 262 -14.77 12.83 -2.67
C LEU D 262 -14.06 14.02 -2.03
N ALA D 263 -13.85 15.05 -2.85
CA ALA D 263 -13.29 16.30 -2.39
C ALA D 263 -14.41 17.30 -2.17
N PHE D 264 -14.26 18.05 -1.09
CA PHE D 264 -15.20 19.07 -0.66
C PHE D 264 -14.52 20.41 -0.53
N TRP D 265 -15.26 21.44 -0.94
CA TRP D 265 -14.89 22.82 -0.60
C TRP D 265 -16.15 23.69 -0.60
N PHE D 266 -16.01 24.98 -0.30
CA PHE D 266 -17.19 25.83 -0.26
C PHE D 266 -16.94 27.28 -0.66
N ASP D 267 -17.98 27.93 -1.19
CA ASP D 267 -17.98 29.37 -1.48
C ASP D 267 -19.05 30.03 -0.62
N VAL D 268 -18.84 31.28 -0.22
CA VAL D 268 -19.93 32.06 0.34
C VAL D 268 -20.08 33.34 -0.47
N ALA D 269 -21.29 33.85 -0.53
CA ALA D 269 -21.54 35.09 -1.26
C ALA D 269 -22.16 36.14 -0.38
N PHE D 270 -21.60 37.33 -0.44
CA PHE D 270 -22.16 38.51 0.20
C PHE D 270 -22.93 39.23 -0.90
N ILE D 271 -24.24 39.02 -0.91
CA ILE D 271 -25.11 39.60 -1.91
C ILE D 271 -25.59 40.96 -1.41
N GLY D 272 -24.80 41.99 -1.70
CA GLY D 272 -25.12 43.32 -1.25
C GLY D 272 -25.86 44.13 -2.28
N SER D 273 -26.29 45.32 -1.88
CA SER D 273 -27.07 46.21 -2.75
C SER D 273 -26.24 46.79 -3.88
N ILE D 274 -24.94 46.99 -3.64
CA ILE D 274 -24.08 47.60 -4.66
C ILE D 274 -23.47 46.50 -5.51
N MET D 275 -23.04 45.40 -4.88
CA MET D 275 -22.49 44.27 -5.62
C MET D 275 -22.46 42.98 -4.83
N THR D 276 -22.26 41.89 -5.56
CA THR D 276 -22.12 40.59 -4.95
C THR D 276 -20.64 40.26 -4.87
N VAL D 277 -20.18 39.96 -3.65
CA VAL D 277 -18.77 39.63 -3.45
C VAL D 277 -18.68 38.18 -3.00
N TRP D 278 -17.82 37.41 -3.66
CA TRP D 278 -17.67 35.99 -3.36
C TRP D 278 -16.39 35.73 -2.58
N LEU D 279 -16.50 34.87 -1.58
CA LEU D 279 -15.33 34.34 -0.87
C LEU D 279 -15.26 32.85 -1.18
N SER D 280 -14.19 32.42 -1.83
CA SER D 280 -14.06 31.05 -2.32
C SER D 280 -12.88 30.28 -1.71
N THR D 281 -13.13 29.01 -1.37
CA THR D 281 -12.05 28.13 -0.90
C THR D 281 -11.81 26.98 -1.89
N ALA D 282 -12.17 27.18 -3.14
CA ALA D 282 -11.96 26.16 -4.16
C ALA D 282 -10.46 25.98 -4.44
N PRO D 283 -10.07 24.77 -4.90
CA PRO D 283 -8.66 24.49 -5.21
C PRO D 283 -8.15 25.25 -6.45
N THR D 284 -9.06 25.91 -7.15
CA THR D 284 -8.71 26.75 -8.28
C THR D 284 -8.40 28.19 -7.85
N GLU D 285 -8.64 28.48 -6.59
CA GLU D 285 -8.45 29.82 -6.03
C GLU D 285 -7.30 29.86 -5.05
N PRO D 286 -6.83 31.07 -4.71
CA PRO D 286 -5.77 31.17 -3.69
C PRO D 286 -6.14 30.46 -2.39
N LEU D 287 -5.14 29.82 -1.79
CA LEU D 287 -5.34 29.02 -0.60
C LEU D 287 -5.81 29.85 0.59
N THR D 288 -6.73 29.30 1.37
CA THR D 288 -7.18 29.91 2.63
C THR D 288 -6.86 28.98 3.79
N HIS D 289 -7.16 29.42 5.01
CA HIS D 289 -6.86 28.61 6.18
C HIS D 289 -7.86 27.44 6.29
N TRP D 290 -8.87 27.45 5.43
CA TRP D 290 -9.83 26.35 5.34
C TRP D 290 -9.32 25.23 4.45
N TYR D 291 -8.34 25.53 3.61
CA TYR D 291 -7.82 24.57 2.64
C TYR D 291 -8.96 23.89 1.87
N GLN D 292 -8.86 22.58 1.69
CA GLN D 292 -9.96 21.79 1.18
C GLN D 292 -10.04 20.52 1.98
N VAL D 293 -11.16 19.80 1.83
CA VAL D 293 -11.36 18.59 2.62
C VAL D 293 -11.58 17.41 1.70
N ARG D 294 -10.90 16.29 1.96
CA ARG D 294 -11.13 15.09 1.16
C ARG D 294 -11.55 13.90 2.02
N CYS D 295 -12.60 13.22 1.58
CA CYS D 295 -13.05 12.00 2.24
C CYS D 295 -12.71 10.79 1.39
N LEU D 296 -11.85 9.92 1.95
CA LEU D 296 -11.38 8.71 1.28
C LEU D 296 -12.35 7.56 1.38
N PHE D 297 -12.40 6.75 0.33
CA PHE D 297 -13.04 5.45 0.37
C PHE D 297 -12.02 4.42 0.89
N GLN D 298 -12.49 3.41 1.61
CA GLN D 298 -11.58 2.37 2.09
C GLN D 298 -11.07 1.57 0.90
N SER D 299 -11.95 1.42 -0.09
CA SER D 299 -11.57 0.77 -1.35
C SER D 299 -12.03 1.66 -2.52
N PRO D 300 -11.09 2.09 -3.39
CA PRO D 300 -11.44 2.94 -4.52
C PRO D 300 -12.37 2.27 -5.52
N LEU D 301 -13.06 3.08 -6.32
CA LEU D 301 -13.99 2.55 -7.33
C LEU D 301 -13.40 2.78 -8.71
N PHE D 302 -13.41 1.76 -9.57
CA PHE D 302 -12.94 2.00 -10.92
C PHE D 302 -14.07 2.57 -11.77
N ALA D 303 -13.78 3.64 -12.52
CA ALA D 303 -14.76 4.19 -13.44
C ALA D 303 -14.13 4.59 -14.75
N LYS D 304 -14.81 4.30 -15.85
CA LYS D 304 -14.43 4.79 -17.17
C LYS D 304 -15.05 6.15 -17.47
N ALA D 305 -14.39 6.92 -18.32
CA ALA D 305 -14.91 8.22 -18.73
C ALA D 305 -16.27 8.02 -19.39
N GLY D 306 -17.23 8.86 -19.01
CA GLY D 306 -18.59 8.76 -19.54
C GLY D 306 -19.54 8.08 -18.58
N ASP D 307 -18.97 7.35 -17.62
CA ASP D 307 -19.76 6.70 -16.59
C ASP D 307 -20.39 7.74 -15.68
N THR D 308 -21.37 7.31 -14.90
CA THR D 308 -21.99 8.20 -13.92
C THR D 308 -21.74 7.63 -12.53
N LEU D 309 -21.28 8.49 -11.63
CA LEU D 309 -21.07 8.13 -10.24
C LEU D 309 -22.19 8.74 -9.40
N SER D 310 -23.02 7.90 -8.80
CA SER D 310 -24.19 8.38 -8.07
C SER D 310 -24.17 7.97 -6.63
N GLY D 311 -24.90 8.72 -5.82
CA GLY D 311 -25.02 8.40 -4.42
C GLY D 311 -25.45 9.57 -3.57
N THR D 312 -25.15 9.45 -2.28
CA THR D 312 -25.61 10.44 -1.32
C THR D 312 -24.51 10.70 -0.30
N CYS D 313 -24.38 11.97 0.04
CA CYS D 313 -23.55 12.41 1.15
C CYS D 313 -24.46 12.92 2.27
N LEU D 314 -24.49 12.17 3.36
CA LEU D 314 -25.37 12.45 4.47
C LEU D 314 -24.58 12.97 5.67
N LEU D 315 -24.87 14.20 6.07
CA LEU D 315 -24.19 14.82 7.19
C LEU D 315 -25.12 14.91 8.38
N ILE D 316 -24.76 14.27 9.50
CA ILE D 316 -25.58 14.29 10.71
C ILE D 316 -24.88 15.05 11.83
N ALA D 317 -25.53 16.11 12.30
CA ALA D 317 -24.95 16.93 13.34
C ALA D 317 -24.89 16.15 14.64
N ASN D 318 -23.78 16.27 15.36
CA ASN D 318 -23.63 15.61 16.65
C ASN D 318 -23.41 16.61 17.77
N LYS D 319 -23.38 16.12 19.00
CA LYS D 319 -23.30 16.96 20.18
C LYS D 319 -21.88 17.49 20.42
N ARG D 320 -20.94 17.07 19.58
CA ARG D 320 -19.56 17.53 19.68
C ARG D 320 -19.26 18.64 18.66
N GLN D 321 -20.30 19.41 18.33
CA GLN D 321 -20.18 20.56 17.42
C GLN D 321 -19.56 20.18 16.08
N SER D 322 -19.94 19.03 15.56
CA SER D 322 -19.43 18.57 14.29
C SER D 322 -20.44 17.65 13.62
N TYR D 323 -20.00 16.89 12.63
CA TYR D 323 -20.91 16.06 11.86
C TYR D 323 -20.39 14.63 11.71
N ASP D 324 -21.32 13.68 11.74
CA ASP D 324 -21.05 12.33 11.31
C ASP D 324 -21.35 12.27 9.82
N ILE D 325 -20.36 11.86 9.06
CA ILE D 325 -20.46 11.86 7.61
C ILE D 325 -20.68 10.48 7.06
N SER D 326 -21.72 10.33 6.26
CA SER D 326 -21.98 9.09 5.56
C SER D 326 -21.90 9.32 4.05
N ILE D 327 -20.97 8.65 3.38
CA ILE D 327 -20.88 8.77 1.93
C ILE D 327 -21.17 7.41 1.31
N VAL D 328 -22.19 7.39 0.45
CA VAL D 328 -22.50 6.20 -0.32
C VAL D 328 -22.41 6.58 -1.78
N ALA D 329 -21.62 5.81 -2.53
CA ALA D 329 -21.36 6.10 -3.93
C ALA D 329 -21.33 4.83 -4.77
N GLN D 330 -21.79 4.92 -6.01
CA GLN D 330 -21.74 3.79 -6.91
C GLN D 330 -21.51 4.21 -8.36
N VAL D 331 -20.81 3.36 -9.09
CA VAL D 331 -20.66 3.50 -10.53
C VAL D 331 -21.88 2.83 -11.16
N ASP D 332 -22.76 3.62 -11.75
CA ASP D 332 -24.06 3.13 -12.18
C ASP D 332 -23.95 2.01 -13.23
N GLN D 333 -22.95 2.11 -14.10
CA GLN D 333 -22.80 1.18 -15.22
C GLN D 333 -22.37 -0.24 -14.82
N THR D 334 -21.80 -0.39 -13.63
CA THR D 334 -21.25 -1.67 -13.20
C THR D 334 -21.78 -2.13 -11.85
N GLY D 335 -22.41 -1.22 -11.10
CA GLY D 335 -22.89 -1.55 -9.77
C GLY D 335 -21.82 -1.51 -8.69
N SER D 336 -20.62 -1.04 -9.03
CA SER D 336 -19.53 -0.98 -8.08
C SER D 336 -19.89 0.03 -7.01
N LYS D 337 -19.96 -0.42 -5.76
CA LYS D 337 -20.49 0.44 -4.70
C LYS D 337 -19.49 0.62 -3.58
N SER D 338 -19.57 1.78 -2.93
CA SER D 338 -18.77 2.06 -1.76
C SER D 338 -19.61 2.78 -0.74
N SER D 339 -19.33 2.49 0.53
CA SER D 339 -20.05 3.07 1.65
C SER D 339 -18.97 3.47 2.61
N ASN D 340 -19.10 4.65 3.20
CA ASN D 340 -18.07 5.11 4.11
C ASN D 340 -18.62 6.02 5.17
N LEU D 341 -18.05 5.89 6.36
CA LEU D 341 -18.43 6.68 7.52
C LEU D 341 -17.23 7.47 8.00
N LEU D 342 -17.40 8.79 8.15
CA LEU D 342 -16.30 9.64 8.56
C LEU D 342 -16.70 10.51 9.74
N ASP D 343 -15.69 10.88 10.52
CA ASP D 343 -15.88 11.71 11.68
C ASP D 343 -15.19 13.06 11.51
N LEU D 344 -15.98 14.07 11.14
CA LEU D 344 -15.46 15.39 10.82
C LEU D 344 -14.82 16.01 12.06
N LYS D 345 -15.06 15.41 13.21
CA LYS D 345 -14.53 15.87 14.48
C LYS D 345 -13.01 15.70 14.59
N ASN D 346 -12.47 14.62 14.02
CA ASN D 346 -11.05 14.34 14.15
C ASN D 346 -10.38 14.27 12.77
N PRO D 347 -10.12 15.43 12.14
CA PRO D 347 -9.54 15.41 10.80
C PRO D 347 -8.04 15.18 10.79
N PHE D 348 -7.51 14.80 9.64
CA PHE D 348 -6.07 14.66 9.47
C PHE D 348 -5.52 15.88 8.74
N PHE D 349 -4.80 16.72 9.46
CA PHE D 349 -4.17 17.89 8.87
C PHE D 349 -2.89 17.48 8.18
N ARG D 350 -2.96 17.41 6.86
CA ARG D 350 -1.88 16.87 6.04
C ARG D 350 -0.98 17.98 5.50
C1 M2M E . 0.63 -22.18 -20.41
O1 M2M E . -0.70 -21.98 -19.95
C2 M2M E . -1.67 -21.86 -20.97
C3 M2M E . -2.60 -20.67 -20.65
O2 M2M E . -2.86 -19.93 -21.83
C4 M2M E . -3.58 -18.74 -21.62
C5 M2M E . -3.53 -17.83 -22.85
O3 M2M E . -4.41 -16.74 -22.64
C6 M2M E . -4.47 -15.78 -23.67
H11 M2M E . 0.71 -23.09 -20.08
H12 M2M E . 1.13 -22.32 -21.22
H13 M2M E . 0.93 -21.28 -20.24
H21 M2M E . -2.19 -22.68 -21.01
H22 M2M E . -1.23 -21.71 -21.82
H31 M2M E . -2.17 -20.09 -19.99
H32 M2M E . -3.43 -21.00 -20.28
H41 M2M E . -4.50 -18.96 -21.42
H42 M2M E . -3.20 -18.27 -20.85
H51 M2M E . -2.63 -17.50 -22.99
H52 M2M E . -3.82 -18.32 -23.64
H61 M2M E . -4.83 -16.17 -24.48
H62 M2M E . -5.05 -15.04 -23.39
H63 M2M E . -3.58 -15.43 -23.85
C1 EDO F . 12.84 -25.62 -36.64
O1 EDO F . 13.78 -24.62 -36.35
C2 EDO F . 11.51 -24.96 -36.99
O2 EDO F . 10.83 -24.65 -35.81
H11 EDO F . 12.73 -26.19 -35.85
H12 EDO F . 13.15 -26.16 -37.38
HO1 EDO F . 14.46 -24.97 -35.97
H21 EDO F . 10.97 -25.57 -37.52
H22 EDO F . 11.67 -24.15 -37.50
HO2 EDO F . 10.48 -23.88 -35.88
C1 EDO G . -33.58 -13.84 -29.99
O1 EDO G . -34.56 -12.87 -30.26
C2 EDO G . -34.19 -14.89 -29.06
O2 EDO G . -33.16 -15.70 -28.55
H11 EDO G . -32.81 -13.43 -29.56
H12 EDO G . -33.31 -14.26 -30.82
HO1 EDO G . -34.23 -12.27 -30.76
H21 EDO G . -34.64 -14.45 -28.33
H22 EDO G . -34.82 -15.44 -29.55
HO2 EDO G . -33.49 -16.32 -28.07
O1 PG4 H . -32.07 -6.59 -12.32
C1 PG4 H . -31.87 -6.24 -13.67
C2 PG4 H . -31.68 -4.73 -13.76
O2 PG4 H . -30.76 -4.44 -14.78
C3 PG4 H . -29.51 -3.93 -14.37
C4 PG4 H . -29.04 -2.92 -15.41
O3 PG4 H . -28.26 -1.95 -14.76
C5 PG4 H . -26.89 -2.24 -14.67
C6 PG4 H . -26.45 -2.05 -13.22
O4 PG4 H . -25.68 -3.15 -12.84
C7 PG4 H . -25.50 -3.29 -11.46
C8 PG4 H . -26.03 -4.65 -11.02
O5 PG4 H . -26.18 -4.65 -9.63
HO1 PG4 H . -32.22 -7.51 -12.25
H11 PG4 H . -32.74 -6.54 -14.25
H12 PG4 H . -30.99 -6.74 -14.05
H21 PG4 H . -32.64 -4.26 -13.99
H22 PG4 H . -31.31 -4.36 -12.81
H31 PG4 H . -29.62 -3.44 -13.41
H32 PG4 H . -28.80 -4.75 -14.29
H41 PG4 H . -29.89 -2.45 -15.88
H42 PG4 H . -28.44 -3.43 -16.16
H51 PG4 H . -26.33 -1.57 -15.32
H52 PG4 H . -26.71 -3.27 -14.98
H61 PG4 H . -27.32 -1.98 -12.59
H62 PG4 H . -25.86 -1.15 -13.14
H71 PG4 H . -26.04 -2.51 -10.95
H72 PG4 H . -24.44 -3.22 -11.21
H81 PG4 H . -27.00 -4.84 -11.49
H82 PG4 H . -25.34 -5.43 -11.32
HO5 PG4 H . -26.46 -5.49 -9.34
C1 EDO I . -20.15 -5.54 -35.79
O1 EDO I . -21.52 -5.60 -35.53
C2 EDO I . -19.38 -5.95 -34.54
O2 EDO I . -18.51 -4.90 -34.19
H11 EDO I . -19.92 -6.14 -36.52
H12 EDO I . -19.90 -4.63 -36.04
HO1 EDO I . -21.96 -5.46 -36.25
H21 EDO I . -19.99 -6.11 -33.81
H22 EDO I . -18.86 -6.75 -34.72
HO2 EDO I . -18.04 -5.12 -33.52
C1 EDO J . -9.79 -16.69 -21.42
O1 EDO J . -10.49 -17.28 -22.48
C2 EDO J . -8.74 -15.71 -21.98
O2 EDO J . -7.97 -16.36 -22.96
H11 EDO J . -10.39 -16.22 -20.84
H12 EDO J . -9.33 -17.38 -20.91
HO1 EDO J . -11.02 -17.87 -22.17
H21 EDO J . -9.19 -14.95 -22.37
H22 EDO J . -8.16 -15.41 -21.26
HO2 EDO J . -7.41 -15.81 -23.29
N SAO K . -15.23 -17.45 -16.43
CA SAO K . -14.09 -16.69 -15.84
CB SAO K . -12.76 -17.31 -16.28
CG SAO K . -12.60 -17.38 -17.80
SD SAO K . -11.04 -18.26 -18.07
C SAO K . -14.18 -15.22 -16.26
O SAO K . -15.03 -14.94 -17.13
OXT SAO K . -13.40 -14.42 -15.70
C5' SAO K . -11.59 -19.94 -18.49
C4' SAO K . -11.81 -20.73 -17.22
O4' SAO K . -12.42 -21.98 -17.60
C3' SAO K . -10.52 -21.08 -16.48
O3' SAO K . -10.60 -20.74 -15.11
C2' SAO K . -10.35 -22.60 -16.69
O2' SAO K . -9.80 -23.21 -15.53
C1' SAO K . -11.79 -23.05 -16.92
N9 SAO K . -11.94 -24.24 -17.74
C8 SAO K . -11.37 -24.47 -18.96
N7 SAO K . -11.73 -25.61 -19.51
C5 SAO K . -12.59 -26.17 -18.57
C6 SAO K . -13.32 -27.36 -18.57
N6 SAO K . -13.27 -28.27 -19.55
N1 SAO K . -14.09 -27.62 -17.49
C2 SAO K . -14.13 -26.72 -16.50
N3 SAO K . -13.49 -25.55 -16.40
C4 SAO K . -12.73 -25.33 -17.48
HN2 SAO K . -15.34 -17.03 -17.36
H3 SAO K . -16.09 -17.32 -15.91
HN1 SAO K . -15.06 -18.44 -16.52
HA SAO K . -14.16 -16.73 -14.75
HB1 SAO K . -12.70 -18.32 -15.87
HB2 SAO K . -11.91 -16.79 -15.83
HG2 SAO K . -13.42 -17.92 -18.28
HG1 SAO K . -12.56 -16.41 -18.28
H5'2 SAO K . -10.86 -20.41 -19.13
H5'1 SAO K . -12.49 -19.86 -19.09
H4' SAO K . -12.55 -20.25 -16.59
H3' SAO K . -9.64 -20.52 -16.79
HO3' SAO K . -11.44 -21.14 -14.73
H2' SAO K . -9.65 -22.86 -17.48
HO2' SAO K . -9.92 -22.63 -14.74
H1' SAO K . -12.34 -23.22 -15.99
H8 SAO K . -10.68 -23.78 -19.43
HN61 SAO K . -12.70 -28.11 -20.37
HN62 SAO K . -13.82 -29.13 -19.51
H2 SAO K . -14.78 -26.99 -15.66
C1 EDO L . 19.38 -46.55 -15.65
O1 EDO L . 18.22 -45.91 -16.11
C2 EDO L . 20.60 -45.86 -16.26
O2 EDO L . 20.96 -46.51 -17.45
H11 EDO L . 19.37 -47.48 -15.92
H12 EDO L . 19.42 -46.48 -14.68
HO1 EDO L . 17.55 -46.22 -15.69
H21 EDO L . 21.34 -45.89 -15.64
H22 EDO L . 20.38 -44.92 -16.45
HO2 EDO L . 21.71 -46.22 -17.72
C1 EDO M . 14.84 -44.20 -20.87
O1 EDO M . 14.92 -44.88 -19.64
C2 EDO M . 15.64 -44.99 -21.92
O2 EDO M . 16.88 -44.36 -22.09
H11 EDO M . 13.92 -44.13 -21.15
H12 EDO M . 15.22 -43.31 -20.78
HO1 EDO M . 14.39 -44.53 -19.10
H21 EDO M . 15.77 -45.90 -21.62
H22 EDO M . 15.15 -44.99 -22.76
HO2 EDO M . 17.34 -44.79 -22.66
C1 EDO N . 33.87 -14.11 -6.26
O1 EDO N . 33.73 -12.75 -6.52
C2 EDO N . 34.44 -14.28 -4.85
O2 EDO N . 35.84 -14.32 -4.96
H11 EDO N . 34.47 -14.52 -6.90
H12 EDO N . 33.00 -14.55 -6.30
HO1 EDO N . 33.38 -12.65 -7.29
H21 EDO N . 34.12 -15.10 -4.46
H22 EDO N . 34.18 -13.52 -4.30
HO2 EDO N . 36.18 -14.53 -4.21
C1 EDO O . 27.47 -46.38 -14.39
O1 EDO O . 28.80 -46.72 -14.74
C2 EDO O . 26.53 -47.39 -15.06
O2 EDO O . 25.33 -46.73 -15.37
H11 EDO O . 27.28 -45.48 -14.71
H12 EDO O . 27.37 -46.41 -13.43
HO1 EDO O . 29.34 -46.22 -14.30
H21 EDO O . 26.35 -48.11 -14.43
H22 EDO O . 26.94 -47.74 -15.86
HO2 EDO O . 24.78 -47.29 -15.70
C1 EDO P . 12.42 -23.35 -17.72
O1 EDO P . 11.20 -23.99 -17.49
C2 EDO P . 13.17 -23.25 -16.39
O2 EDO P . 14.17 -22.27 -16.51
H11 EDO P . 12.26 -22.45 -18.07
H12 EDO P . 12.93 -23.86 -18.36
HO1 EDO P . 10.75 -24.03 -18.22
H21 EDO P . 12.56 -23.01 -15.68
H22 EDO P . 13.59 -24.10 -16.20
HO2 EDO P . 14.60 -22.21 -15.78
C11 78K Q . 21.29 -24.69 -18.01
C21 78K Q . 24.77 -24.73 -22.21
C12 78K Q . 20.64 -23.56 -17.25
C13 78K Q . 19.99 -23.68 -15.97
C14 78K Q . 19.18 -21.48 -16.09
C15 78K Q . 20.55 -22.35 -17.84
C16 78K Q . 19.79 -20.04 -18.01
C17 78K Q . 17.56 -20.11 -18.75
C1 78K Q . 19.16 -33.80 -17.70
C2 78K Q . 18.99 -32.43 -17.96
C3 78K Q . 19.42 -31.96 -19.19
N1 78K Q . 19.98 -32.68 -20.17
C4 78K Q . 20.10 -33.97 -19.80
N2 78K Q . 19.73 -34.55 -18.67
N3 78K Q . 19.19 -30.61 -19.19
C5 78K Q . 18.62 -30.34 -17.96
N4 78K Q . 18.49 -31.39 -17.18
C6 78K Q . 19.53 -29.66 -20.23
O1 78K Q . 20.52 -28.79 -19.73
C7 78K Q . 20.33 -27.47 -20.27
C8 78K Q . 19.13 -27.56 -21.21
C9 78K Q . 18.37 -28.78 -20.69
O2 78K Q . 17.64 -29.43 -21.72
O3 78K Q . 19.54 -27.77 -22.56
C10 78K Q . 20.08 -26.50 -19.12
N5 78K Q . 20.64 -25.14 -19.25
N6 78K Q . 18.75 -34.41 -16.58
N7 78K Q . 19.29 -22.67 -15.44
N8 78K Q . 19.84 -21.32 -17.30
N9 78K Q . 20.09 -24.82 -15.27
O4 78K Q . 18.53 -19.44 -17.96
O5 78K Q . 18.50 -20.55 -15.64
C18 78K Q . 21.31 -24.78 -20.50
C19 78K Q . 22.83 -24.73 -20.58
C20 78K Q . 23.41 -25.36 -21.86
N10 78K Q . 22.58 -25.09 -23.03
O6 78K Q . 25.71 -24.82 -21.31
O7 78K Q . 24.91 -24.19 -23.30
H12 78K Q . 21.35 -25.56 -17.36
H11 78K Q . 22.35 -24.43 -18.15
H15 78K Q . 21.07 -22.16 -18.78
H19 78K Q . 20.51 -19.36 -17.55
H18 78K Q . 20.14 -20.19 -19.03
H21 78K Q . 16.91 -19.31 -19.11
H22 78K Q . 17.97 -20.63 -19.62
H20 78K Q . 16.98 -20.82 -18.16
H1 78K Q . 20.56 -34.63 -20.53
H2 78K Q . 18.33 -29.33 -17.66
H3 78K Q . 19.97 -30.21 -21.06
H4 78K Q . 21.26 -27.26 -20.79
H5 78K Q . 18.53 -26.66 -21.21
H6 78K Q . 17.71 -28.49 -19.87
H7 78K Q . 16.69 -29.18 -21.60
H8 78K Q . 19.09 -27.09 -23.14
H10 78K Q . 19.02 -26.47 -18.91
H9 78K Q . 20.48 -26.97 -18.24
H14 78K Q . 18.88 -35.40 -16.42
H13 78K Q . 18.29 -33.86 -15.84
H16 78K Q . 20.63 -25.62 -15.61
H17 78K Q . 19.63 -24.91 -14.38
H24 78K Q . 20.97 -25.41 -21.33
H23 78K Q . 20.93 -23.79 -20.74
H25 78K Q . 23.28 -25.23 -19.72
H26 78K Q . 23.18 -23.69 -20.52
H27 78K Q . 23.56 -26.42 -21.67
H28 78K Q . 23.10 -25.10 -23.90
H29 78K Q . 22.00 -24.27 -22.98
H30 78K Q . 26.54 -24.38 -21.64
C1 EDO R . 10.32 10.72 17.30
O1 EDO R . 9.96 12.00 16.83
C2 EDO R . 9.03 9.95 17.61
O2 EDO R . 9.36 8.61 17.81
H11 EDO R . 10.82 10.26 16.61
H12 EDO R . 10.86 10.80 18.10
HO1 EDO R . 10.67 12.43 16.63
H21 EDO R . 8.41 10.04 16.86
H22 EDO R . 8.62 10.32 18.41
HO2 EDO R . 8.64 8.16 17.96
C1 EDO S . 3.00 -0.88 49.46
O1 EDO S . 2.16 0.25 49.52
C2 EDO S . 4.33 -0.46 48.85
O2 EDO S . 5.28 -1.47 49.08
H11 EDO S . 3.13 -1.22 50.36
H12 EDO S . 2.58 -1.57 48.91
HO1 EDO S . 1.45 0.05 49.95
H21 EDO S . 4.23 -0.32 47.90
H22 EDO S . 4.64 0.37 49.26
HO2 EDO S . 6.02 -1.26 48.74
C1 EDO T . 2.32 8.81 28.83
O1 EDO T . 1.27 8.16 29.49
C2 EDO T . 2.21 8.58 27.32
O2 EDO T . 3.50 8.46 26.76
H11 EDO T . 3.17 8.46 29.14
H12 EDO T . 2.29 9.76 29.01
HO1 EDO T . 1.29 8.38 30.32
H21 EDO T . 1.74 9.33 26.91
H22 EDO T . 1.70 7.77 27.15
HO2 EDO T . 3.45 8.01 26.04
C1 EDO U . -4.58 15.14 26.64
O1 EDO U . -5.25 15.83 25.62
C2 EDO U . -3.95 13.90 26.03
O2 EDO U . -2.56 13.95 26.24
H11 EDO U . -3.89 15.70 27.02
H12 EDO U . -5.21 14.88 27.32
HO1 EDO U . -5.74 16.44 25.96
H21 EDO U . -4.31 13.10 26.44
H22 EDO U . -4.13 13.88 25.07
HO2 EDO U . -2.21 13.20 26.05
C1 EDO V . 22.62 7.88 33.43
O1 EDO V . 22.26 7.08 34.53
C2 EDO V . 21.79 7.40 32.23
O2 EDO V . 20.44 7.68 32.51
H11 EDO V . 22.41 8.81 33.62
H12 EDO V . 23.56 7.78 33.23
HO1 EDO V . 22.88 7.13 35.12
H21 EDO V . 21.91 6.44 32.12
H22 EDO V . 22.07 7.87 31.44
HO2 EDO V . 19.99 7.62 31.78
N SAO W . 0.68 1.05 28.62
CA SAO W . 0.55 1.53 27.23
CB SAO W . -0.14 2.90 27.19
CG SAO W . 0.61 3.99 27.95
SD SAO W . -0.39 5.48 27.65
C SAO W . 1.93 1.57 26.56
O SAO W . 1.96 1.73 25.32
OXT SAO W . 2.92 1.43 27.31
C5' SAO W . -1.29 5.71 29.21
C4' SAO W . -2.57 4.88 29.22
O4' SAO W . -3.09 4.90 30.56
C3' SAO W . -3.70 5.42 28.31
O3' SAO W . -4.25 4.36 27.54
C2' SAO W . -4.71 5.99 29.29
O2' SAO W . -6.06 5.83 28.84
C1' SAO W . -4.47 5.12 30.53
N9 SAO W . -4.85 5.72 31.80
C8 SAO W . -4.57 6.98 32.25
N7 SAO W . -5.00 7.22 33.48
C5 SAO W . -5.62 6.04 33.84
C6 SAO W . -6.29 5.65 35.01
N6 SAO W . -6.44 6.44 36.08
N1 SAO W . -6.81 4.40 35.06
C2 SAO W . -6.67 3.62 33.98
N3 SAO W . -6.05 3.87 32.83
C4 SAO W . -5.55 5.11 32.82
HN2 SAO W . 1.57 1.46 28.94
H3 SAO W . 0.74 0.04 28.69
HN1 SAO W . -0.06 1.36 29.24
HA SAO W . -0.06 0.82 26.66
HB1 SAO W . -1.13 2.79 27.61
HB2 SAO W . -0.32 3.21 26.16
HG2 SAO W . 0.69 3.79 29.02
HG1 SAO W . 1.63 4.16 27.59
H5'2 SAO W . -1.51 6.76 29.35
H5'1 SAO W . -0.64 5.43 30.02
H4' SAO W . -2.33 3.84 29.03
H3' SAO W . -3.38 6.12 27.54
HO3' SAO W . -4.43 3.59 28.14
H2' SAO W . -4.62 7.07 29.46
HO2' SAO W . -6.13 4.98 28.32
H1' SAO W . -4.96 4.16 30.47
H8 SAO W . -4.03 7.72 31.65
HN61 SAO W . -6.06 7.39 36.07
HN62 SAO W . -6.93 6.12 36.91
H2 SAO W . -7.12 2.63 34.09
C1 EDO X . -18.12 31.52 -7.41
O1 EDO X . -18.60 32.17 -8.55
C2 EDO X . -16.65 31.15 -7.62
O2 EDO X . -15.87 32.30 -7.39
H11 EDO X . -18.20 32.12 -6.64
H12 EDO X . -18.64 30.72 -7.24
HO1 EDO X . -19.44 32.28 -8.49
H21 EDO X . -16.39 30.45 -7.00
H22 EDO X . -16.52 30.86 -8.53
HO2 EDO X . -15.04 32.08 -7.39
C1 EDO Y . -12.55 23.01 18.86
O1 EDO Y . -11.34 22.74 19.52
C2 EDO Y . -12.27 23.98 17.72
O2 EDO Y . -11.04 23.64 17.15
H11 EDO Y . -13.18 23.39 19.49
H12 EDO Y . -12.92 22.18 18.50
HO1 EDO Y . -11.49 22.28 20.22
H21 EDO Y . -12.23 24.88 18.07
H22 EDO Y . -12.97 23.92 17.06
HO2 EDO Y . -10.93 24.09 16.43
C1 EDO Z . 1.32 21.06 7.36
O1 EDO Z . 0.47 20.24 8.13
C2 EDO Z . 0.95 20.89 5.89
O2 EDO Z . 2.01 21.33 5.10
H11 EDO Z . 1.20 21.98 7.62
H12 EDO Z . 2.24 20.79 7.50
HO1 EDO Z . 0.64 20.36 8.95
H21 EDO Z . 0.16 21.42 5.69
H22 EDO Z . 0.76 19.95 5.70
HO2 EDO Z . 1.80 21.26 4.27
C11 78K AA . -14.46 32.35 13.03
C21 78K AA . -13.70 37.15 12.40
C12 78K AA . -14.15 30.98 12.47
C13 78K AA . -15.14 30.06 11.95
C14 78K AA . -13.52 28.48 11.31
C15 78K AA . -12.88 30.54 12.33
C16 78K AA . -11.12 28.96 11.89
C17 78K AA . -10.63 26.66 11.56
C1 78K AA . -21.87 31.50 19.75
C2 78K AA . -20.64 31.32 19.09
C3 78K AA . -19.71 32.35 19.21
N1 78K AA . -19.85 33.49 19.89
C4 78K AA . -21.05 33.54 20.49
N2 78K AA . -22.05 32.64 20.46
N3 78K AA . -18.61 31.94 18.48
C5 78K AA . -18.94 30.71 17.98
N4 78K AA . -20.14 30.29 18.31
C6 78K AA . -17.38 32.68 18.23
O1 78K AA . -17.27 32.93 16.84
C7 78K AA . -15.88 33.13 16.51
C8 78K AA . -15.07 32.64 17.72
C9 78K AA . -16.11 31.93 18.60
O2 78K AA . -15.85 32.05 20.00
O3 78K AA . -14.48 33.74 18.41
C10 78K AA . -15.58 32.42 15.19
N5 78K AA . -14.39 32.84 14.42
N6 78K AA . -22.88 30.63 19.68
N7 78K AA . -14.82 28.89 11.40
N8 78K AA . -12.54 29.33 11.81
N9 78K AA . -16.43 30.39 12.02
O4 78K AA . -10.76 27.95 10.98
O5 78K AA . -13.20 27.42 10.79
C18 78K AA . -14.15 34.30 14.41
C19 78K AA . -14.95 35.13 13.40
C20 78K AA . -14.70 36.66 13.48
N10 78K AA . -14.04 37.07 14.72
O6 78K AA . -13.87 36.77 11.15
O7 78K AA . -12.80 37.87 12.76
H12 78K AA . -13.80 33.03 12.51
H11 78K AA . -15.43 32.60 12.59
H15 78K AA . -12.04 31.18 12.66
H19 78K AA . -10.51 29.83 11.67
H18 78K AA . -10.88 28.68 12.92
H21 78K AA . -9.61 26.64 11.94
H22 78K AA . -11.30 26.47 12.40
H20 78K AA . -10.77 25.87 10.83
H1 78K AA . -21.26 34.42 21.09
H2 78K AA . -18.25 30.13 17.37
H3 78K AA . -17.45 33.66 18.72
H4 78K AA . -15.81 34.22 16.40
H5 78K AA . -14.26 31.98 17.44
H6 78K AA . -16.17 30.88 18.32
H7 78K AA . -14.98 32.52 20.09
H8 78K AA . -13.72 34.08 17.88
H10 78K AA . -15.57 31.34 15.37
H9 78K AA . -16.46 32.53 14.57
H14 78K AA . -22.82 29.77 19.14
H13 78K AA . -23.75 30.82 20.17
H16 78K AA . -17.17 29.79 11.68
H17 78K AA . -16.71 31.27 12.42
H24 78K AA . -14.28 34.74 15.39
H23 78K AA . -13.09 34.41 14.19
H25 78K AA . -16.02 34.96 13.54
H26 78K AA . -14.73 34.80 12.39
H27 78K AA . -15.66 37.17 13.33
H28 78K AA . -14.05 38.08 14.87
H29 78K AA . -13.10 36.71 14.84
H30 78K AA . -14.67 36.18 11.09
#